data_6O8K
# 
_entry.id   6O8K 
# 
_audit_conform.dict_name       mmcif_pdbx.dic 
_audit_conform.dict_version    5.380 
_audit_conform.dict_location   http://mmcif.pdb.org/dictionaries/ascii/mmcif_pdbx.dic 
# 
loop_
_database_2.database_id 
_database_2.database_code 
_database_2.pdbx_database_accession 
_database_2.pdbx_DOI 
PDB   6O8K         pdb_00006o8k 10.2210/pdb6o8k/pdb 
WWPDB D_1000240029 ?            ?                   
# 
_pdbx_database_status.status_code                     REL 
_pdbx_database_status.status_code_sf                  REL 
_pdbx_database_status.status_code_mr                  ? 
_pdbx_database_status.entry_id                        6O8K 
_pdbx_database_status.recvd_initial_deposition_date   2019-03-11 
_pdbx_database_status.SG_entry                        N 
_pdbx_database_status.deposit_site                    RCSB 
_pdbx_database_status.process_site                    RCSB 
_pdbx_database_status.status_code_cs                  ? 
_pdbx_database_status.methods_development_category    ? 
_pdbx_database_status.pdb_format_compatible           Y 
_pdbx_database_status.status_code_nmr_data            ? 
# 
loop_
_audit_author.name 
_audit_author.pdbx_ordinal 
_audit_author.identifier_ORCID 
'Capdevila, D.A.'        1 0000-0002-0500-1016 
'Gonzalez-Gutierrez, G.' 2 0000-0002-1044-943X 
'Giedroc, D.P.'          3 0000-0002-2342-1620 
# 
loop_
_citation.abstract 
_citation.abstract_id_CAS 
_citation.book_id_ISBN 
_citation.book_publisher 
_citation.book_publisher_city 
_citation.book_title 
_citation.coordinate_linkage 
_citation.country 
_citation.database_id_Medline 
_citation.details 
_citation.id 
_citation.journal_abbrev 
_citation.journal_id_ASTM 
_citation.journal_id_CSD 
_citation.journal_id_ISSN 
_citation.journal_full 
_citation.journal_issue 
_citation.journal_volume 
_citation.language 
_citation.page_first 
_citation.page_last 
_citation.title 
_citation.year 
_citation.database_id_CSD 
_citation.pdbx_database_id_DOI 
_citation.pdbx_database_id_PubMed 
_citation.unpublished_flag 
? ? ? ? ? ? ? US ? ? primary Nat.Chem.Biol. ? ? 1552-4469 ? ? 17 ? 65 70 
'Structural basis for persulfide-sensing specificity in a transcriptional regulator.'                    2021 ? 
10.1038/s41589-020-00671-9  33106663 ? 
? ? ? ? ? ? ? US ? ? 1       Biorxiv        ? ? 2692-8205 ? ? ?  ? ?  ?  
'Structural determinants of persulfide-sensing specificity in a dithiol-based transcriptional regulator' 2020 ? 
10.1101/2020.03.22.001966v1 ?        ? 
# 
loop_
_citation_author.citation_id 
_citation_author.name 
_citation_author.ordinal 
_citation_author.identifier_ORCID 
primary 'Capdevila, D.A.'        1  ?                   
primary 'Walsh, B.J.C.'          2  ?                   
primary 'Zhang, Y.'              3  ?                   
primary 'Dietrich, C.'           4  ?                   
primary 'Gonzalez-Gutierrez, G.' 5  ?                   
primary 'Giedroc, D.P.'          6  ?                   
1       'Capdevila, D.A.'        7  0000-0002-0500-1016 
1       'Walsh, B.J.C.'          8  ?                   
1       'Zhang, Y.'              9  ?                   
1       'Dietrich, C.M.'         10 ?                   
1       'Gonzalez-Gutierrez, G.' 11 0000-0002-1044-943X 
1       'Giedroc, D.P.'          12 0000-0002-2342-1620 
# 
_cell.angle_alpha                  90.00 
_cell.angle_alpha_esd              ? 
_cell.angle_beta                   90.00 
_cell.angle_beta_esd               ? 
_cell.angle_gamma                  120.00 
_cell.angle_gamma_esd              ? 
_cell.entry_id                     6O8K 
_cell.details                      ? 
_cell.formula_units_Z              ? 
_cell.length_a                     46.849 
_cell.length_a_esd                 ? 
_cell.length_b                     46.849 
_cell.length_b_esd                 ? 
_cell.length_c                     163.306 
_cell.length_c_esd                 ? 
_cell.volume                       ? 
_cell.volume_esd                   ? 
_cell.Z_PDB                        12 
_cell.reciprocal_angle_alpha       ? 
_cell.reciprocal_angle_beta        ? 
_cell.reciprocal_angle_gamma       ? 
_cell.reciprocal_angle_alpha_esd   ? 
_cell.reciprocal_angle_beta_esd    ? 
_cell.reciprocal_angle_gamma_esd   ? 
_cell.reciprocal_length_a          ? 
_cell.reciprocal_length_b          ? 
_cell.reciprocal_length_c          ? 
_cell.reciprocal_length_a_esd      ? 
_cell.reciprocal_length_b_esd      ? 
_cell.reciprocal_length_c_esd      ? 
_cell.pdbx_unique_axis             ? 
# 
_symmetry.entry_id                         6O8K 
_symmetry.cell_setting                     ? 
_symmetry.Int_Tables_number                178 
_symmetry.space_group_name_Hall            ? 
_symmetry.space_group_name_H-M             'P 61 2 2' 
_symmetry.pdbx_full_space_group_name_H-M   ? 
# 
loop_
_entity.id 
_entity.type 
_entity.src_method 
_entity.pdbx_description 
_entity.formula_weight 
_entity.pdbx_number_of_molecules 
_entity.pdbx_ec 
_entity.pdbx_mutation 
_entity.pdbx_fragment 
_entity.details 
1 polymer     man 'Transcriptional regulator, ArsR family' 12327.953 1  ? ? ? ? 
2 non-polymer syn GLYCEROL                                 92.094    1  ? ? ? ? 
3 non-polymer syn 'SULFATE ION'                            96.063    3  ? ? ? ? 
4 water       nat water                                    18.015    11 ? ? ? ? 
# 
_entity_poly.entity_id                      1 
_entity_poly.type                           'polypeptide(L)' 
_entity_poly.nstd_linkage                   no 
_entity_poly.nstd_monomer                   no 
_entity_poly.pdbx_seq_one_letter_code       
;HMGSDTDERCAALDAEEMATRARAASNLLKALAHEGRLMIMCYLASGEKSVTELETRLSTRQAAVSQQLARLRLEGLVQS
RREGKTIYYSLSDPRAARVVQTVYEQFCSGD
;
_entity_poly.pdbx_seq_one_letter_code_can   
;HMGSDTDERCAALDAEEMATRARAASNLLKALAHEGRLMIMCYLASGEKSVTELETRLSTRQAAVSQQLARLRLEGLVQS
RREGKTIYYSLSDPRAARVVQTVYEQFCSGD
;
_entity_poly.pdbx_strand_id                 A 
_entity_poly.pdbx_target_identifier         ? 
# 
loop_
_entity_poly_seq.entity_id 
_entity_poly_seq.num 
_entity_poly_seq.mon_id 
_entity_poly_seq.hetero 
1 1   HIS n 
1 2   MET n 
1 3   GLY n 
1 4   SER n 
1 5   ASP n 
1 6   THR n 
1 7   ASP n 
1 8   GLU n 
1 9   ARG n 
1 10  CYS n 
1 11  ALA n 
1 12  ALA n 
1 13  LEU n 
1 14  ASP n 
1 15  ALA n 
1 16  GLU n 
1 17  GLU n 
1 18  MET n 
1 19  ALA n 
1 20  THR n 
1 21  ARG n 
1 22  ALA n 
1 23  ARG n 
1 24  ALA n 
1 25  ALA n 
1 26  SER n 
1 27  ASN n 
1 28  LEU n 
1 29  LEU n 
1 30  LYS n 
1 31  ALA n 
1 32  LEU n 
1 33  ALA n 
1 34  HIS n 
1 35  GLU n 
1 36  GLY n 
1 37  ARG n 
1 38  LEU n 
1 39  MET n 
1 40  ILE n 
1 41  MET n 
1 42  CYS n 
1 43  TYR n 
1 44  LEU n 
1 45  ALA n 
1 46  SER n 
1 47  GLY n 
1 48  GLU n 
1 49  LYS n 
1 50  SER n 
1 51  VAL n 
1 52  THR n 
1 53  GLU n 
1 54  LEU n 
1 55  GLU n 
1 56  THR n 
1 57  ARG n 
1 58  LEU n 
1 59  SER n 
1 60  THR n 
1 61  ARG n 
1 62  GLN n 
1 63  ALA n 
1 64  ALA n 
1 65  VAL n 
1 66  SER n 
1 67  GLN n 
1 68  GLN n 
1 69  LEU n 
1 70  ALA n 
1 71  ARG n 
1 72  LEU n 
1 73  ARG n 
1 74  LEU n 
1 75  GLU n 
1 76  GLY n 
1 77  LEU n 
1 78  VAL n 
1 79  GLN n 
1 80  SER n 
1 81  ARG n 
1 82  ARG n 
1 83  GLU n 
1 84  GLY n 
1 85  LYS n 
1 86  THR n 
1 87  ILE n 
1 88  TYR n 
1 89  TYR n 
1 90  SER n 
1 91  LEU n 
1 92  SER n 
1 93  ASP n 
1 94  PRO n 
1 95  ARG n 
1 96  ALA n 
1 97  ALA n 
1 98  ARG n 
1 99  VAL n 
1 100 VAL n 
1 101 GLN n 
1 102 THR n 
1 103 VAL n 
1 104 TYR n 
1 105 GLU n 
1 106 GLN n 
1 107 PHE n 
1 108 CYS n 
1 109 SER n 
1 110 GLY n 
1 111 ASP n 
# 
_entity_src_gen.entity_id                          1 
_entity_src_gen.pdbx_src_id                        1 
_entity_src_gen.pdbx_alt_source_flag               sample 
_entity_src_gen.pdbx_seq_type                      'Biological sequence' 
_entity_src_gen.pdbx_beg_seq_num                   1 
_entity_src_gen.pdbx_end_seq_num                   111 
_entity_src_gen.gene_src_common_name               ? 
_entity_src_gen.gene_src_genus                     ? 
_entity_src_gen.pdbx_gene_src_gene                 ? 
_entity_src_gen.gene_src_species                   ? 
_entity_src_gen.gene_src_strain                    ? 
_entity_src_gen.gene_src_tissue                    ? 
_entity_src_gen.gene_src_tissue_fraction           ? 
_entity_src_gen.gene_src_details                   ? 
_entity_src_gen.pdbx_gene_src_fragment             ? 
_entity_src_gen.pdbx_gene_src_scientific_name      'Rhodobacter capsulatus' 
_entity_src_gen.pdbx_gene_src_ncbi_taxonomy_id     1061 
_entity_src_gen.pdbx_gene_src_variant              ? 
_entity_src_gen.pdbx_gene_src_cell_line            ? 
_entity_src_gen.pdbx_gene_src_atcc                 ? 
_entity_src_gen.pdbx_gene_src_organ                ? 
_entity_src_gen.pdbx_gene_src_organelle            ? 
_entity_src_gen.pdbx_gene_src_cell                 ? 
_entity_src_gen.pdbx_gene_src_cellular_location    ? 
_entity_src_gen.host_org_common_name               ? 
_entity_src_gen.pdbx_host_org_scientific_name      'Escherichia coli' 
_entity_src_gen.pdbx_host_org_ncbi_taxonomy_id     562 
_entity_src_gen.host_org_genus                     ? 
_entity_src_gen.pdbx_host_org_gene                 ? 
_entity_src_gen.pdbx_host_org_organ                ? 
_entity_src_gen.host_org_species                   ? 
_entity_src_gen.pdbx_host_org_tissue               ? 
_entity_src_gen.pdbx_host_org_tissue_fraction      ? 
_entity_src_gen.pdbx_host_org_strain               ? 
_entity_src_gen.pdbx_host_org_variant              ? 
_entity_src_gen.pdbx_host_org_cell_line            ? 
_entity_src_gen.pdbx_host_org_atcc                 ? 
_entity_src_gen.pdbx_host_org_culture_collection   ? 
_entity_src_gen.pdbx_host_org_cell                 ? 
_entity_src_gen.pdbx_host_org_organelle            ? 
_entity_src_gen.pdbx_host_org_cellular_location    ? 
_entity_src_gen.pdbx_host_org_vector_type          ? 
_entity_src_gen.pdbx_host_org_vector               ? 
_entity_src_gen.host_org_details                   ? 
_entity_src_gen.expression_system_id               ? 
_entity_src_gen.plasmid_name                       ? 
_entity_src_gen.plasmid_details                    ? 
_entity_src_gen.pdbx_description                   ? 
# 
_struct_ref.id                         1 
_struct_ref.db_name                    UNP 
_struct_ref.db_code                    D5AT91_RHOCB 
_struct_ref.pdbx_db_accession          D5AT91 
_struct_ref.pdbx_db_isoform            ? 
_struct_ref.entity_id                  1 
_struct_ref.pdbx_seq_one_letter_code   
;MGSDTDERCAALDAEEMATRARAASNLLKALAHEGRLMIMCYLASGEKSVTELETRLSTRQAAVSQQLARLRLEGLVQSR
REGKTIYYSLSDPRAARVVQTVYEQFCSGD
;
_struct_ref.pdbx_align_begin           15 
# 
_struct_ref_seq.align_id                      1 
_struct_ref_seq.ref_id                        1 
_struct_ref_seq.pdbx_PDB_id_code              6O8K 
_struct_ref_seq.pdbx_strand_id                A 
_struct_ref_seq.seq_align_beg                 2 
_struct_ref_seq.pdbx_seq_align_beg_ins_code   ? 
_struct_ref_seq.seq_align_end                 111 
_struct_ref_seq.pdbx_seq_align_end_ins_code   ? 
_struct_ref_seq.pdbx_db_accession             D5AT91 
_struct_ref_seq.db_align_beg                  15 
_struct_ref_seq.pdbx_db_align_beg_ins_code    ? 
_struct_ref_seq.db_align_end                  124 
_struct_ref_seq.pdbx_db_align_end_ins_code    ? 
_struct_ref_seq.pdbx_auth_seq_align_beg       1 
_struct_ref_seq.pdbx_auth_seq_align_end       110 
# 
_struct_ref_seq_dif.align_id                     1 
_struct_ref_seq_dif.pdbx_pdb_id_code             6O8K 
_struct_ref_seq_dif.mon_id                       HIS 
_struct_ref_seq_dif.pdbx_pdb_strand_id           A 
_struct_ref_seq_dif.seq_num                      1 
_struct_ref_seq_dif.pdbx_pdb_ins_code            ? 
_struct_ref_seq_dif.pdbx_seq_db_name             UNP 
_struct_ref_seq_dif.pdbx_seq_db_accession_code   D5AT91 
_struct_ref_seq_dif.db_mon_id                    ? 
_struct_ref_seq_dif.pdbx_seq_db_seq_num          ? 
_struct_ref_seq_dif.details                      'expression tag' 
_struct_ref_seq_dif.pdbx_auth_seq_num            0 
_struct_ref_seq_dif.pdbx_ordinal                 1 
# 
loop_
_chem_comp.id 
_chem_comp.type 
_chem_comp.mon_nstd_flag 
_chem_comp.name 
_chem_comp.pdbx_synonyms 
_chem_comp.formula 
_chem_comp.formula_weight 
ALA 'L-peptide linking' y ALANINE         ?                               'C3 H7 N O2'     89.093  
ARG 'L-peptide linking' y ARGININE        ?                               'C6 H15 N4 O2 1' 175.209 
ASN 'L-peptide linking' y ASPARAGINE      ?                               'C4 H8 N2 O3'    132.118 
ASP 'L-peptide linking' y 'ASPARTIC ACID' ?                               'C4 H7 N O4'     133.103 
CYS 'L-peptide linking' y CYSTEINE        ?                               'C3 H7 N O2 S'   121.158 
GLN 'L-peptide linking' y GLUTAMINE       ?                               'C5 H10 N2 O3'   146.144 
GLU 'L-peptide linking' y 'GLUTAMIC ACID' ?                               'C5 H9 N O4'     147.129 
GLY 'peptide linking'   y GLYCINE         ?                               'C2 H5 N O2'     75.067  
GOL non-polymer         . GLYCEROL        'GLYCERIN; PROPANE-1,2,3-TRIOL' 'C3 H8 O3'       92.094  
HIS 'L-peptide linking' y HISTIDINE       ?                               'C6 H10 N3 O2 1' 156.162 
HOH non-polymer         . WATER           ?                               'H2 O'           18.015  
ILE 'L-peptide linking' y ISOLEUCINE      ?                               'C6 H13 N O2'    131.173 
LEU 'L-peptide linking' y LEUCINE         ?                               'C6 H13 N O2'    131.173 
LYS 'L-peptide linking' y LYSINE          ?                               'C6 H15 N2 O2 1' 147.195 
MET 'L-peptide linking' y METHIONINE      ?                               'C5 H11 N O2 S'  149.211 
PHE 'L-peptide linking' y PHENYLALANINE   ?                               'C9 H11 N O2'    165.189 
PRO 'L-peptide linking' y PROLINE         ?                               'C5 H9 N O2'     115.130 
SER 'L-peptide linking' y SERINE          ?                               'C3 H7 N O3'     105.093 
SO4 non-polymer         . 'SULFATE ION'   ?                               'O4 S -2'        96.063  
THR 'L-peptide linking' y THREONINE       ?                               'C4 H9 N O3'     119.119 
TYR 'L-peptide linking' y TYROSINE        ?                               'C9 H11 N O3'    181.189 
VAL 'L-peptide linking' y VALINE          ?                               'C5 H11 N O2'    117.146 
# 
_exptl.absorpt_coefficient_mu     ? 
_exptl.absorpt_correction_T_max   ? 
_exptl.absorpt_correction_T_min   ? 
_exptl.absorpt_correction_type    ? 
_exptl.absorpt_process_details    ? 
_exptl.entry_id                   6O8K 
_exptl.crystals_number            1 
_exptl.details                    ? 
_exptl.method                     'X-RAY DIFFRACTION' 
_exptl.method_details             ? 
# 
_exptl_crystal.colour                      ? 
_exptl_crystal.density_diffrn              ? 
_exptl_crystal.density_Matthews            2.10 
_exptl_crystal.density_method              ? 
_exptl_crystal.density_percent_sol         41.38 
_exptl_crystal.description                 ? 
_exptl_crystal.F_000                       ? 
_exptl_crystal.id                          1 
_exptl_crystal.preparation                 ? 
_exptl_crystal.size_max                    ? 
_exptl_crystal.size_mid                    ? 
_exptl_crystal.size_min                    ? 
_exptl_crystal.size_rad                    ? 
_exptl_crystal.colour_lustre               ? 
_exptl_crystal.colour_modifier             ? 
_exptl_crystal.colour_primary              ? 
_exptl_crystal.density_meas                ? 
_exptl_crystal.density_meas_esd            ? 
_exptl_crystal.density_meas_gt             ? 
_exptl_crystal.density_meas_lt             ? 
_exptl_crystal.density_meas_temp           ? 
_exptl_crystal.density_meas_temp_esd       ? 
_exptl_crystal.density_meas_temp_gt        ? 
_exptl_crystal.density_meas_temp_lt        ? 
_exptl_crystal.pdbx_crystal_image_url      ? 
_exptl_crystal.pdbx_crystal_image_format   ? 
_exptl_crystal.pdbx_mosaicity              ? 
_exptl_crystal.pdbx_mosaicity_esd          ? 
# 
_exptl_crystal_grow.apparatus       ? 
_exptl_crystal_grow.atmosphere      ? 
_exptl_crystal_grow.crystal_id      1 
_exptl_crystal_grow.details         ? 
_exptl_crystal_grow.method          'VAPOR DIFFUSION, HANGING DROP' 
_exptl_crystal_grow.method_ref      ? 
_exptl_crystal_grow.pH              ? 
_exptl_crystal_grow.pressure        ? 
_exptl_crystal_grow.pressure_esd    ? 
_exptl_crystal_grow.seeding         ? 
_exptl_crystal_grow.seeding_ref     ? 
_exptl_crystal_grow.temp            293 
_exptl_crystal_grow.temp_details    ? 
_exptl_crystal_grow.temp_esd        ? 
_exptl_crystal_grow.time            ? 
_exptl_crystal_grow.pdbx_details    
;Crystallization buffer: 2.5M ammonium sulfate, 0.1M sodium acetate pH 4.6; Protein buffer: 20 mM Tris pH 8, 200 mM NaCl, 2mM TCEP, 2mM EDTA, 5% glycerol; SqrR 6 mg/ml
;
_exptl_crystal_grow.pdbx_pH_range   ? 
# 
_diffrn.ambient_environment              ? 
_diffrn.ambient_temp                     100 
_diffrn.ambient_temp_details             ? 
_diffrn.ambient_temp_esd                 ? 
_diffrn.crystal_id                       1 
_diffrn.crystal_support                  ? 
_diffrn.crystal_treatment                ? 
_diffrn.details                          ? 
_diffrn.id                               1 
_diffrn.ambient_pressure                 ? 
_diffrn.ambient_pressure_esd             ? 
_diffrn.ambient_pressure_gt              ? 
_diffrn.ambient_pressure_lt              ? 
_diffrn.ambient_temp_gt                  ? 
_diffrn.ambient_temp_lt                  ? 
_diffrn.pdbx_serial_crystal_experiment   N 
# 
_diffrn_detector.details                      ? 
_diffrn_detector.detector                     CMOS 
_diffrn_detector.diffrn_id                    1 
_diffrn_detector.type                         'RDI CMOS_8M' 
_diffrn_detector.area_resol_mean              ? 
_diffrn_detector.dtime                        ? 
_diffrn_detector.pdbx_frames_total            ? 
_diffrn_detector.pdbx_collection_time_total   ? 
_diffrn_detector.pdbx_collection_date         2017-06-13 
_diffrn_detector.pdbx_frequency               ? 
# 
_diffrn_radiation.collimation                      ? 
_diffrn_radiation.diffrn_id                        1 
_diffrn_radiation.filter_edge                      ? 
_diffrn_radiation.inhomogeneity                    ? 
_diffrn_radiation.monochromator                    ? 
_diffrn_radiation.polarisn_norm                    ? 
_diffrn_radiation.polarisn_ratio                   ? 
_diffrn_radiation.probe                            ? 
_diffrn_radiation.type                             ? 
_diffrn_radiation.xray_symbol                      ? 
_diffrn_radiation.wavelength_id                    1 
_diffrn_radiation.pdbx_monochromatic_or_laue_m_l   M 
_diffrn_radiation.pdbx_wavelength_list             ? 
_diffrn_radiation.pdbx_wavelength                  ? 
_diffrn_radiation.pdbx_diffrn_protocol             'SINGLE WAVELENGTH' 
_diffrn_radiation.pdbx_analyzer                    ? 
_diffrn_radiation.pdbx_scattering_type             x-ray 
# 
_diffrn_radiation_wavelength.id           1 
_diffrn_radiation_wavelength.wavelength   1.072152 
_diffrn_radiation_wavelength.wt           1.0 
# 
_diffrn_source.current                     ? 
_diffrn_source.details                     ? 
_diffrn_source.diffrn_id                   1 
_diffrn_source.power                       ? 
_diffrn_source.size                        ? 
_diffrn_source.source                      SYNCHROTRON 
_diffrn_source.target                      ? 
_diffrn_source.type                        'ALS BEAMLINE 4.2.2' 
_diffrn_source.voltage                     ? 
_diffrn_source.take-off_angle              ? 
_diffrn_source.pdbx_wavelength_list        1.072152 
_diffrn_source.pdbx_wavelength             ? 
_diffrn_source.pdbx_synchrotron_beamline   4.2.2 
_diffrn_source.pdbx_synchrotron_site       ALS 
# 
_reflns.B_iso_Wilson_estimate            ? 
_reflns.entry_id                         6O8K 
_reflns.data_reduction_details           ? 
_reflns.data_reduction_method            ? 
_reflns.d_resolution_high                2.12 
_reflns.d_resolution_low                 54.44 
_reflns.details                          ? 
_reflns.limit_h_max                      ? 
_reflns.limit_h_min                      ? 
_reflns.limit_k_max                      ? 
_reflns.limit_k_min                      ? 
_reflns.limit_l_max                      ? 
_reflns.limit_l_min                      ? 
_reflns.number_all                       ? 
_reflns.number_obs                       6628 
_reflns.observed_criterion               ? 
_reflns.observed_criterion_F_max         ? 
_reflns.observed_criterion_F_min         ? 
_reflns.observed_criterion_I_max         ? 
_reflns.observed_criterion_I_min         ? 
_reflns.observed_criterion_sigma_F       ? 
_reflns.observed_criterion_sigma_I       ? 
_reflns.percent_possible_obs             100 
_reflns.R_free_details                   ? 
_reflns.Rmerge_F_all                     ? 
_reflns.Rmerge_F_obs                     ? 
_reflns.Friedel_coverage                 ? 
_reflns.number_gt                        ? 
_reflns.threshold_expression             ? 
_reflns.pdbx_redundancy                  19.4 
_reflns.pdbx_Rmerge_I_obs                ? 
_reflns.pdbx_Rmerge_I_all                ? 
_reflns.pdbx_Rsym_value                  0.081 
_reflns.pdbx_netI_over_av_sigmaI         ? 
_reflns.pdbx_netI_over_sigmaI            26.6 
_reflns.pdbx_res_netI_over_av_sigmaI_2   ? 
_reflns.pdbx_res_netI_over_sigmaI_2      ? 
_reflns.pdbx_chi_squared                 ? 
_reflns.pdbx_scaling_rejects             ? 
_reflns.pdbx_d_res_high_opt              ? 
_reflns.pdbx_d_res_low_opt               ? 
_reflns.pdbx_d_res_opt_method            ? 
_reflns.phase_calculation_details        ? 
_reflns.pdbx_Rrim_I_all                  0.083 
_reflns.pdbx_Rpim_I_all                  0.019 
_reflns.pdbx_d_opt                       ? 
_reflns.pdbx_number_measured_all         ? 
_reflns.pdbx_diffrn_id                   1 
_reflns.pdbx_ordinal                     1 
_reflns.pdbx_CC_half                     1.0 
_reflns.pdbx_R_split                     ? 
# 
_reflns_shell.d_res_high                  2.12 
_reflns_shell.d_res_low                   2.19 
_reflns_shell.meanI_over_sigI_all         ? 
_reflns_shell.meanI_over_sigI_obs         ? 
_reflns_shell.number_measured_all         ? 
_reflns_shell.number_measured_obs         ? 
_reflns_shell.number_possible             ? 
_reflns_shell.number_unique_all           ? 
_reflns_shell.number_unique_obs           ? 
_reflns_shell.percent_possible_all        ? 
_reflns_shell.percent_possible_obs        ? 
_reflns_shell.Rmerge_F_all                ? 
_reflns_shell.Rmerge_F_obs                ? 
_reflns_shell.Rmerge_I_all                ? 
_reflns_shell.Rmerge_I_obs                ? 
_reflns_shell.meanI_over_sigI_gt          ? 
_reflns_shell.meanI_over_uI_all           ? 
_reflns_shell.meanI_over_uI_gt            ? 
_reflns_shell.number_measured_gt          ? 
_reflns_shell.number_unique_gt            ? 
_reflns_shell.percent_possible_gt         ? 
_reflns_shell.Rmerge_F_gt                 ? 
_reflns_shell.Rmerge_I_gt                 ? 
_reflns_shell.pdbx_redundancy             ? 
_reflns_shell.pdbx_Rsym_value             ? 
_reflns_shell.pdbx_chi_squared            ? 
_reflns_shell.pdbx_netI_over_sigmaI_all   ? 
_reflns_shell.pdbx_netI_over_sigmaI_obs   ? 
_reflns_shell.pdbx_Rrim_I_all             ? 
_reflns_shell.pdbx_Rpim_I_all             ? 
_reflns_shell.pdbx_rejects                ? 
_reflns_shell.pdbx_ordinal                1 
_reflns_shell.pdbx_diffrn_id              1 
_reflns_shell.pdbx_CC_half                ? 
_reflns_shell.pdbx_R_split                ? 
# 
_refine.aniso_B[1][1]                            ? 
_refine.aniso_B[1][2]                            ? 
_refine.aniso_B[1][3]                            ? 
_refine.aniso_B[2][2]                            ? 
_refine.aniso_B[2][3]                            ? 
_refine.aniso_B[3][3]                            ? 
_refine.B_iso_max                                ? 
_refine.B_iso_mean                               ? 
_refine.B_iso_min                                ? 
_refine.correlation_coeff_Fo_to_Fc               ? 
_refine.correlation_coeff_Fo_to_Fc_free          ? 
_refine.details                                  ? 
_refine.diff_density_max                         ? 
_refine.diff_density_max_esd                     ? 
_refine.diff_density_min                         ? 
_refine.diff_density_min_esd                     ? 
_refine.diff_density_rms                         ? 
_refine.diff_density_rms_esd                     ? 
_refine.entry_id                                 6O8K 
_refine.pdbx_refine_id                           'X-RAY DIFFRACTION' 
_refine.ls_abs_structure_details                 ? 
_refine.ls_abs_structure_Flack                   ? 
_refine.ls_abs_structure_Flack_esd               ? 
_refine.ls_abs_structure_Rogers                  ? 
_refine.ls_abs_structure_Rogers_esd              ? 
_refine.ls_d_res_high                            2.120 
_refine.ls_d_res_low                             28.778 
_refine.ls_extinction_coef                       ? 
_refine.ls_extinction_coef_esd                   ? 
_refine.ls_extinction_expression                 ? 
_refine.ls_extinction_method                     ? 
_refine.ls_goodness_of_fit_all                   ? 
_refine.ls_goodness_of_fit_all_esd               ? 
_refine.ls_goodness_of_fit_obs                   ? 
_refine.ls_goodness_of_fit_obs_esd               ? 
_refine.ls_hydrogen_treatment                    ? 
_refine.ls_matrix_type                           ? 
_refine.ls_number_constraints                    ? 
_refine.ls_number_parameters                     ? 
_refine.ls_number_reflns_all                     ? 
_refine.ls_number_reflns_obs                     6618 
_refine.ls_number_reflns_R_free                  310 
_refine.ls_number_reflns_R_work                  ? 
_refine.ls_number_restraints                     ? 
_refine.ls_percent_reflns_obs                    99.94 
_refine.ls_percent_reflns_R_free                 4.68 
_refine.ls_R_factor_all                          ? 
_refine.ls_R_factor_obs                          0.2253 
_refine.ls_R_factor_R_free                       0.2642 
_refine.ls_R_factor_R_free_error                 ? 
_refine.ls_R_factor_R_free_error_details         ? 
_refine.ls_R_factor_R_work                       0.2233 
_refine.ls_R_Fsqd_factor_obs                     ? 
_refine.ls_R_I_factor_obs                        ? 
_refine.ls_redundancy_reflns_all                 ? 
_refine.ls_redundancy_reflns_obs                 ? 
_refine.ls_restrained_S_all                      ? 
_refine.ls_restrained_S_obs                      ? 
_refine.ls_shift_over_esd_max                    ? 
_refine.ls_shift_over_esd_mean                   ? 
_refine.ls_structure_factor_coef                 ? 
_refine.ls_weighting_details                     ? 
_refine.ls_weighting_scheme                      ? 
_refine.ls_wR_factor_all                         ? 
_refine.ls_wR_factor_obs                         ? 
_refine.ls_wR_factor_R_free                      ? 
_refine.ls_wR_factor_R_work                      ? 
_refine.occupancy_max                            ? 
_refine.occupancy_min                            ? 
_refine.solvent_model_details                    ? 
_refine.solvent_model_param_bsol                 ? 
_refine.solvent_model_param_ksol                 ? 
_refine.ls_R_factor_gt                           ? 
_refine.ls_goodness_of_fit_gt                    ? 
_refine.ls_goodness_of_fit_ref                   ? 
_refine.ls_shift_over_su_max                     ? 
_refine.ls_shift_over_su_max_lt                  ? 
_refine.ls_shift_over_su_mean                    ? 
_refine.ls_shift_over_su_mean_lt                 ? 
_refine.pdbx_ls_sigma_I                          ? 
_refine.pdbx_ls_sigma_F                          0.31 
_refine.pdbx_ls_sigma_Fsqd                       ? 
_refine.pdbx_data_cutoff_high_absF               ? 
_refine.pdbx_data_cutoff_high_rms_absF           ? 
_refine.pdbx_data_cutoff_low_absF                ? 
_refine.pdbx_isotropic_thermal_model             ? 
_refine.pdbx_ls_cross_valid_method               'FREE R-VALUE' 
_refine.pdbx_method_to_determine_struct          'MOLECULAR REPLACEMENT' 
_refine.pdbx_starting_model                      3PQK 
_refine.pdbx_stereochemistry_target_values       ? 
_refine.pdbx_R_Free_selection_details            ? 
_refine.pdbx_stereochem_target_val_spec_case     ? 
_refine.pdbx_overall_ESU_R                       ? 
_refine.pdbx_overall_ESU_R_Free                  ? 
_refine.pdbx_solvent_vdw_probe_radii             1.11 
_refine.pdbx_solvent_ion_probe_radii             ? 
_refine.pdbx_solvent_shrinkage_radii             0.90 
_refine.pdbx_real_space_R                        ? 
_refine.pdbx_density_correlation                 ? 
_refine.pdbx_pd_number_of_powder_patterns        ? 
_refine.pdbx_pd_number_of_points                 ? 
_refine.pdbx_pd_meas_number_of_points            ? 
_refine.pdbx_pd_proc_ls_prof_R_factor            ? 
_refine.pdbx_pd_proc_ls_prof_wR_factor           ? 
_refine.pdbx_pd_Marquardt_correlation_coeff      ? 
_refine.pdbx_pd_Fsqrd_R_factor                   ? 
_refine.pdbx_pd_ls_matrix_band_width             ? 
_refine.pdbx_overall_phase_error                 26.27 
_refine.pdbx_overall_SU_R_free_Cruickshank_DPI   ? 
_refine.pdbx_overall_SU_R_free_Blow_DPI          ? 
_refine.pdbx_overall_SU_R_Blow_DPI               ? 
_refine.pdbx_TLS_residual_ADP_flag               ? 
_refine.pdbx_diffrn_id                           1 
_refine.overall_SU_B                             ? 
_refine.overall_SU_ML                            0.19 
_refine.overall_SU_R_Cruickshank_DPI             ? 
_refine.overall_SU_R_free                        ? 
_refine.overall_FOM_free_R_set                   ? 
_refine.overall_FOM_work_R_set                   ? 
_refine.pdbx_average_fsc_overall                 ? 
_refine.pdbx_average_fsc_work                    ? 
_refine.pdbx_average_fsc_free                    ? 
# 
_refine_hist.pdbx_refine_id                   'X-RAY DIFFRACTION' 
_refine_hist.cycle_id                         LAST 
_refine_hist.details                          ? 
_refine_hist.d_res_high                       2.120 
_refine_hist.d_res_low                        28.778 
_refine_hist.number_atoms_solvent             11 
_refine_hist.number_atoms_total               760 
_refine_hist.number_reflns_all                ? 
_refine_hist.number_reflns_obs                ? 
_refine_hist.number_reflns_R_free             ? 
_refine_hist.number_reflns_R_work             ? 
_refine_hist.R_factor_all                     ? 
_refine_hist.R_factor_obs                     ? 
_refine_hist.R_factor_R_free                  ? 
_refine_hist.R_factor_R_work                  ? 
_refine_hist.pdbx_number_residues_total       ? 
_refine_hist.pdbx_B_iso_mean_ligand           ? 
_refine_hist.pdbx_B_iso_mean_solvent          ? 
_refine_hist.pdbx_number_atoms_protein        728 
_refine_hist.pdbx_number_atoms_nucleic_acid   0 
_refine_hist.pdbx_number_atoms_ligand         21 
_refine_hist.pdbx_number_atoms_lipid          ? 
_refine_hist.pdbx_number_atoms_carb           ? 
_refine_hist.pdbx_pseudo_atom_details         ? 
# 
loop_
_refine_ls_restr.pdbx_refine_id 
_refine_ls_restr.criterion 
_refine_ls_restr.dev_ideal 
_refine_ls_restr.dev_ideal_target 
_refine_ls_restr.number 
_refine_ls_restr.rejects 
_refine_ls_restr.type 
_refine_ls_restr.weight 
_refine_ls_restr.pdbx_restraint_function 
'X-RAY DIFFRACTION' ? 0.014 ? 751  ? f_bond_d           ? ? 
'X-RAY DIFFRACTION' ? 1.290 ? 1008 ? f_angle_d          ? ? 
'X-RAY DIFFRACTION' ? 9.402 ? 464  ? f_dihedral_angle_d ? ? 
'X-RAY DIFFRACTION' ? 0.054 ? 115  ? f_chiral_restr     ? ? 
'X-RAY DIFFRACTION' ? 0.009 ? 126  ? f_plane_restr      ? ? 
# 
loop_
_refine_ls_shell.pdbx_refine_id 
_refine_ls_shell.d_res_high 
_refine_ls_shell.d_res_low 
_refine_ls_shell.number_reflns_all 
_refine_ls_shell.number_reflns_obs 
_refine_ls_shell.number_reflns_R_free 
_refine_ls_shell.number_reflns_R_work 
_refine_ls_shell.percent_reflns_obs 
_refine_ls_shell.percent_reflns_R_free 
_refine_ls_shell.R_factor_all 
_refine_ls_shell.R_factor_obs 
_refine_ls_shell.R_factor_R_free 
_refine_ls_shell.R_factor_R_free_error 
_refine_ls_shell.R_factor_R_work 
_refine_ls_shell.redundancy_reflns_all 
_refine_ls_shell.redundancy_reflns_obs 
_refine_ls_shell.wR_factor_all 
_refine_ls_shell.wR_factor_obs 
_refine_ls_shell.wR_factor_R_free 
_refine_ls_shell.wR_factor_R_work 
_refine_ls_shell.pdbx_total_number_of_bins_used 
_refine_ls_shell.pdbx_phase_error 
_refine_ls_shell.pdbx_fsc_work 
_refine_ls_shell.pdbx_fsc_free 
'X-RAY DIFFRACTION' 2.1202 2.6709  . . 146 3041 100.00 . . . 0.2977 . 0.2383 . . . . . . . . . . 
'X-RAY DIFFRACTION' 2.6709 28.7811 . . 164 3267 100.00 . . . 0.2558 . 0.2193 . . . . . . . . . . 
# 
_struct.entry_id                     6O8K 
_struct.title                        
'Crystal Structure of apo and reduced Sulfide-responsive transcriptional repressor (SqrR) from Rhodobacter capsulatus.' 
_struct.pdbx_model_details           ? 
_struct.pdbx_formula_weight          ? 
_struct.pdbx_formula_weight_method   ? 
_struct.pdbx_model_type_details      ? 
_struct.pdbx_CASP_flag               N 
# 
_struct_keywords.entry_id        6O8K 
_struct_keywords.text            
'transcription factor, sulfide sensor, reactive sulfur species, photosynthesis regulation, TRANSCRIPTION' 
_struct_keywords.pdbx_keywords   TRANSCRIPTION 
# 
loop_
_struct_asym.id 
_struct_asym.pdbx_blank_PDB_chainid_flag 
_struct_asym.pdbx_modified 
_struct_asym.entity_id 
_struct_asym.details 
A N N 1 ? 
B N N 2 ? 
C N N 3 ? 
D N N 3 ? 
E N N 3 ? 
F N N 4 ? 
# 
loop_
_struct_conf.conf_type_id 
_struct_conf.id 
_struct_conf.pdbx_PDB_helix_id 
_struct_conf.beg_label_comp_id 
_struct_conf.beg_label_asym_id 
_struct_conf.beg_label_seq_id 
_struct_conf.pdbx_beg_PDB_ins_code 
_struct_conf.end_label_comp_id 
_struct_conf.end_label_asym_id 
_struct_conf.end_label_seq_id 
_struct_conf.pdbx_end_PDB_ins_code 
_struct_conf.beg_auth_comp_id 
_struct_conf.beg_auth_asym_id 
_struct_conf.beg_auth_seq_id 
_struct_conf.end_auth_comp_id 
_struct_conf.end_auth_asym_id 
_struct_conf.end_auth_seq_id 
_struct_conf.pdbx_PDB_helix_class 
_struct_conf.details 
_struct_conf.pdbx_PDB_helix_length 
HELX_P HELX_P1 AA1 GLU A 17 ? ALA A 33  ? GLU A 16 ALA A 32  1 ? 17 
HELX_P HELX_P2 AA2 HIS A 34 ? SER A 46  ? HIS A 33 SER A 45  1 ? 13 
HELX_P HELX_P3 AA3 VAL A 51 ? SER A 59  ? VAL A 50 SER A 58  1 ? 9  
HELX_P HELX_P4 AA4 ARG A 61 ? GLU A 75  ? ARG A 60 GLU A 74  1 ? 15 
HELX_P HELX_P5 AA5 ASP A 93 ? PHE A 107 ? ASP A 92 PHE A 106 1 ? 15 
# 
_struct_conf_type.id          HELX_P 
_struct_conf_type.criteria    ? 
_struct_conf_type.reference   ? 
# 
_struct_sheet.id               AA1 
_struct_sheet.type             ? 
_struct_sheet.number_strands   3 
_struct_sheet.details          ? 
# 
loop_
_struct_sheet_order.sheet_id 
_struct_sheet_order.range_id_1 
_struct_sheet_order.range_id_2 
_struct_sheet_order.offset 
_struct_sheet_order.sense 
AA1 1 2 ? anti-parallel 
AA1 2 3 ? anti-parallel 
# 
loop_
_struct_sheet_range.sheet_id 
_struct_sheet_range.id 
_struct_sheet_range.beg_label_comp_id 
_struct_sheet_range.beg_label_asym_id 
_struct_sheet_range.beg_label_seq_id 
_struct_sheet_range.pdbx_beg_PDB_ins_code 
_struct_sheet_range.end_label_comp_id 
_struct_sheet_range.end_label_asym_id 
_struct_sheet_range.end_label_seq_id 
_struct_sheet_range.pdbx_end_PDB_ins_code 
_struct_sheet_range.beg_auth_comp_id 
_struct_sheet_range.beg_auth_asym_id 
_struct_sheet_range.beg_auth_seq_id 
_struct_sheet_range.end_auth_comp_id 
_struct_sheet_range.end_auth_asym_id 
_struct_sheet_range.end_auth_seq_id 
AA1 1 LYS A 49 ? SER A 50 ? LYS A 48 SER A 49 
AA1 2 THR A 86 ? LEU A 91 ? THR A 85 LEU A 90 
AA1 3 VAL A 78 ? GLU A 83 ? VAL A 77 GLU A 82 
# 
loop_
_pdbx_struct_sheet_hbond.sheet_id 
_pdbx_struct_sheet_hbond.range_id_1 
_pdbx_struct_sheet_hbond.range_id_2 
_pdbx_struct_sheet_hbond.range_1_label_atom_id 
_pdbx_struct_sheet_hbond.range_1_label_comp_id 
_pdbx_struct_sheet_hbond.range_1_label_asym_id 
_pdbx_struct_sheet_hbond.range_1_label_seq_id 
_pdbx_struct_sheet_hbond.range_1_PDB_ins_code 
_pdbx_struct_sheet_hbond.range_1_auth_atom_id 
_pdbx_struct_sheet_hbond.range_1_auth_comp_id 
_pdbx_struct_sheet_hbond.range_1_auth_asym_id 
_pdbx_struct_sheet_hbond.range_1_auth_seq_id 
_pdbx_struct_sheet_hbond.range_2_label_atom_id 
_pdbx_struct_sheet_hbond.range_2_label_comp_id 
_pdbx_struct_sheet_hbond.range_2_label_asym_id 
_pdbx_struct_sheet_hbond.range_2_label_seq_id 
_pdbx_struct_sheet_hbond.range_2_PDB_ins_code 
_pdbx_struct_sheet_hbond.range_2_auth_atom_id 
_pdbx_struct_sheet_hbond.range_2_auth_comp_id 
_pdbx_struct_sheet_hbond.range_2_auth_asym_id 
_pdbx_struct_sheet_hbond.range_2_auth_seq_id 
AA1 1 2 N LYS A 49 ? N LYS A 48 O TYR A 89 ? O TYR A 88 
AA1 2 3 O TYR A 88 ? O TYR A 87 N ARG A 81 ? N ARG A 80 
# 
loop_
_struct_site.id 
_struct_site.pdbx_evidence_code 
_struct_site.pdbx_auth_asym_id 
_struct_site.pdbx_auth_comp_id 
_struct_site.pdbx_auth_seq_id 
_struct_site.pdbx_auth_ins_code 
_struct_site.pdbx_num_residues 
_struct_site.details 
AC1 Software A GOL 201 ? 3 'binding site for residue GOL A 201' 
AC2 Software A SO4 202 ? 4 'binding site for residue SO4 A 202' 
AC3 Software A SO4 203 ? 4 'binding site for residue SO4 A 203' 
AC4 Software A SO4 204 ? 2 'binding site for residue SO4 A 204' 
# 
loop_
_struct_site_gen.id 
_struct_site_gen.site_id 
_struct_site_gen.pdbx_num_res 
_struct_site_gen.label_comp_id 
_struct_site_gen.label_asym_id 
_struct_site_gen.label_seq_id 
_struct_site_gen.pdbx_auth_ins_code 
_struct_site_gen.auth_comp_id 
_struct_site_gen.auth_asym_id 
_struct_site_gen.auth_seq_id 
_struct_site_gen.label_atom_id 
_struct_site_gen.label_alt_id 
_struct_site_gen.symmetry 
_struct_site_gen.details 
1  AC1 3 LYS A 30 ? LYS A 29  . ? 10_554 ? 
2  AC1 3 HIS A 34 ? HIS A 33  . ? 1_555  ? 
3  AC1 3 GLU A 35 ? GLU A 34  . ? 1_555  ? 
4  AC2 4 HIS A 34 ? HIS A 33  . ? 1_555  ? 
5  AC2 4 ARG A 37 ? ARG A 36  . ? 1_555  ? 
6  AC2 4 ARG A 71 ? ARG A 70  . ? 1_555  ? 
7  AC2 4 HOH F .  ? HOH A 310 . ? 1_555  ? 
8  AC3 4 HIS A 34 ? HIS A 33  . ? 1_555  ? 
9  AC3 4 GLY A 36 ? GLY A 35  . ? 1_555  ? 
10 AC3 4 ARG A 37 ? ARG A 36  . ? 1_555  ? 
11 AC3 4 GLN A 68 ? GLN A 67  . ? 1_555  ? 
12 AC4 2 GLU A 48 ? GLU A 47  . ? 8_445  ? 
13 AC4 2 GLN A 67 ? GLN A 66  . ? 1_555  ? 
# 
_atom_sites.entry_id                    6O8K 
_atom_sites.fract_transf_matrix[1][1]   0.01067549 
_atom_sites.fract_transf_matrix[1][2]   0.00392851 
_atom_sites.fract_transf_matrix[1][3]   -0.02186529 
_atom_sites.fract_transf_matrix[2][1]   -0.01374829 
_atom_sites.fract_transf_matrix[2][2]   0.00622668 
_atom_sites.fract_transf_matrix[2][3]   -0.01948558 
_atom_sites.fract_transf_matrix[3][1]   0.00069365 
_atom_sites.fract_transf_matrix[3][2]   0.00591977 
_atom_sites.fract_transf_matrix[3][3]   0.00140227 
_atom_sites.fract_transf_vector[1]      0.222583 
_atom_sites.fract_transf_vector[2]      -0.479307 
_atom_sites.fract_transf_vector[3]      -0.018699 
# 
loop_
_atom_type.symbol 
C 
H 
N 
O 
S 
# 
loop_
_atom_site.group_PDB 
_atom_site.id 
_atom_site.type_symbol 
_atom_site.label_atom_id 
_atom_site.label_alt_id 
_atom_site.label_comp_id 
_atom_site.label_asym_id 
_atom_site.label_entity_id 
_atom_site.label_seq_id 
_atom_site.pdbx_PDB_ins_code 
_atom_site.Cartn_x 
_atom_site.Cartn_y 
_atom_site.Cartn_z 
_atom_site.occupancy 
_atom_site.B_iso_or_equiv 
_atom_site.pdbx_formal_charge 
_atom_site.auth_seq_id 
_atom_site.auth_comp_id 
_atom_site.auth_asym_id 
_atom_site.auth_atom_id 
_atom_site.pdbx_PDB_model_num 
ATOM   1   N N   . GLU A 1 17  ? -3.218  -27.105 1.168   1.00 140.50 ? 16  GLU A N   1 
ATOM   2   C CA  . GLU A 1 17  ? -3.344  -27.693 -0.162  1.00 134.67 ? 16  GLU A CA  1 
ATOM   3   C C   . GLU A 1 17  ? -2.883  -26.706 -1.243  1.00 126.78 ? 16  GLU A C   1 
ATOM   4   O O   . GLU A 1 17  ? -2.826  -25.497 -1.012  1.00 121.17 ? 16  GLU A O   1 
ATOM   5   C CB  . GLU A 1 17  ? -4.795  -28.135 -0.405  1.00 132.26 ? 16  GLU A CB  1 
ATOM   6   C CG  . GLU A 1 17  ? -5.093  -28.602 -1.818  1.00 126.18 ? 16  GLU A CG  1 
ATOM   7   C CD  . GLU A 1 17  ? -4.394  -29.900 -2.158  1.00 125.54 ? 16  GLU A CD  1 
ATOM   8   O OE1 . GLU A 1 17  ? -4.304  -30.217 -3.359  1.00 124.41 ? 16  GLU A OE1 1 
ATOM   9   O OE2 . GLU A 1 17  ? -3.932  -30.601 -1.230  1.00 124.29 ? 16  GLU A OE2 1 
ATOM   10  N N   . MET A 1 18  ? -2.543  -27.235 -2.419  1.00 119.61 ? 17  MET A N   1 
ATOM   11  C CA  . MET A 1 18  ? -2.190  -26.426 -3.583  1.00 110.19 ? 17  MET A CA  1 
ATOM   12  C C   . MET A 1 18  ? -3.149  -25.245 -3.767  1.00 107.71 ? 17  MET A C   1 
ATOM   13  O O   . MET A 1 18  ? -2.778  -24.202 -4.323  1.00 89.60  ? 17  MET A O   1 
ATOM   14  C CB  . MET A 1 18  ? -2.177  -27.310 -4.836  1.00 111.78 ? 17  MET A CB  1 
ATOM   15  C CG  . MET A 1 18  ? -1.062  -28.366 -4.880  1.00 111.68 ? 17  MET A CG  1 
ATOM   16  S SD  . MET A 1 18  ? -1.649  -30.062 -5.144  1.00 118.55 ? 17  MET A SD  1 
ATOM   17  C CE  . MET A 1 18  ? -2.191  -30.550 -3.499  1.00 124.66 ? 17  MET A CE  1 
ATOM   18  N N   . ALA A 1 19  ? -4.389  -25.412 -3.300  1.00 111.38 ? 18  ALA A N   1 
ATOM   19  C CA  . ALA A 1 19  ? -5.490  -24.484 -3.524  1.00 98.65  ? 18  ALA A CA  1 
ATOM   20  C C   . ALA A 1 19  ? -5.621  -23.403 -2.455  1.00 89.60  ? 18  ALA A C   1 
ATOM   21  O O   . ALA A 1 19  ? -6.026  -22.281 -2.774  1.00 88.84  ? 18  ALA A O   1 
ATOM   22  C CB  . ALA A 1 19  ? -6.808  -25.257 -3.617  1.00 103.93 ? 18  ALA A CB  1 
ATOM   23  N N   . THR A 1 20  ? -5.378  -23.724 -1.179  1.00 88.93  ? 19  THR A N   1 
ATOM   24  C CA  . THR A 1 20  ? -5.463  -22.697 -0.137  1.00 93.54  ? 19  THR A CA  1 
ATOM   25  C C   . THR A 1 20  ? -4.476  -21.575 -0.419  1.00 83.63  ? 19  THR A C   1 
ATOM   26  O O   . THR A 1 20  ? -4.701  -20.409 -0.066  1.00 73.03  ? 19  THR A O   1 
ATOM   27  C CB  . THR A 1 20  ? -5.222  -23.320 1.250   1.00 100.72 ? 19  THR A CB  1 
ATOM   28  O OG1 . THR A 1 20  ? -5.120  -22.286 2.239   1.00 98.96  ? 19  THR A OG1 1 
ATOM   29  C CG2 . THR A 1 20  ? -3.952  -24.187 1.278   1.00 98.55  ? 19  THR A CG2 1 
ATOM   30  N N   . ARG A 1 21  ? -3.365  -21.927 -1.078  1.00 81.51  ? 20  ARG A N   1 
ATOM   31  C CA  . ARG A 1 21  ? -2.300  -20.954 -1.448  1.00 78.00  ? 20  ARG A CA  1 
ATOM   32  C C   . ARG A 1 21  ? -2.851  -20.010 -2.515  1.00 72.60  ? 20  ARG A C   1 
ATOM   33  O O   . ARG A 1 21  ? -2.633  -18.805 -2.404  1.00 61.04  ? 20  ARG A O   1 
ATOM   34  C CB  . ARG A 1 21  ? -1.076  -21.648 -2.043  1.00 83.20  ? 20  ARG A CB  1 
ATOM   35  C CG  . ARG A 1 21  ? -0.257  -22.487 -1.074  1.00 103.66 ? 20  ARG A CG  1 
ATOM   36  C CD  . ARG A 1 21  ? 0.217   -21.775 0.174   1.00 113.19 ? 20  ARG A CD  1 
ATOM   37  N NE  . ARG A 1 21  ? 1.016   -22.612 1.058   1.00 140.28 ? 20  ARG A NE  1 
ATOM   38  C CZ  . ARG A 1 21  ? 1.953   -23.453 0.648   1.00 140.86 ? 20  ARG A CZ  1 
ATOM   39  N NH1 . ARG A 1 21  ? 2.626   -24.177 1.525   1.00 136.59 ? 20  ARG A NH1 1 
ATOM   40  N NH2 . ARG A 1 21  ? 2.205   -23.579 -0.640  1.00 134.18 ? 20  ARG A NH2 1 
ATOM   41  N N   . ALA A 1 22  ? -3.502  -20.570 -3.527  1.00 66.16  ? 21  ALA A N   1 
ATOM   42  C CA  . ALA A 1 22  ? -4.119  -19.775 -4.570  1.00 70.88  ? 21  ALA A CA  1 
ATOM   43  C C   . ALA A 1 22  ? -5.237  -18.914 -4.013  1.00 65.68  ? 21  ALA A C   1 
ATOM   44  O O   . ALA A 1 22  ? -5.427  -17.785 -4.468  1.00 53.32  ? 21  ALA A O   1 
ATOM   45  C CB  . ALA A 1 22  ? -4.642  -20.696 -5.676  1.00 73.04  ? 21  ALA A CB  1 
ATOM   46  N N   . ARG A 1 23  ? -5.953  -19.403 -2.999  1.00 64.07  ? 22  ARG A N   1 
ATOM   47  C CA  . ARG A 1 23  ? -6.954  -18.559 -2.357  1.00 58.65  ? 22  ARG A CA  1 
ATOM   48  C C   . ARG A 1 23  ? -6.309  -17.406 -1.603  1.00 50.22  ? 22  ARG A C   1 
ATOM   49  O O   . ARG A 1 23  ? -6.780  -16.262 -1.690  1.00 41.59  ? 22  ARG A O   1 
ATOM   50  C CB  . ARG A 1 23  ? -7.830  -19.371 -1.414  1.00 76.80  ? 22  ARG A CB  1 
ATOM   51  C CG  . ARG A 1 23  ? -9.122  -18.650 -1.102  1.00 90.19  ? 22  ARG A CG  1 
ATOM   52  C CD  . ARG A 1 23  ? -9.498  -18.698 0.365   1.00 97.98  ? 22  ARG A CD  1 
ATOM   53  N NE  . ARG A 1 23  ? -10.678 -17.865 0.597   1.00 110.67 ? 22  ARG A NE  1 
ATOM   54  C CZ  . ARG A 1 23  ? -10.870 -17.102 1.670   1.00 107.70 ? 22  ARG A CZ  1 
ATOM   55  N NH1 . ARG A 1 23  ? -9.964  -17.067 2.640   1.00 109.69 ? 22  ARG A NH1 1 
ATOM   56  N NH2 . ARG A 1 23  ? -11.978 -16.377 1.772   1.00 99.05  ? 22  ARG A NH2 1 
ATOM   57  N N   . ALA A 1 24  ? -5.239  -17.676 -0.846  1.00 44.56  ? 23  ALA A N   1 
ATOM   58  C CA  . ALA A 1 24  ? -4.542  -16.585 -0.157  1.00 55.03  ? 23  ALA A CA  1 
ATOM   59  C C   . ALA A 1 24  ? -4.018  -15.555 -1.151  1.00 42.87  ? 23  ALA A C   1 
ATOM   60  O O   . ALA A 1 24  ? -4.159  -14.335 -0.960  1.00 45.97  ? 23  ALA A O   1 
ATOM   61  C CB  . ALA A 1 24  ? -3.387  -17.128 0.683   1.00 42.92  ? 23  ALA A CB  1 
ATOM   62  N N   . ALA A 1 25  ? -3.390  -16.037 -2.216  1.00 44.26  ? 24  ALA A N   1 
ATOM   63  C CA  . ALA A 1 25  ? -2.833  -15.132 -3.208  1.00 43.30  ? 24  ALA A CA  1 
ATOM   64  C C   . ALA A 1 25  ? -3.931  -14.308 -3.857  1.00 39.30  ? 24  ALA A C   1 
ATOM   65  O O   . ALA A 1 25  ? -3.802  -13.087 -3.993  1.00 35.19  ? 24  ALA A O   1 
ATOM   66  C CB  . ALA A 1 25  ? -2.044  -15.919 -4.254  1.00 31.11  ? 24  ALA A CB  1 
ATOM   67  N N   . SER A 1 26  ? -5.031  -14.952 -4.259  1.00 37.67  ? 25  SER A N   1 
ATOM   68  C CA  . SER A 1 26  ? -6.086  -14.168 -4.883  1.00 49.42  ? 25  SER A CA  1 
ATOM   69  C C   . SER A 1 26  ? -6.703  -13.192 -3.884  1.00 47.21  ? 25  SER A C   1 
ATOM   70  O O   . SER A 1 26  ? -7.110  -12.093 -4.266  1.00 42.14  ? 25  SER A O   1 
ATOM   71  C CB  . SER A 1 26  ? -7.139  -15.087 -5.510  1.00 45.60  ? 25  SER A CB  1 
ATOM   72  O OG  . SER A 1 26  ? -7.861  -15.775 -4.526  1.00 51.48  ? 25  SER A OG  1 
ATOM   73  N N   . ASN A 1 27  ? -6.721  -13.523 -2.597  1.00 39.04  ? 26  ASN A N   1 
ATOM   74  C CA  . ASN A 1 27  ? -7.211  -12.530 -1.641  1.00 43.26  ? 26  ASN A CA  1 
ATOM   75  C C   . ASN A 1 27  ? -6.265  -11.333 -1.554  1.00 45.19  ? 26  ASN A C   1 
ATOM   76  O O   . ASN A 1 27  ? -6.717  -10.181 -1.494  1.00 51.16  ? 26  ASN A O   1 
ATOM   77  C CB  . ASN A 1 27  ? -7.438  -13.183 -0.281  1.00 47.65  ? 26  ASN A CB  1 
ATOM   78  C CG  . ASN A 1 27  ? -8.673  -14.082 -0.279  1.00 69.74  ? 26  ASN A CG  1 
ATOM   79  O OD1 . ASN A 1 27  ? -9.625  -13.853 -1.038  1.00 68.60  ? 26  ASN A OD1 1 
ATOM   80  N ND2 . ASN A 1 27  ? -8.653  -15.120 0.551   1.00 64.80  ? 26  ASN A ND2 1 
ATOM   81  N N   . LEU A 1 28  ? -4.948  -11.572 -1.596  1.00 41.01  ? 27  LEU A N   1 
ATOM   82  C CA  . LEU A 1 28  ? -4.016  -10.444 -1.646  1.00 30.59  ? 27  LEU A CA  1 
ATOM   83  C C   . LEU A 1 28  ? -4.275  -9.588  -2.881  1.00 30.98  ? 27  LEU A C   1 
ATOM   84  O O   . LEU A 1 28  ? -4.361  -8.356  -2.800  1.00 32.75  ? 27  LEU A O   1 
ATOM   85  C CB  . LEU A 1 28  ? -2.560  -10.930 -1.637  1.00 34.48  ? 27  LEU A CB  1 
ATOM   86  C CG  . LEU A 1 28  ? -1.495  -9.867  -1.950  1.00 37.20  ? 27  LEU A CG  1 
ATOM   87  C CD1 . LEU A 1 28  ? -1.553  -8.761  -0.902  1.00 31.14  ? 27  LEU A CD1 1 
ATOM   88  C CD2 . LEU A 1 28  ? -0.097  -10.494 -1.975  1.00 34.15  ? 27  LEU A CD2 1 
ATOM   89  N N   . LEU A 1 29  ? -4.383  -10.226 -4.041  1.00 34.00  ? 28  LEU A N   1 
ATOM   90  C CA  . LEU A 1 29  ? -4.612  -9.464  -5.262  1.00 41.45  ? 28  LEU A CA  1 
ATOM   91  C C   . LEU A 1 29  ? -5.907  -8.668  -5.144  1.00 40.70  ? 28  LEU A C   1 
ATOM   92  O O   . LEU A 1 29  ? -5.960  -7.492  -5.518  1.00 33.70  ? 28  LEU A O   1 
ATOM   93  C CB  . LEU A 1 29  ? -4.647  -10.403 -6.482  1.00 34.73  ? 28  LEU A CB  1 
ATOM   94  C CG  . LEU A 1 29  ? -3.355  -11.187 -6.745  1.00 38.58  ? 28  LEU A CG  1 
ATOM   95  C CD1 . LEU A 1 29  ? -3.423  -11.911 -8.074  1.00 30.34  ? 28  LEU A CD1 1 
ATOM   96  C CD2 . LEU A 1 29  ? -2.148  -10.246 -6.699  1.00 31.36  ? 28  LEU A CD2 1 
ATOM   97  N N   . LYS A 1 30  ? -6.962  -9.302  -4.626  1.00 49.18  ? 29  LYS A N   1 
ATOM   98  C CA  . LYS A 1 30  ? -8.210  -8.597  -4.353  1.00 63.24  ? 29  LYS A CA  1 
ATOM   99  C C   . LYS A 1 30  ? -7.938  -7.343  -3.542  1.00 60.45  ? 29  LYS A C   1 
ATOM   100 O O   . LYS A 1 30  ? -8.433  -6.257  -3.861  1.00 46.33  ? 29  LYS A O   1 
ATOM   101 C CB  . LYS A 1 30  ? -9.187  -9.513  -3.603  1.00 52.05  ? 29  LYS A CB  1 
ATOM   102 C CG  . LYS A 1 30  ? -10.071 -10.373 -4.479  1.00 60.92  ? 29  LYS A CG  1 
ATOM   103 C CD  . LYS A 1 30  ? -10.628 -11.580 -3.690  1.00 81.49  ? 29  LYS A CD  1 
ATOM   104 C CE  . LYS A 1 30  ? -11.369 -12.592 -4.589  1.00 77.46  ? 29  LYS A CE  1 
ATOM   105 N NZ  . LYS A 1 30  ? -11.087 -14.015 -4.198  1.00 72.95  ? 29  LYS A NZ  1 
ATOM   106 N N   . ALA A 1 31  ? -7.146  -7.474  -2.477  1.00 47.33  ? 30  ALA A N   1 
ATOM   107 C CA  . ALA A 1 31  ? -6.883  -6.301  -1.655  1.00 40.46  ? 30  ALA A CA  1 
ATOM   108 C C   . ALA A 1 31  ? -6.076  -5.258  -2.419  1.00 38.53  ? 30  ALA A C   1 
ATOM   109 O O   . ALA A 1 31  ? -6.187  -4.064  -2.145  1.00 40.15  ? 30  ALA A O   1 
ATOM   110 C CB  . ALA A 1 31  ? -6.168  -6.703  -0.373  1.00 30.42  ? 30  ALA A CB  1 
ATOM   111 N N   . LEU A 1 32  ? -5.270  -5.669  -3.380  1.00 43.17  ? 31  LEU A N   1 
ATOM   112 C CA  . LEU A 1 32  ? -4.470  -4.670  -4.081  1.00 31.77  ? 31  LEU A CA  1 
ATOM   113 C C   . LEU A 1 32  ? -5.189  -4.069  -5.274  1.00 37.27  ? 31  LEU A C   1 
ATOM   114 O O   . LEU A 1 32  ? -4.753  -3.031  -5.790  1.00 36.23  ? 31  LEU A O   1 
ATOM   115 C CB  . LEU A 1 32  ? -3.148  -5.273  -4.564  1.00 38.11  ? 31  LEU A CB  1 
ATOM   116 C CG  . LEU A 1 32  ? -2.215  -5.872  -3.526  1.00 40.09  ? 31  LEU A CG  1 
ATOM   117 C CD1 . LEU A 1 32  ? -1.084  -6.667  -4.219  1.00 29.02  ? 31  LEU A CD1 1 
ATOM   118 C CD2 . LEU A 1 32  ? -1.684  -4.769  -2.610  1.00 37.45  ? 31  LEU A CD2 1 
ATOM   119 N N   . ALA A 1 33  ? -6.260  -4.701  -5.741  1.00 37.07  ? 32  ALA A N   1 
ATOM   120 C CA  . ALA A 1 33  ? -6.857  -4.327  -7.026  1.00 58.75  ? 32  ALA A CA  1 
ATOM   121 C C   . ALA A 1 33  ? -7.842  -3.162  -6.858  1.00 65.32  ? 32  ALA A C   1 
ATOM   122 O O   . ALA A 1 33  ? -9.035  -3.256  -7.160  1.00 50.83  ? 32  ALA A O   1 
ATOM   123 C CB  . ALA A 1 33  ? -7.517  -5.543  -7.668  1.00 50.08  ? 32  ALA A CB  1 
ATOM   124 N N   . HIS A 1 34  ? -7.306  -2.047  -6.362  1.00 39.63  ? 33  HIS A N   1 
ATOM   125 C CA  . HIS A 1 34  ? -8.077  -0.832  -6.124  1.00 55.89  ? 33  HIS A CA  1 
ATOM   126 C C   . HIS A 1 34  ? -7.162  0.337   -6.433  1.00 52.98  ? 33  HIS A C   1 
ATOM   127 O O   . HIS A 1 34  ? -6.065  0.429   -5.875  1.00 45.92  ? 33  HIS A O   1 
ATOM   128 C CB  . HIS A 1 34  ? -8.594  -0.748  -4.675  1.00 39.12  ? 33  HIS A CB  1 
ATOM   129 C CG  . HIS A 1 34  ? -9.399  -1.941  -4.247  1.00 49.42  ? 33  HIS A CG  1 
ATOM   130 N ND1 . HIS A 1 34  ? -10.726 -2.101  -4.576  1.00 49.67  ? 33  HIS A ND1 1 
ATOM   131 C CD2 . HIS A 1 34  ? -9.065  -3.030  -3.513  1.00 49.13  ? 33  HIS A CD2 1 
ATOM   132 C CE1 . HIS A 1 34  ? -11.176 -3.235  -4.069  1.00 52.77  ? 33  HIS A CE1 1 
ATOM   133 N NE2 . HIS A 1 34  ? -10.187 -3.821  -3.421  1.00 42.77  ? 33  HIS A NE2 1 
ATOM   134 N N   . GLU A 1 35  ? -7.616  1.203   -7.330  1.00 46.24  ? 34  GLU A N   1 
ATOM   135 C CA  . GLU A 1 35  ? -6.780  2.263   -7.872  1.00 42.07  ? 34  GLU A CA  1 
ATOM   136 C C   . GLU A 1 35  ? -6.089  3.059   -6.774  1.00 36.42  ? 34  GLU A C   1 
ATOM   137 O O   . GLU A 1 35  ? -4.868  3.222   -6.785  1.00 33.58  ? 34  GLU A O   1 
ATOM   138 C CB  . GLU A 1 35  ? -7.651  3.181   -8.736  1.00 59.77  ? 34  GLU A CB  1 
ATOM   139 C CG  . GLU A 1 35  ? -6.908  4.038   -9.741  1.00 85.08  ? 34  GLU A CG  1 
ATOM   140 C CD  . GLU A 1 35  ? -7.849  4.619   -10.787 1.00 97.62  ? 34  GLU A CD  1 
ATOM   141 O OE1 . GLU A 1 35  ? -9.080  4.551   -10.570 1.00 100.68 ? 34  GLU A OE1 1 
ATOM   142 O OE2 . GLU A 1 35  ? -7.365  5.132   -11.820 1.00 92.59  ? 34  GLU A OE2 1 
ATOM   143 N N   . GLY A 1 36  ? -6.863  3.610   -5.836  1.00 36.13  ? 35  GLY A N   1 
ATOM   144 C CA  . GLY A 1 36  ? -6.264  4.492   -4.843  1.00 40.66  ? 35  GLY A CA  1 
ATOM   145 C C   . GLY A 1 36  ? -5.289  3.764   -3.937  1.00 38.91  ? 35  GLY A C   1 
ATOM   146 O O   . GLY A 1 36  ? -4.167  4.227   -3.684  1.00 37.73  ? 35  GLY A O   1 
ATOM   147 N N   . ARG A 1 37  ? -5.720  2.620   -3.411  1.00 35.51  ? 36  ARG A N   1 
ATOM   148 C CA  . ARG A 1 37  ? -4.855  1.834   -2.538  1.00 43.63  ? 36  ARG A CA  1 
ATOM   149 C C   . ARG A 1 37  ? -3.615  1.363   -3.289  1.00 38.90  ? 36  ARG A C   1 
ATOM   150 O O   . ARG A 1 37  ? -2.493  1.403   -2.757  1.00 30.71  ? 36  ARG A O   1 
ATOM   151 C CB  . ARG A 1 37  ? -5.649  0.651   -1.963  1.00 34.28  ? 36  ARG A CB  1 
ATOM   152 C CG  . ARG A 1 37  ? -6.432  1.027   -0.704  1.00 36.68  ? 36  ARG A CG  1 
ATOM   153 C CD  . ARG A 1 37  ? -7.481  -0.009  -0.338  1.00 46.17  ? 36  ARG A CD  1 
ATOM   154 N NE  . ARG A 1 37  ? -8.695  0.196   -1.109  1.00 50.13  ? 36  ARG A NE  1 
ATOM   155 C CZ  . ARG A 1 37  ? -9.749  -0.605  -1.056  1.00 47.35  ? 36  ARG A CZ  1 
ATOM   156 N NH1 . ARG A 1 37  ? -9.724  -1.670  -0.278  1.00 43.18  ? 36  ARG A NH1 1 
ATOM   157 N NH2 . ARG A 1 37  ? -10.824 -0.340  -1.783  1.00 50.94  ? 36  ARG A NH2 1 
ATOM   158 N N   . LEU A 1 38  ? -3.788  0.939   -4.544  1.00 33.84  ? 37  LEU A N   1 
ATOM   159 C CA  . LEU A 1 38  ? -2.625  0.499   -5.299  1.00 42.16  ? 37  LEU A CA  1 
ATOM   160 C C   . LEU A 1 38  ? -1.638  1.645   -5.479  1.00 44.21  ? 37  LEU A C   1 
ATOM   161 O O   . LEU A 1 38  ? -0.419  1.444   -5.365  1.00 35.78  ? 37  LEU A O   1 
ATOM   162 C CB  . LEU A 1 38  ? -3.050  -0.067  -6.651  1.00 33.61  ? 37  LEU A CB  1 
ATOM   163 C CG  . LEU A 1 38  ? -1.955  -0.714  -7.508  1.00 41.64  ? 37  LEU A CG  1 
ATOM   164 C CD1 . LEU A 1 38  ? -1.051  -1.693  -6.741  1.00 33.83  ? 37  LEU A CD1 1 
ATOM   165 C CD2 . LEU A 1 38  ? -2.638  -1.418  -8.704  1.00 36.83  ? 37  LEU A CD2 1 
ATOM   166 N N   . MET A 1 39  ? -2.138  2.850   -5.777  1.00 37.78  ? 38  MET A N   1 
ATOM   167 C CA  . MET A 1 39  ? -1.230  3.985   -5.929  1.00 50.43  ? 38  MET A CA  1 
ATOM   168 C C   . MET A 1 39  ? -0.459  4.249   -4.647  1.00 48.32  ? 38  MET A C   1 
ATOM   169 O O   . MET A 1 39  ? 0.744   4.531   -4.683  1.00 36.85  ? 38  MET A O   1 
ATOM   170 C CB  . MET A 1 39  ? -1.981  5.240   -6.353  1.00 45.88  ? 38  MET A CB  1 
ATOM   171 C CG  . MET A 1 39  ? -2.199  5.292   -7.808  1.00 60.87  ? 38  MET A CG  1 
ATOM   172 S SD  . MET A 1 39  ? -3.367  6.598   -8.119  1.00 90.09  ? 38  MET A SD  1 
ATOM   173 C CE  . MET A 1 39  ? -2.460  7.981   -7.441  1.00 96.65  ? 38  MET A CE  1 
ATOM   174 N N   . ILE A 1 40  ? -1.150  4.223   -3.504  1.00 39.82  ? 39  ILE A N   1 
ATOM   175 C CA  . ILE A 1 40  ? -0.433  4.345   -2.240  1.00 29.35  ? 39  ILE A CA  1 
ATOM   176 C C   . ILE A 1 40  ? 0.671   3.306   -2.173  1.00 29.50  ? 39  ILE A C   1 
ATOM   177 O O   . ILE A 1 40  ? 1.823   3.605   -1.810  1.00 32.80  ? 39  ILE A O   1 
ATOM   178 C CB  . ILE A 1 40  ? -1.386  4.193   -1.040  1.00 30.55  ? 39  ILE A CB  1 
ATOM   179 C CG1 . ILE A 1 40  ? -2.358  5.383   -0.963  1.00 42.53  ? 39  ILE A CG1 1 
ATOM   180 C CG2 . ILE A 1 40  ? -0.548  4.038   0.282   1.00 31.35  ? 39  ILE A CG2 1 
ATOM   181 C CD1 . ILE A 1 40  ? -3.492  5.179   0.005   1.00 36.05  ? 39  ILE A CD1 1 
ATOM   182 N N   . MET A 1 41  ? 0.318   2.054   -2.483  1.00 30.53  ? 40  MET A N   1 
ATOM   183 C CA  . MET A 1 41  ? 1.287   0.977   -2.346  1.00 30.85  ? 40  MET A CA  1 
ATOM   184 C C   . MET A 1 41  ? 2.494   1.219   -3.254  1.00 37.95  ? 40  MET A C   1 
ATOM   185 O O   . MET A 1 41  ? 3.637   0.979   -2.859  1.00 33.81  ? 40  MET A O   1 
ATOM   186 C CB  . MET A 1 41  ? 0.613   -0.364  -2.637  1.00 27.92  ? 40  MET A CB  1 
ATOM   187 C CG  . MET A 1 41  ? -0.451  -0.756  -1.608  1.00 40.76  ? 40  MET A CG  1 
ATOM   188 S SD  . MET A 1 41  ? 0.243   -1.110  0.029   1.00 42.13  ? 40  MET A SD  1 
ATOM   189 C CE  . MET A 1 41  ? 0.845   -2.778  -0.321  1.00 36.30  ? 40  MET A CE  1 
ATOM   190 N N   . CYS A 1 42  ? 2.259   1.727   -4.465  1.00 35.23  ? 41  CYS A N   1 
ATOM   191 C CA  . CYS A 1 42  ? 3.369   2.010   -5.365  1.00 42.99  ? 41  CYS A CA  1 
ATOM   192 C C   . CYS A 1 42  ? 4.225   3.159   -4.845  1.00 51.77  ? 41  CYS A C   1 
ATOM   193 O O   . CYS A 1 42  ? 5.459   3.076   -4.899  1.00 38.87  ? 41  CYS A O   1 
ATOM   194 C CB  . CYS A 1 42  ? 2.860   2.300   -6.771  1.00 40.08  ? 41  CYS A CB  1 
ATOM   195 S SG  . CYS A 1 42  ? 2.124   0.893   -7.540  1.00 46.80  ? 41  CYS A SG  1 
ATOM   196 N N   . TYR A 1 43  ? 3.603   4.234   -4.323  1.00 32.22  ? 42  TYR A N   1 
ATOM   197 C CA  . TYR A 1 43  ? 4.415   5.290   -3.719  1.00 31.28  ? 42  TYR A CA  1 
ATOM   198 C C   . TYR A 1 43  ? 5.274   4.729   -2.602  1.00 40.88  ? 42  TYR A C   1 
ATOM   199 O O   . TYR A 1 43  ? 6.440   5.122   -2.452  1.00 41.49  ? 42  TYR A O   1 
ATOM   200 C CB  . TYR A 1 43  ? 3.547   6.450   -3.210  1.00 36.48  ? 42  TYR A CB  1 
ATOM   201 C CG  . TYR A 1 43  ? 3.270   7.409   -4.339  1.00 67.09  ? 42  TYR A CG  1 
ATOM   202 C CD1 . TYR A 1 43  ? 4.319   8.073   -4.982  1.00 76.47  ? 42  TYR A CD1 1 
ATOM   203 C CD2 . TYR A 1 43  ? 1.982   7.587   -4.834  1.00 72.75  ? 42  TYR A CD2 1 
ATOM   204 C CE1 . TYR A 1 43  ? 4.084   8.926   -6.066  1.00 76.54  ? 42  TYR A CE1 1 
ATOM   205 C CE2 . TYR A 1 43  ? 1.735   8.443   -5.917  1.00 81.57  ? 42  TYR A CE2 1 
ATOM   206 C CZ  . TYR A 1 43  ? 2.787   9.105   -6.529  1.00 77.01  ? 42  TYR A CZ  1 
ATOM   207 O OH  . TYR A 1 43  ? 2.541   9.946   -7.591  1.00 79.73  ? 42  TYR A OH  1 
ATOM   208 N N   . LEU A 1 44  ? 4.744   3.755   -1.850  1.00 35.98  ? 43  LEU A N   1 
ATOM   209 C CA  . LEU A 1 44  ? 5.516   3.191   -0.751  1.00 37.41  ? 43  LEU A CA  1 
ATOM   210 C C   . LEU A 1 44  ? 6.599   2.235   -1.234  1.00 39.87  ? 43  LEU A C   1 
ATOM   211 O O   . LEU A 1 44  ? 7.545   1.980   -0.488  1.00 35.09  ? 43  LEU A O   1 
ATOM   212 C CB  . LEU A 1 44  ? 4.587   2.491   0.259   1.00 32.40  ? 43  LEU A CB  1 
ATOM   213 C CG  . LEU A 1 44  ? 3.524   3.417   0.913   1.00 43.81  ? 43  LEU A CG  1 
ATOM   214 C CD1 . LEU A 1 44  ? 2.601   2.670   1.872   1.00 32.38  ? 43  LEU A CD1 1 
ATOM   215 C CD2 . LEU A 1 44  ? 4.193   4.565   1.646   1.00 44.41  ? 43  LEU A CD2 1 
ATOM   216 N N   . ALA A 1 45  ? 6.459   1.672   -2.442  1.00 29.50  ? 44  ALA A N   1 
ATOM   217 C CA  . ALA A 1 45  ? 7.520   0.815   -2.976  1.00 51.57  ? 44  ALA A CA  1 
ATOM   218 C C   . ALA A 1 45  ? 8.852   1.546   -3.061  1.00 45.33  ? 44  ALA A C   1 
ATOM   219 O O   . ALA A 1 45  ? 9.903   0.903   -3.034  1.00 44.23  ? 44  ALA A O   1 
ATOM   220 C CB  . ALA A 1 45  ? 7.166   0.285   -4.373  1.00 31.03  ? 44  ALA A CB  1 
ATOM   221 N N   . SER A 1 46  ? 8.828   2.877   -3.193  1.00 40.74  ? 45  SER A N   1 
ATOM   222 C CA  . SER A 1 46  ? 10.052  3.665   -3.284  1.00 44.73  ? 45  SER A CA  1 
ATOM   223 C C   . SER A 1 46  ? 10.504  4.164   -1.940  1.00 60.18  ? 45  SER A C   1 
ATOM   224 O O   . SER A 1 46  ? 11.440  4.974   -1.877  1.00 48.50  ? 45  SER A O   1 
ATOM   225 C CB  . SER A 1 46  ? 9.877   4.851   -4.230  1.00 33.03  ? 45  SER A CB  1 
ATOM   226 O OG  . SER A 1 46  ? 8.920   5.778   -3.725  1.00 31.63  ? 45  SER A OG  1 
ATOM   227 N N   . GLY A 1 47  ? 9.878   3.689   -0.867  1.00 41.92  ? 46  GLY A N   1 
ATOM   228 C CA  . GLY A 1 47  ? 10.311  3.974   0.479   1.00 38.87  ? 46  GLY A CA  1 
ATOM   229 C C   . GLY A 1 47  ? 9.219   4.634   1.303   1.00 37.85  ? 46  GLY A C   1 
ATOM   230 O O   . GLY A 1 47  ? 8.181   5.057   0.795   1.00 43.26  ? 46  GLY A O   1 
ATOM   231 N N   . GLU A 1 48  ? 9.475   4.708   2.604   1.00 49.95  ? 47  GLU A N   1 
ATOM   232 C CA  . GLU A 1 48  ? 8.450   5.229   3.501   1.00 52.45  ? 47  GLU A CA  1 
ATOM   233 C C   . GLU A 1 48  ? 8.102   6.665   3.144   1.00 48.58  ? 47  GLU A C   1 
ATOM   234 O O   . GLU A 1 48  ? 8.962   7.459   2.745   1.00 47.76  ? 47  GLU A O   1 
ATOM   235 C CB  . GLU A 1 48  ? 8.884   5.119   4.964   1.00 51.10  ? 47  GLU A CB  1 
ATOM   236 C CG  . GLU A 1 48  ? 9.843   6.148   5.436   1.00 64.28  ? 47  GLU A CG  1 
ATOM   237 C CD  . GLU A 1 48  ? 10.195  5.985   6.915   1.00 61.23  ? 47  GLU A CD  1 
ATOM   238 O OE1 . GLU A 1 48  ? 9.499   5.245   7.663   1.00 61.27  ? 47  GLU A OE1 1 
ATOM   239 O OE2 . GLU A 1 48  ? 11.194  6.610   7.318   1.00 68.55  ? 47  GLU A OE2 1 
ATOM   240 N N   . LYS A 1 49  ? 6.816   6.978   3.269   1.00 45.36  ? 48  LYS A N   1 
ATOM   241 C CA  . LYS A 1 49  ? 6.252   8.267   2.921   1.00 45.26  ? 48  LYS A CA  1 
ATOM   242 C C   . LYS A 1 49  ? 5.436   8.792   4.092   1.00 49.30  ? 48  LYS A C   1 
ATOM   243 O O   . LYS A 1 49  ? 4.791   8.026   4.820   1.00 43.46  ? 48  LYS A O   1 
ATOM   244 C CB  . LYS A 1 49  ? 5.330   8.176   1.687   1.00 40.57  ? 48  LYS A CB  1 
ATOM   245 C CG  . LYS A 1 49  ? 5.964   7.545   0.460   1.00 41.29  ? 48  LYS A CG  1 
ATOM   246 C CD  . LYS A 1 49  ? 6.883   8.531   -0.191  1.00 45.25  ? 48  LYS A CD  1 
ATOM   247 C CE  . LYS A 1 49  ? 7.475   8.000   -1.493  1.00 42.34  ? 48  LYS A CE  1 
ATOM   248 N NZ  . LYS A 1 49  ? 8.406   6.863   -1.255  1.00 34.87  ? 48  LYS A NZ  1 
ATOM   249 N N   . SER A 1 50  ? 5.445   10.110  4.245   1.00 49.60  ? 49  SER A N   1 
ATOM   250 C CA  . SER A 1 50  ? 4.611   10.743  5.247   1.00 53.05  ? 49  SER A CA  1 
ATOM   251 C C   . SER A 1 50  ? 3.204   10.903  4.704   1.00 65.51  ? 49  SER A C   1 
ATOM   252 O O   . SER A 1 50  ? 2.972   10.890  3.487   1.00 52.03  ? 49  SER A O   1 
ATOM   253 C CB  . SER A 1 50  ? 5.157   12.108  5.625   1.00 58.07  ? 49  SER A CB  1 
ATOM   254 O OG  . SER A 1 50  ? 4.791   13.041  4.634   1.00 58.73  ? 49  SER A OG  1 
ATOM   255 N N   . VAL A 1 51  ? 2.252   11.041  5.628   1.00 73.66  ? 50  VAL A N   1 
ATOM   256 C CA  . VAL A 1 51  ? 0.867   11.240  5.217   1.00 60.41  ? 50  VAL A CA  1 
ATOM   257 C C   . VAL A 1 51  ? 0.769   12.439  4.288   1.00 55.93  ? 50  VAL A C   1 
ATOM   258 O O   . VAL A 1 51  ? -0.014  12.439  3.336   1.00 56.55  ? 50  VAL A O   1 
ATOM   259 C CB  . VAL A 1 51  ? -0.050  11.386  6.446   1.00 71.69  ? 50  VAL A CB  1 
ATOM   260 C CG1 . VAL A 1 51  ? -1.515  11.527  6.010   1.00 64.64  ? 50  VAL A CG1 1 
ATOM   261 C CG2 . VAL A 1 51  ? 0.121   10.192  7.367   1.00 57.25  ? 50  VAL A CG2 1 
ATOM   262 N N   . THR A 1 52  ? 1.580   13.469  4.531   1.00 69.18  ? 51  THR A N   1 
ATOM   263 C CA  . THR A 1 52  ? 1.537   14.630  3.648   1.00 81.88  ? 51  THR A CA  1 
ATOM   264 C C   . THR A 1 52  ? 2.117   14.292  2.284   1.00 62.84  ? 51  THR A C   1 
ATOM   265 O O   . THR A 1 52  ? 1.544   14.652  1.249   1.00 65.14  ? 51  THR A O   1 
ATOM   266 C CB  . THR A 1 52  ? 2.269   15.825  4.268   1.00 84.81  ? 51  THR A CB  1 
ATOM   267 O OG1 . THR A 1 52  ? 3.432   15.384  4.991   1.00 93.22  ? 51  THR A OG1 1 
ATOM   268 C CG2 . THR A 1 52  ? 1.333   16.582  5.181   1.00 74.66  ? 51  THR A CG2 1 
ATOM   269 N N   . GLU A 1 53  ? 3.273   13.626  2.263   1.00 51.04  ? 52  GLU A N   1 
ATOM   270 C CA  . GLU A 1 53  ? 3.819   13.155  0.999   1.00 45.56  ? 52  GLU A CA  1 
ATOM   271 C C   . GLU A 1 53  ? 2.762   12.397  0.218   1.00 55.78  ? 52  GLU A C   1 
ATOM   272 O O   . GLU A 1 53  ? 2.516   12.681  -0.963  1.00 57.18  ? 52  GLU A O   1 
ATOM   273 C CB  . GLU A 1 53  ? 5.027   12.265  1.253   1.00 41.01  ? 52  GLU A CB  1 
ATOM   274 C CG  . GLU A 1 53  ? 6.263   12.999  1.676   1.00 68.51  ? 52  GLU A CG  1 
ATOM   275 C CD  . GLU A 1 53  ? 7.485   12.103  1.643   1.00 81.59  ? 52  GLU A CD  1 
ATOM   276 O OE1 . GLU A 1 53  ? 8.062   11.920  0.541   1.00 94.34  ? 52  GLU A OE1 1 
ATOM   277 O OE2 . GLU A 1 53  ? 7.847   11.563  2.715   1.00 69.94  ? 52  GLU A OE2 1 
ATOM   278 N N   . LEU A 1 54  ? 2.123   11.421  0.868   1.00 52.78  ? 53  LEU A N   1 
ATOM   279 C CA  . LEU A 1 54  ? 1.070   10.670  0.197   1.00 55.23  ? 53  LEU A CA  1 
ATOM   280 C C   . LEU A 1 54  ? 0.002   11.620  -0.333  1.00 63.47  ? 53  LEU A C   1 
ATOM   281 O O   . LEU A 1 54  ? -0.138  11.782  -1.547  1.00 62.55  ? 53  LEU A O   1 
ATOM   282 C CB  . LEU A 1 54  ? 0.491   9.609   1.144   1.00 45.44  ? 53  LEU A CB  1 
ATOM   283 C CG  . LEU A 1 54  ? 1.537   8.512   1.451   1.00 48.69  ? 53  LEU A CG  1 
ATOM   284 C CD1 . LEU A 1 54  ? 1.146   7.584   2.581   1.00 45.34  ? 53  LEU A CD1 1 
ATOM   285 C CD2 . LEU A 1 54  ? 1.906   7.700   0.217   1.00 46.55  ? 53  LEU A CD2 1 
ATOM   286 N N   . GLU A 1 55  ? -0.687  12.340  0.564   1.00 64.74  ? 54  GLU A N   1 
ATOM   287 C CA  . GLU A 1 55  ? -1.812  13.185  0.151   1.00 78.33  ? 54  GLU A CA  1 
ATOM   288 C C   . GLU A 1 55  ? -1.442  14.096  -1.017  1.00 69.27  ? 54  GLU A C   1 
ATOM   289 O O   . GLU A 1 55  ? -2.239  14.275  -1.949  1.00 73.74  ? 54  GLU A O   1 
ATOM   290 C CB  . GLU A 1 55  ? -2.308  14.028  1.329   1.00 85.78  ? 54  GLU A CB  1 
ATOM   291 C CG  . GLU A 1 55  ? -2.911  13.234  2.484   1.00 92.40  ? 54  GLU A CG  1 
ATOM   292 C CD  . GLU A 1 55  ? -3.488  14.132  3.571   1.00 109.35 ? 54  GLU A CD  1 
ATOM   293 O OE1 . GLU A 1 55  ? -2.716  14.564  4.459   1.00 113.88 ? 54  GLU A OE1 1 
ATOM   294 O OE2 . GLU A 1 55  ? -4.714  14.402  3.539   1.00 118.05 ? 54  GLU A OE2 1 
ATOM   295 N N   . THR A 1 56  ? -0.231  14.662  -0.999  1.00 55.71  ? 55  THR A N   1 
ATOM   296 C CA  . THR A 1 56  ? 0.181   15.556  -2.077  1.00 70.12  ? 55  THR A CA  1 
ATOM   297 C C   . THR A 1 56  ? 0.388   14.805  -3.385  1.00 73.63  ? 55  THR A C   1 
ATOM   298 O O   . THR A 1 56  ? -0.031  15.279  -4.447  1.00 84.85  ? 55  THR A O   1 
ATOM   299 C CB  . THR A 1 56  ? 1.453   16.314  -1.693  1.00 71.47  ? 55  THR A CB  1 
ATOM   300 O OG1 . THR A 1 56  ? 2.511   15.383  -1.476  1.00 82.04  ? 55  THR A OG1 1 
ATOM   301 C CG2 . THR A 1 56  ? 1.242   17.122  -0.426  1.00 79.97  ? 55  THR A CG2 1 
ATOM   302 N N   . ARG A 1 57  ? 1.028   13.631  -3.344  1.00 66.24  ? 56  ARG A N   1 
ATOM   303 C CA  . ARG A 1 57  ? 1.255   12.914  -4.598  1.00 69.19  ? 56  ARG A CA  1 
ATOM   304 C C   . ARG A 1 57  ? -0.023  12.274  -5.138  1.00 63.39  ? 56  ARG A C   1 
ATOM   305 O O   . ARG A 1 57  ? -0.137  12.068  -6.348  1.00 69.26  ? 56  ARG A O   1 
ATOM   306 C CB  . ARG A 1 57  ? 2.349   11.854  -4.424  1.00 77.17  ? 56  ARG A CB  1 
ATOM   307 C CG  . ARG A 1 57  ? 3.773   12.416  -4.246  1.00 75.08  ? 56  ARG A CG  1 
ATOM   308 C CD  . ARG A 1 57  ? 4.742   11.293  -3.884  1.00 74.80  ? 56  ARG A CD  1 
ATOM   309 N NE  . ARG A 1 57  ? 6.098   11.717  -3.512  1.00 82.28  ? 56  ARG A NE  1 
ATOM   310 C CZ  . ARG A 1 57  ? 7.017   12.183  -4.366  1.00 77.61  ? 56  ARG A CZ  1 
ATOM   311 N NH1 . ARG A 1 57  ? 6.715   12.334  -5.655  1.00 64.82  ? 56  ARG A NH1 1 
ATOM   312 N NH2 . ARG A 1 57  ? 8.237   12.518  -3.931  1.00 63.77  ? 56  ARG A NH2 1 
ATOM   313 N N   . LEU A 1 58  ? -0.988  11.945  -4.276  1.00 67.77  ? 57  LEU A N   1 
ATOM   314 C CA  . LEU A 1 58  ? -2.245  11.374  -4.756  1.00 68.39  ? 57  LEU A CA  1 
ATOM   315 C C   . LEU A 1 58  ? -3.211  12.424  -5.289  1.00 86.42  ? 57  LEU A C   1 
ATOM   316 O O   . LEU A 1 58  ? -4.008  12.120  -6.188  1.00 85.40  ? 57  LEU A O   1 
ATOM   317 C CB  . LEU A 1 58  ? -2.957  10.580  -3.658  1.00 72.64  ? 57  LEU A CB  1 
ATOM   318 C CG  . LEU A 1 58  ? -2.397  9.287   -3.053  1.00 83.00  ? 57  LEU A CG  1 
ATOM   319 C CD1 . LEU A 1 58  ? -1.930  8.331   -4.147  1.00 65.02  ? 57  LEU A CD1 1 
ATOM   320 C CD2 . LEU A 1 58  ? -1.329  9.511   -1.993  1.00 84.13  ? 57  LEU A CD2 1 
ATOM   321 N N   . SER A 1 59  ? -3.194  13.634  -4.732  1.00 85.28  ? 58  SER A N   1 
ATOM   322 C CA  . SER A 1 59  ? -4.175  14.661  -5.074  1.00 86.61  ? 58  SER A CA  1 
ATOM   323 C C   . SER A 1 59  ? -5.587  14.090  -4.968  1.00 91.49  ? 58  SER A C   1 
ATOM   324 O O   . SER A 1 59  ? -6.338  14.013  -5.943  1.00 94.98  ? 58  SER A O   1 
ATOM   325 C CB  . SER A 1 59  ? -3.923  15.224  -6.474  1.00 91.67  ? 58  SER A CB  1 
ATOM   326 O OG  . SER A 1 59  ? -2.754  16.021  -6.508  1.00 100.60 ? 58  SER A OG  1 
ATOM   327 N N   . THR A 1 60  ? -5.923  13.635  -3.766  1.00 84.09  ? 59  THR A N   1 
ATOM   328 C CA  . THR A 1 60  ? -7.269  13.140  -3.509  1.00 95.64  ? 59  THR A CA  1 
ATOM   329 C C   . THR A 1 60  ? -7.607  13.431  -2.053  1.00 100.34 ? 59  THR A C   1 
ATOM   330 O O   . THR A 1 60  ? -6.718  13.607  -1.215  1.00 95.06  ? 59  THR A O   1 
ATOM   331 C CB  . THR A 1 60  ? -7.405  11.638  -3.824  1.00 85.29  ? 59  THR A CB  1 
ATOM   332 O OG1 . THR A 1 60  ? -6.649  10.877  -2.875  1.00 87.87  ? 59  THR A OG1 1 
ATOM   333 C CG2 . THR A 1 60  ? -6.906  11.315  -5.258  1.00 63.29  ? 59  THR A CG2 1 
ATOM   334 N N   . ARG A 1 61  ? -8.914  13.459  -1.767  1.00 107.57 ? 60  ARG A N   1 
ATOM   335 C CA  . ARG A 1 61  ? -9.446  13.965  -0.502  1.00 103.49 ? 60  ARG A CA  1 
ATOM   336 C C   . ARG A 1 61  ? -8.649  13.469  0.701   1.00 87.33  ? 60  ARG A C   1 
ATOM   337 O O   . ARG A 1 61  ? -8.235  12.309  0.767   1.00 72.13  ? 60  ARG A O   1 
ATOM   338 C CB  . ARG A 1 61  ? -10.923 13.570  -0.355  1.00 105.71 ? 60  ARG A CB  1 
ATOM   339 C CG  . ARG A 1 61  ? -11.862 14.228  -1.371  1.00 110.63 ? 60  ARG A CG  1 
ATOM   340 C CD  . ARG A 1 61  ? -12.737 13.189  -2.072  1.00 119.14 ? 60  ARG A CD  1 
ATOM   341 N NE  . ARG A 1 61  ? -13.435 12.312  -1.129  1.00 125.93 ? 60  ARG A NE  1 
ATOM   342 C CZ  . ARG A 1 61  ? -13.729 11.033  -1.363  1.00 119.54 ? 60  ARG A CZ  1 
ATOM   343 N NH1 . ARG A 1 61  ? -13.377 10.464  -2.513  1.00 114.15 ? 60  ARG A NH1 1 
ATOM   344 N NH2 . ARG A 1 61  ? -14.372 10.315  -0.444  1.00 114.14 ? 60  ARG A NH2 1 
ATOM   345 N N   . GLN A 1 62  ? -8.434  14.382  1.651   1.00 93.27  ? 61  GLN A N   1 
ATOM   346 C CA  . GLN A 1 62  ? -7.766  14.057  2.908   1.00 91.04  ? 61  GLN A CA  1 
ATOM   347 C C   . GLN A 1 62  ? -8.380  12.818  3.562   1.00 90.47  ? 61  GLN A C   1 
ATOM   348 O O   . GLN A 1 62  ? -7.668  11.891  3.979   1.00 94.28  ? 61  GLN A O   1 
ATOM   349 C CB  . GLN A 1 62  ? -7.841  15.286  3.832   1.00 103.13 ? 61  GLN A CB  1 
ATOM   350 C CG  . GLN A 1 62  ? -9.263  15.964  3.928   1.00 113.49 ? 61  GLN A CG  1 
ATOM   351 C CD  . GLN A 1 62  ? -9.416  17.345  3.214   1.00 102.99 ? 61  GLN A CD  1 
ATOM   352 O OE1 . GLN A 1 62  ? -8.591  17.753  2.400   1.00 98.78  ? 61  GLN A OE1 1 
ATOM   353 N NE2 . GLN A 1 62  ? -10.488 18.056  3.546   1.00 93.47  ? 61  GLN A NE2 1 
ATOM   354 N N   . ALA A 1 63  ? -9.716  12.766  3.613   1.00 94.33  ? 62  ALA A N   1 
ATOM   355 C CA  . ALA A 1 63  ? -10.408 11.638  4.233   1.00 84.07  ? 62  ALA A CA  1 
ATOM   356 C C   . ALA A 1 63  ? -10.238 10.355  3.420   1.00 76.40  ? 62  ALA A C   1 
ATOM   357 O O   . ALA A 1 63  ? -10.064 9.272   3.994   1.00 81.01  ? 62  ALA A O   1 
ATOM   358 C CB  . ALA A 1 63  ? -11.888 11.972  4.414   1.00 81.12  ? 62  ALA A CB  1 
ATOM   359 N N   . ALA A 1 64  ? -10.314 10.453  2.087   1.00 77.90  ? 63  ALA A N   1 
ATOM   360 C CA  . ALA A 1 64  ? -10.095 9.292   1.224   1.00 65.07  ? 63  ALA A CA  1 
ATOM   361 C C   . ALA A 1 64  ? -8.758  8.630   1.519   1.00 59.34  ? 63  ALA A C   1 
ATOM   362 O O   . ALA A 1 64  ? -8.687  7.423   1.773   1.00 57.43  ? 63  ALA A O   1 
ATOM   363 C CB  . ALA A 1 64  ? -10.158 9.701   -0.250  1.00 71.11  ? 63  ALA A CB  1 
ATOM   364 N N   . VAL A 1 65  ? -7.678  9.413   1.478   1.00 59.63  ? 64  VAL A N   1 
ATOM   365 C CA  . VAL A 1 65  ? -6.355  8.865   1.750   1.00 51.74  ? 64  VAL A CA  1 
ATOM   366 C C   . VAL A 1 65  ? -6.297  8.271   3.155   1.00 61.36  ? 64  VAL A C   1 
ATOM   367 O O   . VAL A 1 65  ? -5.733  7.184   3.362   1.00 42.81  ? 64  VAL A O   1 
ATOM   368 C CB  . VAL A 1 65  ? -5.287  9.953   1.532   1.00 45.60  ? 64  VAL A CB  1 
ATOM   369 C CG1 . VAL A 1 65  ? -3.900  9.472   1.955   1.00 35.12  ? 64  VAL A CG1 1 
ATOM   370 C CG2 . VAL A 1 65  ? -5.272  10.362  0.081   1.00 47.49  ? 64  VAL A CG2 1 
ATOM   371 N N   . SER A 1 66  ? -6.856  8.977   4.146   1.00 47.83  ? 65  SER A N   1 
ATOM   372 C CA  . SER A 1 66  ? -6.817  8.447   5.505   1.00 49.47  ? 65  SER A CA  1 
ATOM   373 C C   . SER A 1 66  ? -7.453  7.073   5.559   1.00 35.23  ? 65  SER A C   1 
ATOM   374 O O   . SER A 1 66  ? -6.893  6.145   6.149   1.00 45.89  ? 65  SER A O   1 
ATOM   375 C CB  . SER A 1 66  ? -7.528  9.391   6.469   1.00 58.27  ? 65  SER A CB  1 
ATOM   376 O OG  . SER A 1 66  ? -7.286  10.735  6.101   1.00 78.51  ? 65  SER A OG  1 
ATOM   377 N N   . GLN A 1 67  ? -8.618  6.918   4.923   1.00 38.40  ? 66  GLN A N   1 
ATOM   378 C CA  . GLN A 1 67  ? -9.316  5.637   4.995   1.00 46.14  ? 66  GLN A CA  1 
ATOM   379 C C   . GLN A 1 67  ? -8.582  4.566   4.203   1.00 43.04  ? 66  GLN A C   1 
ATOM   380 O O   . GLN A 1 67  ? -8.545  3.407   4.621   1.00 37.49  ? 66  GLN A O   1 
ATOM   381 C CB  . GLN A 1 67  ? -10.756 5.747   4.494   1.00 42.93  ? 66  GLN A CB  1 
ATOM   382 C CG  . GLN A 1 67  ? -11.491 4.395   4.616   1.00 57.49  ? 66  GLN A CG  1 
ATOM   383 C CD  . GLN A 1 67  ? -12.851 4.348   3.925   1.00 64.41  ? 66  GLN A CD  1 
ATOM   384 O OE1 . GLN A 1 67  ? -13.695 5.215   4.132   1.00 64.28  ? 66  GLN A OE1 1 
ATOM   385 N NE2 . GLN A 1 67  ? -13.069 3.313   3.112   1.00 64.28  ? 66  GLN A NE2 1 
ATOM   386 N N   . GLN A 1 68  ? -7.985  4.933   3.066   1.00 38.45  ? 67  GLN A N   1 
ATOM   387 C CA  . GLN A 1 68  ? -7.215  3.962   2.287   1.00 37.18  ? 67  GLN A CA  1 
ATOM   388 C C   . GLN A 1 68  ? -6.023  3.446   3.070   1.00 43.20  ? 67  GLN A C   1 
ATOM   389 O O   . GLN A 1 68  ? -5.763  2.235   3.104   1.00 33.36  ? 67  GLN A O   1 
ATOM   390 C CB  . GLN A 1 68  ? -6.752  4.599   0.982   1.00 34.19  ? 67  GLN A CB  1 
ATOM   391 C CG  . GLN A 1 68  ? -7.899  4.793   0.042   1.00 44.89  ? 67  GLN A CG  1 
ATOM   392 C CD  . GLN A 1 68  ? -7.608  5.872   -0.952  1.00 53.08  ? 67  GLN A CD  1 
ATOM   393 O OE1 . GLN A 1 68  ? -6.738  6.713   -0.723  1.00 43.34  ? 67  GLN A OE1 1 
ATOM   394 N NE2 . GLN A 1 68  ? -8.322  5.858   -2.073  1.00 43.27  ? 67  GLN A NE2 1 
ATOM   395 N N   . LEU A 1 69  ? -5.283  4.355   3.709   1.00 37.21  ? 68  LEU A N   1 
ATOM   396 C CA  . LEU A 1 69  ? -4.201  3.945   4.594   1.00 38.90  ? 68  LEU A CA  1 
ATOM   397 C C   . LEU A 1 69  ? -4.717  3.055   5.718   1.00 49.13  ? 68  LEU A C   1 
ATOM   398 O O   . LEU A 1 69  ? -4.107  2.030   6.041   1.00 29.06  ? 68  LEU A O   1 
ATOM   399 C CB  . LEU A 1 69  ? -3.523  5.183   5.184   1.00 34.69  ? 68  LEU A CB  1 
ATOM   400 C CG  . LEU A 1 69  ? -2.721  5.904   4.121   1.00 39.45  ? 68  LEU A CG  1 
ATOM   401 C CD1 . LEU A 1 69  ? -2.376  7.357   4.546   1.00 51.11  ? 68  LEU A CD1 1 
ATOM   402 C CD2 . LEU A 1 69  ? -1.472  5.055   3.831   1.00 38.43  ? 68  LEU A CD2 1 
ATOM   403 N N   . ALA A 1 70  ? -5.823  3.466   6.360   1.00 34.38  ? 69  ALA A N   1 
ATOM   404 C CA  . ALA A 1 70  ? -6.373  2.679   7.461   1.00 44.74  ? 69  ALA A CA  1 
ATOM   405 C C   . ALA A 1 70  ? -6.707  1.266   6.993   1.00 35.62  ? 69  ALA A C   1 
ATOM   406 O O   . ALA A 1 70  ? -6.370  0.277   7.646   1.00 29.67  ? 69  ALA A O   1 
ATOM   407 C CB  . ALA A 1 70  ? -7.613  3.379   8.032   1.00 32.67  ? 69  ALA A CB  1 
ATOM   408 N N   . ARG A 1 71  ? -7.359  1.157   5.843   1.00 37.81  ? 70  ARG A N   1 
ATOM   409 C CA  . ARG A 1 71  ? -7.659  -0.149  5.286   1.00 38.79  ? 70  ARG A CA  1 
ATOM   410 C C   . ARG A 1 71  ? -6.370  -0.935  5.048   1.00 45.88  ? 70  ARG A C   1 
ATOM   411 O O   . ARG A 1 71  ? -6.233  -2.082  5.496   1.00 32.81  ? 70  ARG A O   1 
ATOM   412 C CB  . ARG A 1 71  ? -8.467  0.018   3.989   1.00 34.71  ? 70  ARG A CB  1 
ATOM   413 C CG  . ARG A 1 71  ? -8.835  -1.314  3.304   1.00 41.60  ? 70  ARG A CG  1 
ATOM   414 C CD  . ARG A 1 71  ? -9.686  -2.174  4.256   1.00 52.93  ? 70  ARG A CD  1 
ATOM   415 N NE  . ARG A 1 71  ? -10.090 -3.446  3.667   1.00 63.44  ? 70  ARG A NE  1 
ATOM   416 C CZ  . ARG A 1 71  ? -11.151 -3.600  2.879   1.00 67.94  ? 70  ARG A CZ  1 
ATOM   417 N NH1 . ARG A 1 71  ? -11.911 -2.548  2.589   1.00 45.75  ? 70  ARG A NH1 1 
ATOM   418 N NH2 . ARG A 1 71  ? -11.453 -4.800  2.387   1.00 73.49  ? 70  ARG A NH2 1 
ATOM   419 N N   . LEU A 1 72  ? -5.394  -0.329  4.365   1.00 39.50  ? 71  LEU A N   1 
ATOM   420 C CA  . LEU A 1 72  ? -4.167  -1.077  4.075   1.00 36.85  ? 71  LEU A CA  1 
ATOM   421 C C   . LEU A 1 72  ? -3.511  -1.559  5.363   1.00 41.79  ? 71  LEU A C   1 
ATOM   422 O O   . LEU A 1 72  ? -3.012  -2.692  5.430   1.00 43.44  ? 71  LEU A O   1 
ATOM   423 C CB  . LEU A 1 72  ? -3.201  -0.227  3.258   1.00 27.61  ? 71  LEU A CB  1 
ATOM   424 C CG  . LEU A 1 72  ? -3.685  0.083   1.835   1.00 34.19  ? 71  LEU A CG  1 
ATOM   425 C CD1 . LEU A 1 72  ? -2.876  1.221   1.220   1.00 26.77  ? 71  LEU A CD1 1 
ATOM   426 C CD2 . LEU A 1 72  ? -3.635  -1.136  0.964   1.00 28.01  ? 71  LEU A CD2 1 
ATOM   427 N N   . ARG A 1 73  ? -3.512  -0.708  6.394   1.00 34.70  ? 72  ARG A N   1 
ATOM   428 C CA  . ARG A 1 73  ? -2.995  -1.093  7.703   1.00 35.75  ? 72  ARG A CA  1 
ATOM   429 C C   . ARG A 1 73  ? -3.785  -2.265  8.251   1.00 35.70  ? 72  ARG A C   1 
ATOM   430 O O   . ARG A 1 73  ? -3.215  -3.292  8.630   1.00 40.35  ? 72  ARG A O   1 
ATOM   431 C CB  . ARG A 1 73  ? -3.063  0.096   8.669   1.00 41.86  ? 72  ARG A CB  1 
ATOM   432 C CG  . ARG A 1 73  ? -2.566  -0.245  10.069  1.00 64.71  ? 72  ARG A CG  1 
ATOM   433 C CD  . ARG A 1 73  ? -3.089  0.717   11.138  1.00 82.12  ? 72  ARG A CD  1 
ATOM   434 N NE  . ARG A 1 73  ? -2.805  2.119   10.824  1.00 80.10  ? 72  ARG A NE  1 
ATOM   435 C CZ  . ARG A 1 73  ? -1.638  2.720   11.042  1.00 76.49  ? 72  ARG A CZ  1 
ATOM   436 N NH1 . ARG A 1 73  ? -0.632  2.038   11.581  1.00 83.79  ? 72  ARG A NH1 1 
ATOM   437 N NH2 . ARG A 1 73  ? -1.478  4.002   10.719  1.00 73.35  ? 72  ARG A NH2 1 
ATOM   438 N N   . LEU A 1 74  ? -5.112  -2.154  8.243   1.00 37.99  ? 73  LEU A N   1 
ATOM   439 C CA  . LEU A 1 74  ? -5.944  -3.266  8.702   1.00 49.69  ? 73  LEU A CA  1 
ATOM   440 C C   . LEU A 1 74  ? -5.574  -4.556  7.992   1.00 52.59  ? 73  LEU A C   1 
ATOM   441 O O   . LEU A 1 74  ? -5.523  -5.624  8.613   1.00 56.32  ? 73  LEU A O   1 
ATOM   442 C CB  . LEU A 1 74  ? -7.432  -2.975  8.475   1.00 39.87  ? 73  LEU A CB  1 
ATOM   443 C CG  . LEU A 1 74  ? -8.447  -3.969  9.076   1.00 41.69  ? 73  LEU A CG  1 
ATOM   444 C CD1 . LEU A 1 74  ? -8.611  -3.701  10.551  1.00 41.54  ? 73  LEU A CD1 1 
ATOM   445 C CD2 . LEU A 1 74  ? -9.783  -3.855  8.380   1.00 40.36  ? 73  LEU A CD2 1 
ATOM   446 N N   . GLU A 1 75  ? -5.327  -4.491  6.686   1.00 54.13  ? 74  GLU A N   1 
ATOM   447 C CA  . GLU A 1 75  ? -5.039  -5.718  5.961   1.00 41.39  ? 74  GLU A CA  1 
ATOM   448 C C   . GLU A 1 75  ? -3.592  -6.132  6.071   1.00 45.04  ? 74  GLU A C   1 
ATOM   449 O O   . GLU A 1 75  ? -3.175  -7.055  5.368   1.00 46.94  ? 74  GLU A O   1 
ATOM   450 C CB  . GLU A 1 75  ? -5.462  -5.581  4.503   1.00 30.28  ? 74  GLU A CB  1 
ATOM   451 C CG  . GLU A 1 75  ? -6.978  -5.656  4.430   1.00 51.74  ? 74  GLU A CG  1 
ATOM   452 C CD  . GLU A 1 75  ? -7.529  -5.575  3.042   1.00 69.98  ? 74  GLU A CD  1 
ATOM   453 O OE1 . GLU A 1 75  ? -7.214  -4.589  2.348   1.00 78.05  ? 74  GLU A OE1 1 
ATOM   454 O OE2 . GLU A 1 75  ? -8.305  -6.479  2.657   1.00 79.10  ? 74  GLU A OE2 1 
ATOM   455 N N   . GLY A 1 76  ? -2.828  -5.472  6.933   1.00 38.46  ? 75  GLY A N   1 
ATOM   456 C CA  . GLY A 1 76  ? -1.441  -5.839  7.139   1.00 46.73  ? 75  GLY A CA  1 
ATOM   457 C C   . GLY A 1 76  ? -0.505  -5.495  6.008   1.00 42.23  ? 75  GLY A C   1 
ATOM   458 O O   . GLY A 1 76  ? 0.600   -6.042  5.950   1.00 42.81  ? 75  GLY A O   1 
ATOM   459 N N   . LEU A 1 77  ? -0.903  -4.588  5.115   1.00 47.46  ? 76  LEU A N   1 
ATOM   460 C CA  . LEU A 1 77  ? -0.120  -4.278  3.923   1.00 44.87  ? 76  LEU A CA  1 
ATOM   461 C C   . LEU A 1 77  ? 0.843   -3.124  4.150   1.00 57.29  ? 76  LEU A C   1 
ATOM   462 O O   . LEU A 1 77  ? 1.901   -3.061  3.499   1.00 36.46  ? 76  LEU A O   1 
ATOM   463 C CB  . LEU A 1 77  ? -1.061  -3.971  2.760   1.00 34.83  ? 76  LEU A CB  1 
ATOM   464 C CG  . LEU A 1 77  ? -1.947  -5.167  2.380   1.00 48.01  ? 76  LEU A CG  1 
ATOM   465 C CD1 . LEU A 1 77  ? -3.008  -4.794  1.338   1.00 36.30  ? 76  LEU A CD1 1 
ATOM   466 C CD2 . LEU A 1 77  ? -1.071  -6.281  1.832   1.00 59.24  ? 76  LEU A CD2 1 
ATOM   467 N N   . VAL A 1 78  ? 0.514   -2.224  5.081   1.00 34.23  ? 77  VAL A N   1 
ATOM   468 C CA  . VAL A 1 78  ? 1.394   -1.132  5.457   1.00 37.13  ? 77  VAL A CA  1 
ATOM   469 C C   . VAL A 1 78  ? 1.419   -1.010  6.971   1.00 47.84  ? 77  VAL A C   1 
ATOM   470 O O   . VAL A 1 78  ? 0.553   -1.530  7.677   1.00 49.51  ? 77  VAL A O   1 
ATOM   471 C CB  . VAL A 1 78  ? 0.955   0.195   4.836   1.00 35.21  ? 77  VAL A CB  1 
ATOM   472 C CG1 . VAL A 1 78  ? 0.548   -0.041  3.370   1.00 33.72  ? 77  VAL A CG1 1 
ATOM   473 C CG2 . VAL A 1 78  ? -0.196  0.793   5.678   1.00 33.74  ? 77  VAL A CG2 1 
ATOM   474 N N   . GLN A 1 79  ? 2.449   -0.312  7.453   1.00 42.32  ? 78  GLN A N   1 
ATOM   475 C CA  . GLN A 1 79  ? 2.659   0.005   8.856   1.00 38.55  ? 78  GLN A CA  1 
ATOM   476 C C   . GLN A 1 79  ? 3.050   1.466   8.933   1.00 51.91  ? 78  GLN A C   1 
ATOM   477 O O   . GLN A 1 79  ? 3.433   2.062   7.923   1.00 50.49  ? 78  GLN A O   1 
ATOM   478 C CB  . GLN A 1 79  ? 3.754   -0.862  9.468   1.00 53.55  ? 78  GLN A CB  1 
ATOM   479 C CG  . GLN A 1 79  ? 5.109   -0.693  8.776   1.00 63.46  ? 78  GLN A CG  1 
ATOM   480 C CD  . GLN A 1 79  ? 6.020   -1.899  8.968   1.00 59.20  ? 78  GLN A CD  1 
ATOM   481 O OE1 . GLN A 1 79  ? 5.794   -2.728  9.846   1.00 62.63  ? 78  GLN A OE1 1 
ATOM   482 N NE2 . GLN A 1 79  ? 7.051   -2.004  8.136   1.00 56.78  ? 78  GLN A NE2 1 
ATOM   483 N N   . SER A 1 80  ? 2.943   2.055   10.131  1.00 45.60  ? 79  SER A N   1 
ATOM   484 C CA  . SER A 1 80  ? 3.315   3.448   10.331  1.00 47.27  ? 79  SER A CA  1 
ATOM   485 C C   . SER A 1 80  ? 4.154   3.589   11.595  1.00 60.28  ? 79  SER A C   1 
ATOM   486 O O   . SER A 1 80  ? 4.107   2.745   12.489  1.00 59.08  ? 79  SER A O   1 
ATOM   487 C CB  . SER A 1 80  ? 2.083   4.366   10.412  1.00 56.46  ? 79  SER A CB  1 
ATOM   488 O OG  . SER A 1 80  ? 1.296   4.095   11.556  1.00 61.74  ? 79  SER A OG  1 
ATOM   489 N N   . ARG A 1 81  ? 4.925   4.677   11.645  1.00 54.49  ? 80  ARG A N   1 
ATOM   490 C CA  . ARG A 1 81  ? 5.715   5.059   12.815  1.00 63.34  ? 80  ARG A CA  1 
ATOM   491 C C   . ARG A 1 81  ? 5.722   6.576   12.893  1.00 59.46  ? 80  ARG A C   1 
ATOM   492 O O   . ARG A 1 81  ? 5.435   7.255   11.909  1.00 60.88  ? 80  ARG A O   1 
ATOM   493 C CB  . ARG A 1 81  ? 7.154   4.520   12.746  1.00 65.59  ? 80  ARG A CB  1 
ATOM   494 C CG  . ARG A 1 81  ? 8.151   5.498   12.136  1.00 72.97  ? 80  ARG A CG  1 
ATOM   495 C CD  . ARG A 1 81  ? 9.450   4.831   11.660  1.00 75.15  ? 80  ARG A CD  1 
ATOM   496 N NE  . ARG A 1 81  ? 10.191  5.718   10.759  1.00 71.65  ? 80  ARG A NE  1 
ATOM   497 C CZ  . ARG A 1 81  ? 10.780  6.853   11.138  1.00 86.77  ? 80  ARG A CZ  1 
ATOM   498 N NH1 . ARG A 1 81  ? 10.726  7.243   12.408  1.00 94.65  ? 80  ARG A NH1 1 
ATOM   499 N NH2 . ARG A 1 81  ? 11.422  7.608   10.251  1.00 76.89  ? 80  ARG A NH2 1 
ATOM   500 N N   . ARG A 1 82  ? 6.063   7.120   14.060  1.00 76.18  ? 81  ARG A N   1 
ATOM   501 C CA  . ARG A 1 82  ? 6.027   8.566   14.244  1.00 76.23  ? 81  ARG A CA  1 
ATOM   502 C C   . ARG A 1 82  ? 7.428   9.155   14.360  1.00 80.11  ? 81  ARG A C   1 
ATOM   503 O O   . ARG A 1 82  ? 8.394   8.470   14.712  1.00 76.17  ? 81  ARG A O   1 
ATOM   504 C CB  . ARG A 1 82  ? 5.216   8.972   15.483  1.00 89.23  ? 81  ARG A CB  1 
ATOM   505 C CG  . ARG A 1 82  ? 4.880   10.481  15.514  1.00 110.41 ? 81  ARG A CG  1 
ATOM   506 C CD  . ARG A 1 82  ? 4.138   10.993  16.781  1.00 107.25 ? 81  ARG A CD  1 
ATOM   507 N NE  . ARG A 1 82  ? 2.944   10.234  17.152  1.00 104.53 ? 81  ARG A NE  1 
ATOM   508 C CZ  . ARG A 1 82  ? 2.961   9.052   17.756  1.00 116.11 ? 81  ARG A CZ  1 
ATOM   509 N NH1 . ARG A 1 82  ? 4.113   8.488   18.077  1.00 127.40 ? 81  ARG A NH1 1 
ATOM   510 N NH2 . ARG A 1 82  ? 1.825   8.437   18.056  1.00 115.03 ? 81  ARG A NH2 1 
ATOM   511 N N   . GLU A 1 83  ? 7.522   10.442  14.023  1.00 98.19  ? 82  GLU A N   1 
ATOM   512 C CA  . GLU A 1 83  ? 8.711   11.246  14.292  1.00 97.18  ? 82  GLU A CA  1 
ATOM   513 C C   . GLU A 1 83  ? 8.248   12.690  14.445  1.00 100.22 ? 82  GLU A C   1 
ATOM   514 O O   . GLU A 1 83  ? 7.769   13.296  13.478  1.00 104.68 ? 82  GLU A O   1 
ATOM   515 C CB  . GLU A 1 83  ? 9.738   11.110  13.180  1.00 85.81  ? 82  GLU A CB  1 
ATOM   516 C CG  . GLU A 1 83  ? 11.126  10.801  13.691  1.00 95.01  ? 82  GLU A CG  1 
ATOM   517 C CD  . GLU A 1 83  ? 12.026  10.227  12.615  1.00 102.07 ? 82  GLU A CD  1 
ATOM   518 O OE1 . GLU A 1 83  ? 12.867  9.363   12.943  1.00 103.71 ? 82  GLU A OE1 1 
ATOM   519 O OE2 . GLU A 1 83  ? 11.896  10.640  11.442  1.00 109.61 ? 82  GLU A OE2 1 
ATOM   520 N N   . GLY A 1 84  ? 8.369   13.233  15.648  1.00 84.22  ? 83  GLY A N   1 
ATOM   521 C CA  . GLY A 1 84  ? 7.774   14.535  15.868  1.00 84.61  ? 83  GLY A CA  1 
ATOM   522 C C   . GLY A 1 84  ? 6.287   14.429  15.603  1.00 94.58  ? 83  GLY A C   1 
ATOM   523 O O   . GLY A 1 84  ? 5.597   13.549  16.133  1.00 97.19  ? 83  GLY A O   1 
ATOM   524 N N   . LYS A 1 85  ? 5.782   15.333  14.760  1.00 111.24 ? 84  LYS A N   1 
ATOM   525 C CA  . LYS A 1 85  ? 4.392   15.333  14.312  1.00 114.84 ? 84  LYS A CA  1 
ATOM   526 C C   . LYS A 1 85  ? 4.240   14.892  12.862  1.00 110.40 ? 84  LYS A C   1 
ATOM   527 O O   . LYS A 1 85  ? 3.305   15.332  12.177  1.00 111.70 ? 84  LYS A O   1 
ATOM   528 C CB  . LYS A 1 85  ? 3.775   16.715  14.476  1.00 115.13 ? 84  LYS A CB  1 
ATOM   529 C CG  . LYS A 1 85  ? 3.836   17.254  15.838  1.00 116.30 ? 84  LYS A CG  1 
ATOM   530 C CD  . LYS A 1 85  ? 3.125   16.372  16.768  1.00 113.19 ? 84  LYS A CD  1 
ATOM   531 C CE  . LYS A 1 85  ? 2.808   17.234  17.894  1.00 123.84 ? 84  LYS A CE  1 
ATOM   532 N NZ  . LYS A 1 85  ? 1.356   17.349  17.766  1.00 146.57 ? 84  LYS A NZ  1 
ATOM   533 N N   . THR A 1 86  ? 5.169   14.093  12.356  1.00 105.28 ? 85  THR A N   1 
ATOM   534 C CA  . THR A 1 86  ? 5.010   13.474  11.049  1.00 97.89  ? 85  THR A CA  1 
ATOM   535 C C   . THR A 1 86  ? 4.841   11.972  11.248  1.00 84.76  ? 85  THR A C   1 
ATOM   536 O O   . THR A 1 86  ? 5.630   11.336  11.960  1.00 76.96  ? 85  THR A O   1 
ATOM   537 C CB  . THR A 1 86  ? 6.200   13.789  10.141  1.00 94.26  ? 85  THR A CB  1 
ATOM   538 O OG1 . THR A 1 86  ? 7.394   13.792  10.928  1.00 98.71  ? 85  THR A OG1 1 
ATOM   539 C CG2 . THR A 1 86  ? 6.029   15.159  9.482   1.00 92.31  ? 85  THR A CG2 1 
ATOM   540 N N   . ILE A 1 87  ? 3.801   11.410  10.641  1.00 70.66  ? 86  ILE A N   1 
ATOM   541 C CA  . ILE A 1 87  ? 3.623   9.967   10.592  1.00 64.89  ? 86  ILE A CA  1 
ATOM   542 C C   . ILE A 1 87  ? 4.184   9.466   9.271   1.00 62.77  ? 86  ILE A C   1 
ATOM   543 O O   . ILE A 1 87  ? 3.908   10.047  8.212   1.00 61.22  ? 86  ILE A O   1 
ATOM   544 C CB  . ILE A 1 87  ? 2.150   9.572   10.744  1.00 66.45  ? 86  ILE A CB  1 
ATOM   545 C CG1 . ILE A 1 87  ? 1.644   10.001  12.110  1.00 70.37  ? 86  ILE A CG1 1 
ATOM   546 C CG2 . ILE A 1 87  ? 2.020   8.067   10.647  1.00 67.52  ? 86  ILE A CG2 1 
ATOM   547 C CD1 . ILE A 1 87  ? 2.392   9.339   13.219  1.00 74.02  ? 86  ILE A CD1 1 
ATOM   548 N N   . TYR A 1 88  ? 4.971   8.389   9.334   1.00 53.01  ? 87  TYR A N   1 
ATOM   549 C CA  . TYR A 1 88  ? 5.590   7.764   8.167   1.00 51.94  ? 87  TYR A CA  1 
ATOM   550 C C   . TYR A 1 88  ? 4.995   6.379   7.969   1.00 41.44  ? 87  TYR A C   1 
ATOM   551 O O   . TYR A 1 88  ? 5.099   5.519   8.850   1.00 52.68  ? 87  TYR A O   1 
ATOM   552 C CB  . TYR A 1 88  ? 7.112   7.669   8.321   1.00 44.14  ? 87  TYR A CB  1 
ATOM   553 C CG  . TYR A 1 88  ? 7.787   8.995   8.107   1.00 52.24  ? 87  TYR A CG  1 
ATOM   554 C CD1 . TYR A 1 88  ? 7.596   9.697   6.927   1.00 77.39  ? 87  TYR A CD1 1 
ATOM   555 C CD2 . TYR A 1 88  ? 8.572   9.573   9.095   1.00 60.23  ? 87  TYR A CD2 1 
ATOM   556 C CE1 . TYR A 1 88  ? 8.193   10.921  6.711   1.00 88.07  ? 87  TYR A CE1 1 
ATOM   557 C CE2 . TYR A 1 88  ? 9.167   10.820  8.898   1.00 76.87  ? 87  TYR A CE2 1 
ATOM   558 C CZ  . TYR A 1 88  ? 8.973   11.487  7.694   1.00 84.08  ? 87  TYR A CZ  1 
ATOM   559 O OH  . TYR A 1 88  ? 9.552   12.714  7.452   1.00 72.96  ? 87  TYR A OH  1 
ATOM   560 N N   . TYR A 1 89  ? 4.402   6.163   6.806   1.00 40.98  ? 88  TYR A N   1 
ATOM   561 C CA  . TYR A 1 89  ? 3.922   4.856   6.394   1.00 51.59  ? 88  TYR A CA  1 
ATOM   562 C C   . TYR A 1 89  ? 4.975   4.151   5.561   1.00 44.52  ? 88  TYR A C   1 
ATOM   563 O O   . TYR A 1 89  ? 5.733   4.787   4.829   1.00 61.38  ? 88  TYR A O   1 
ATOM   564 C CB  . TYR A 1 89  ? 2.652   4.984   5.571   1.00 41.53  ? 88  TYR A CB  1 
ATOM   565 C CG  . TYR A 1 89  ? 1.455   5.279   6.398   1.00 45.86  ? 88  TYR A CG  1 
ATOM   566 C CD1 . TYR A 1 89  ? 1.205   6.564   6.852   1.00 44.36  ? 88  TYR A CD1 1 
ATOM   567 C CD2 . TYR A 1 89  ? 0.555   4.266   6.722   1.00 49.91  ? 88  TYR A CD2 1 
ATOM   568 C CE1 . TYR A 1 89  ? 0.079   6.835   7.626   1.00 46.88  ? 88  TYR A CE1 1 
ATOM   569 C CE2 . TYR A 1 89  ? -0.560  4.524   7.476   1.00 60.26  ? 88  TYR A CE2 1 
ATOM   570 C CZ  . TYR A 1 89  ? -0.798  5.810   7.925   1.00 49.49  ? 88  TYR A CZ  1 
ATOM   571 O OH  . TYR A 1 89  ? -1.919  6.041   8.683   1.00 62.45  ? 88  TYR A OH  1 
ATOM   572 N N   . SER A 1 90  ? 5.009   2.829   5.674   1.00 50.45  ? 89  SER A N   1 
ATOM   573 C CA  . SER A 1 90  ? 5.882   2.003   4.848   1.00 53.85  ? 89  SER A CA  1 
ATOM   574 C C   . SER A 1 90  ? 5.191   0.675   4.568   1.00 48.18  ? 89  SER A C   1 
ATOM   575 O O   . SER A 1 90  ? 4.239   0.286   5.258   1.00 36.68  ? 89  SER A O   1 
ATOM   576 C CB  . SER A 1 90  ? 7.237   1.765   5.510   1.00 43.52  ? 89  SER A CB  1 
ATOM   577 O OG  . SER A 1 90  ? 7.102   1.015   6.699   1.00 49.15  ? 89  SER A OG  1 
ATOM   578 N N   . LEU A 1 91  ? 5.651   0.008   3.506   1.00 44.34  ? 90  LEU A N   1 
ATOM   579 C CA  . LEU A 1 91  ? 5.125   -1.309  3.166   1.00 35.28  ? 90  LEU A CA  1 
ATOM   580 C C   . LEU A 1 91  ? 5.425   -2.285  4.293   1.00 36.42  ? 90  LEU A C   1 
ATOM   581 O O   . LEU A 1 91  ? 6.481   -2.218  4.920   1.00 35.33  ? 90  LEU A O   1 
ATOM   582 C CB  . LEU A 1 91  ? 5.750   -1.807  1.874   1.00 39.52  ? 90  LEU A CB  1 
ATOM   583 C CG  . LEU A 1 91  ? 5.439   -1.001  0.619   1.00 43.81  ? 90  LEU A CG  1 
ATOM   584 C CD1 . LEU A 1 91  ? 6.312   -1.501  -0.528  1.00 30.56  ? 90  LEU A CD1 1 
ATOM   585 C CD2 . LEU A 1 91  ? 3.961   -1.132  0.298   1.00 37.82  ? 90  LEU A CD2 1 
ATOM   586 N N   . SER A 1 92  ? 4.490   -3.197  4.563   1.00 36.78  ? 91  SER A N   1 
ATOM   587 C CA  . SER A 1 92  ? 4.632   -4.089  5.714   1.00 45.21  ? 91  SER A CA  1 
ATOM   588 C C   . SER A 1 92  ? 4.713   -5.551  5.302   1.00 45.37  ? 91  SER A C   1 
ATOM   589 O O   . SER A 1 92  ? 5.764   -6.172  5.459   1.00 49.58  ? 91  SER A O   1 
ATOM   590 C CB  . SER A 1 92  ? 3.452   -3.825  6.655   1.00 44.73  ? 91  SER A CB  1 
ATOM   591 O OG  . SER A 1 92  ? 3.683   -4.361  7.928   1.00 76.17  ? 91  SER A OG  1 
ATOM   592 N N   . ASP A 1 93  ? 3.674   -6.107  4.716   1.00 43.63  ? 92  ASP A N   1 
ATOM   593 C CA  . ASP A 1 93  ? 3.656   -7.529  4.396   1.00 35.81  ? 92  ASP A CA  1 
ATOM   594 C C   . ASP A 1 93  ? 4.716   -7.866  3.358   1.00 53.78  ? 92  ASP A C   1 
ATOM   595 O O   . ASP A 1 93  ? 4.754   -7.237  2.296   1.00 42.89  ? 92  ASP A O   1 
ATOM   596 C CB  . ASP A 1 93  ? 2.283   -7.932  3.879   1.00 38.62  ? 92  ASP A CB  1 
ATOM   597 C CG  . ASP A 1 93  ? 2.193   -9.406  3.537   1.00 50.84  ? 92  ASP A CG  1 
ATOM   598 O OD1 . ASP A 1 93  ? 1.572   -10.167 4.311   1.00 77.63  ? 92  ASP A OD1 1 
ATOM   599 O OD2 . ASP A 1 93  ? 2.738   -9.810  2.489   1.00 52.17  ? 92  ASP A OD2 1 
ATOM   600 N N   . PRO A 1 94  ? 5.583   -8.842  3.621   1.00 58.18  ? 93  PRO A N   1 
ATOM   601 C CA  . PRO A 1 94  ? 6.613   -9.196  2.644   1.00 53.61  ? 93  PRO A CA  1 
ATOM   602 C C   . PRO A 1 94  ? 6.086   -9.633  1.267   1.00 39.92  ? 93  PRO A C   1 
ATOM   603 O O   . PRO A 1 94  ? 6.538   -9.098  0.236   1.00 48.86  ? 93  PRO A O   1 
ATOM   604 C CB  . PRO A 1 94  ? 7.407   -10.309 3.367   1.00 68.33  ? 93  PRO A CB  1 
ATOM   605 C CG  . PRO A 1 94  ? 6.593   -10.664 4.586   1.00 80.06  ? 93  PRO A CG  1 
ATOM   606 C CD  . PRO A 1 94  ? 5.852   -9.421  4.940   1.00 67.72  ? 93  PRO A CD  1 
ATOM   607 N N   . ARG A 1 95  ? 5.163   -10.570 1.228   1.00 42.60  ? 94  ARG A N   1 
ATOM   608 C CA  . ARG A 1 95  ? 4.642   -11.009 -0.082  1.00 47.18  ? 94  ARG A CA  1 
ATOM   609 C C   . ARG A 1 95  ? 4.038   -9.815  -0.822  1.00 50.16  ? 94  ARG A C   1 
ATOM   610 O O   . ARG A 1 95  ? 4.418   -9.599  -1.953  1.00 34.02  ? 94  ARG A O   1 
ATOM   611 C CB  . ARG A 1 95  ? 3.680   -12.176 0.119   1.00 53.04  ? 94  ARG A CB  1 
ATOM   612 C CG  . ARG A 1 95  ? 4.262   -13.279 0.987   1.00 107.55 ? 94  ARG A CG  1 
ATOM   613 C CD  . ARG A 1 95  ? 3.289   -14.383 1.318   1.00 117.97 ? 94  ARG A CD  1 
ATOM   614 N NE  . ARG A 1 95  ? 2.152   -13.857 2.047   1.00 126.33 ? 94  ARG A NE  1 
ATOM   615 C CZ  . ARG A 1 95  ? 1.324   -14.573 2.789   1.00 130.28 ? 94  ARG A CZ  1 
ATOM   616 N NH1 . ARG A 1 95  ? 0.319   -13.985 3.415   1.00 102.20 ? 94  ARG A NH1 1 
ATOM   617 N NH2 . ARG A 1 95  ? 1.512   -15.873 2.911   1.00 138.14 ? 94  ARG A NH2 1 
ATOM   618 N N   . ALA A 1 96  ? 3.179   -9.042  -0.166  1.00 39.45  ? 95  ALA A N   1 
ATOM   619 C CA  . ALA A 1 96  ? 2.537   -7.927  -0.862  1.00 41.95  ? 95  ALA A CA  1 
ATOM   620 C C   . ALA A 1 96  ? 3.570   -6.953  -1.387  1.00 34.65  ? 95  ALA A C   1 
ATOM   621 O O   . ALA A 1 96  ? 3.443   -6.437  -2.508  1.00 34.84  ? 95  ALA A O   1 
ATOM   622 C CB  . ALA A 1 96  ? 1.564   -7.187  0.054   1.00 27.47  ? 95  ALA A CB  1 
ATOM   623 N N   . ALA A 1 97  ? 4.585   -6.656  -0.578  1.00 29.02  ? 96  ALA A N   1 
ATOM   624 C CA  . ALA A 1 97  ? 5.559   -5.668  -1.000  1.00 29.33  ? 96  ALA A CA  1 
ATOM   625 C C   . ALA A 1 97  ? 6.266   -6.126  -2.269  1.00 32.92  ? 96  ALA A C   1 
ATOM   626 O O   . ALA A 1 97  ? 6.459   -5.329  -3.194  1.00 25.64  ? 96  ALA A O   1 
ATOM   627 C CB  . ALA A 1 97  ? 6.560   -5.399  0.117   1.00 28.31  ? 96  ALA A CB  1 
ATOM   628 N N   . ARG A 1 98  ? 6.603   -7.411  -2.348  1.00 28.17  ? 97  ARG A N   1 
ATOM   629 C CA  . ARG A 1 98  ? 7.289   -7.941  -3.558  1.00 37.03  ? 97  ARG A CA  1 
ATOM   630 C C   . ARG A 1 98  ? 6.352   -7.836  -4.757  1.00 38.75  ? 97  ARG A C   1 
ATOM   631 O O   . ARG A 1 98  ? 6.795   -7.413  -5.801  1.00 32.64  ? 97  ARG A O   1 
ATOM   632 C CB  . ARG A 1 98  ? 7.698   -9.402  -3.393  1.00 34.32  ? 97  ARG A CB  1 
ATOM   633 C CG  . ARG A 1 98  ? 8.738   -9.649  -2.314  1.00 70.05  ? 97  ARG A CG  1 
ATOM   634 C CD  . ARG A 1 98  ? 10.159  -9.346  -2.724  1.00 135.40 ? 97  ARG A CD  1 
ATOM   635 N NE  . ARG A 1 98  ? 10.484  -9.427  -4.141  1.00 141.01 ? 97  ARG A NE  1 
ATOM   636 C CZ  . ARG A 1 98  ? 11.358  -10.284 -4.667  1.00 111.71 ? 97  ARG A CZ  1 
ATOM   637 N NH1 . ARG A 1 98  ? 11.977  -11.166 -3.900  1.00 104.95 ? 97  ARG A NH1 1 
ATOM   638 N NH2 . ARG A 1 98  ? 11.599  -10.263 -5.963  1.00 132.47 ? 97  ARG A NH2 1 
ATOM   639 N N   . VAL A 1 99  ? 5.089   -8.203  -4.569  1.00 31.41  ? 98  VAL A N   1 
ATOM   640 C CA  . VAL A 1 99  ? 4.118   -8.135  -5.669  1.00 27.96  ? 98  VAL A CA  1 
ATOM   641 C C   . VAL A 1 99  ? 3.962   -6.709  -6.152  1.00 38.64  ? 98  VAL A C   1 
ATOM   642 O O   . VAL A 1 99  ? 3.846   -6.442  -7.354  1.00 33.58  ? 98  VAL A O   1 
ATOM   643 C CB  . VAL A 1 99  ? 2.743   -8.675  -5.242  1.00 30.70  ? 98  VAL A CB  1 
ATOM   644 C CG1 . VAL A 1 99  ? 1.694   -8.353  -6.350  1.00 25.39  ? 98  VAL A CG1 1 
ATOM   645 C CG2 . VAL A 1 99  ? 2.829   -10.140 -4.943  1.00 33.01  ? 98  VAL A CG2 1 
ATOM   646 N N   . VAL A 1 100 ? 3.901   -5.775  -5.207  1.00 38.62  ? 99  VAL A N   1 
ATOM   647 C CA  . VAL A 1 100 ? 3.718   -4.373  -5.529  1.00 29.38  ? 99  VAL A CA  1 
ATOM   648 C C   . VAL A 1 100 ? 4.947   -3.845  -6.242  1.00 38.66  ? 99  VAL A C   1 
ATOM   649 O O   . VAL A 1 100 ? 4.835   -3.049  -7.178  1.00 31.11  ? 99  VAL A O   1 
ATOM   650 C CB  . VAL A 1 100 ? 3.405   -3.587  -4.247  1.00 26.86  ? 99  VAL A CB  1 
ATOM   651 C CG1 . VAL A 1 100 ? 3.531   -2.092  -4.479  1.00 28.73  ? 99  VAL A CG1 1 
ATOM   652 C CG2 . VAL A 1 100 ? 2.010   -3.955  -3.748  1.00 29.14  ? 99  VAL A CG2 1 
ATOM   653 N N   . GLN A 1 101 ? 6.141   -4.303  -5.853  1.00 32.54  ? 100 GLN A N   1 
ATOM   654 C CA  . GLN A 1 101 ? 7.316   -3.862  -6.605  1.00 30.50  ? 100 GLN A CA  1 
ATOM   655 C C   . GLN A 1 101 ? 7.218   -4.324  -8.047  1.00 33.21  ? 100 GLN A C   1 
ATOM   656 O O   . GLN A 1 101 ? 7.512   -3.567  -8.984  1.00 30.39  ? 100 GLN A O   1 
ATOM   657 C CB  . GLN A 1 101 ? 8.597   -4.389  -5.961  1.00 34.20  ? 100 GLN A CB  1 
ATOM   658 C CG  . GLN A 1 101 ? 8.980   -3.629  -4.709  1.00 45.74  ? 100 GLN A CG  1 
ATOM   659 C CD  . GLN A 1 101 ? 10.177  -4.212  -4.024  1.00 56.41  ? 100 GLN A CD  1 
ATOM   660 O OE1 . GLN A 1 101 ? 10.423  -5.424  -4.090  1.00 58.02  ? 100 GLN A OE1 1 
ATOM   661 N NE2 . GLN A 1 101 ? 10.951  -3.352  -3.366  1.00 56.90  ? 100 GLN A NE2 1 
ATOM   662 N N   . THR A 1 102 ? 6.819   -5.577  -8.252  1.00 31.31  ? 101 THR A N   1 
ATOM   663 C CA  . THR A 1 102 ? 6.711   -6.060  -9.626  1.00 30.70  ? 101 THR A CA  1 
ATOM   664 C C   . THR A 1 102 ? 5.669   -5.259  -10.396 1.00 36.51  ? 101 THR A C   1 
ATOM   665 O O   . THR A 1 102 ? 5.919   -4.827  -11.531 1.00 29.18  ? 101 THR A O   1 
ATOM   666 C CB  . THR A 1 102 ? 6.377   -7.540  -9.635  1.00 33.90  ? 101 THR A CB  1 
ATOM   667 O OG1 . THR A 1 102 ? 7.450   -8.246  -9.007  1.00 33.85  ? 101 THR A OG1 1 
ATOM   668 C CG2 . THR A 1 102 ? 6.224   -8.033  -11.053 1.00 28.38  ? 101 THR A CG2 1 
ATOM   669 N N   . VAL A 1 103 ? 4.500   -5.034  -9.778  1.00 36.55  ? 102 VAL A N   1 
ATOM   670 C CA  . VAL A 1 103 ? 3.458   -4.226  -10.412 1.00 30.53  ? 102 VAL A CA  1 
ATOM   671 C C   . VAL A 1 103 ? 3.972   -2.819  -10.708 1.00 31.40  ? 102 VAL A C   1 
ATOM   672 O O   . VAL A 1 103 ? 3.740   -2.264  -11.793 1.00 41.03  ? 102 VAL A O   1 
ATOM   673 C CB  . VAL A 1 103 ? 2.192   -4.187  -9.552  1.00 30.20  ? 102 VAL A CB  1 
ATOM   674 C CG1 . VAL A 1 103 ? 1.227   -3.171  -10.152 1.00 37.75  ? 102 VAL A CG1 1 
ATOM   675 C CG2 . VAL A 1 103 ? 1.552   -5.601  -9.440  1.00 35.04  ? 102 VAL A CG2 1 
ATOM   676 N N   . TYR A 1 104 ? 4.702   -2.223  -9.785  1.00 39.04  ? 103 TYR A N   1 
ATOM   677 C CA  . TYR A 1 104 ? 5.193   -0.873  -10.014 1.00 34.96  ? 103 TYR A CA  1 
ATOM   678 C C   . TYR A 1 104 ? 6.145   -0.841  -11.202 1.00 41.55  ? 103 TYR A C   1 
ATOM   679 O O   . TYR A 1 104 ? 6.055   0.020   -12.080 1.00 34.58  ? 103 TYR A O   1 
ATOM   680 C CB  . TYR A 1 104 ? 5.905   -0.395  -8.755  1.00 40.84  ? 103 TYR A CB  1 
ATOM   681 C CG  . TYR A 1 104 ? 6.404   1.025   -8.791  1.00 69.17  ? 103 TYR A CG  1 
ATOM   682 C CD1 . TYR A 1 104 ? 7.723   1.303   -8.495  1.00 85.18  ? 103 TYR A CD1 1 
ATOM   683 C CD2 . TYR A 1 104 ? 5.561   2.085   -9.086  1.00 75.83  ? 103 TYR A CD2 1 
ATOM   684 C CE1 . TYR A 1 104 ? 8.205   2.588   -8.487  1.00 91.20  ? 103 TYR A CE1 1 
ATOM   685 C CE2 . TYR A 1 104 ? 6.037   3.396   -9.087  1.00 93.09  ? 103 TYR A CE2 1 
ATOM   686 C CZ  . TYR A 1 104 ? 7.370   3.639   -8.783  1.00 94.27  ? 103 TYR A CZ  1 
ATOM   687 O OH  . TYR A 1 104 ? 7.879   4.930   -8.768  1.00 94.44  ? 103 TYR A OH  1 
ATOM   688 N N   . GLU A 1 105 ? 7.084   -1.771  -11.226 1.00 38.19  ? 104 GLU A N   1 
ATOM   689 C CA  . GLU A 1 105 ? 8.084   -1.778  -12.276 1.00 43.32  ? 104 GLU A CA  1 
ATOM   690 C C   . GLU A 1 105 ? 7.456   -1.950  -13.644 1.00 40.35  ? 104 GLU A C   1 
ATOM   691 O O   . GLU A 1 105 ? 7.726   -1.170  -14.564 1.00 43.92  ? 104 GLU A O   1 
ATOM   692 C CB  . GLU A 1 105 ? 9.065   -2.910  -12.016 1.00 41.84  ? 104 GLU A CB  1 
ATOM   693 C CG  . GLU A 1 105 ? 10.124  -3.097  -13.049 1.00 63.39  ? 104 GLU A CG  1 
ATOM   694 C CD  . GLU A 1 105 ? 11.320  -3.802  -12.460 1.00 69.53  ? 104 GLU A CD  1 
ATOM   695 O OE1 . GLU A 1 105 ? 11.286  -5.038  -12.257 1.00 72.72  ? 104 GLU A OE1 1 
ATOM   696 O OE2 . GLU A 1 105 ? 12.283  -3.092  -12.145 1.00 72.23  ? 104 GLU A OE2 1 
ATOM   697 N N   . GLN A 1 106 ? 6.595   -2.956  -13.749 1.00 40.31  ? 105 GLN A N   1 
ATOM   698 C CA  . GLN A 1 106 ? 5.930   -3.373  -15.005 1.00 73.77  ? 105 GLN A CA  1 
ATOM   699 C C   . GLN A 1 106 ? 4.980   -2.303  -15.532 1.00 75.38  ? 105 GLN A C   1 
ATOM   700 O O   . GLN A 1 106 ? 4.886   -2.184  -16.737 1.00 65.93  ? 105 GLN A O   1 
ATOM   701 C CB  . GLN A 1 106 ? 5.175   -4.682  -14.812 1.00 58.97  ? 105 GLN A CB  1 
ATOM   702 C CG  . GLN A 1 106 ? 6.078   -5.877  -14.569 1.00 52.87  ? 105 GLN A CG  1 
ATOM   703 C CD  . GLN A 1 106 ? 6.876   -6.214  -15.798 1.00 88.15  ? 105 GLN A CD  1 
ATOM   704 O OE1 . GLN A 1 106 ? 6.419   -6.038  -16.910 1.00 88.51  ? 105 GLN A OE1 1 
ATOM   705 N NE2 . GLN A 1 106 ? 8.085   -6.686  -15.603 1.00 120.29 ? 105 GLN A NE2 1 
ATOM   706 N N   . PHE A 1 107 ? 4.315   -1.547  -14.666 1.00 73.52  ? 106 PHE A N   1 
ATOM   707 C CA  . PHE A 1 107 ? 3.373   -0.537  -15.203 1.00 66.21  ? 106 PHE A CA  1 
ATOM   708 C C   . PHE A 1 107 ? 4.018   0.839   -15.338 1.00 82.99  ? 106 PHE A C   1 
ATOM   709 O O   . PHE A 1 107 ? 3.279   1.783   -15.534 1.00 99.42  ? 106 PHE A O   1 
ATOM   710 C CB  . PHE A 1 107 ? 2.066   -0.538  -14.426 1.00 57.97  ? 106 PHE A CB  1 
ATOM   711 C CG  . PHE A 1 107 ? 1.211   -1.708  -14.796 1.00 52.22  ? 106 PHE A CG  1 
ATOM   712 C CD1 . PHE A 1 107 ? 0.287   -1.604  -15.814 1.00 57.83  ? 106 PHE A CD1 1 
ATOM   713 C CD2 . PHE A 1 107 ? 1.381   -2.926  -14.179 1.00 41.82  ? 106 PHE A CD2 1 
ATOM   714 C CE1 . PHE A 1 107 ? -0.475  -2.690  -16.183 1.00 40.74  ? 106 PHE A CE1 1 
ATOM   715 C CE2 . PHE A 1 107 ? 0.610   -4.010  -14.541 1.00 50.73  ? 106 PHE A CE2 1 
ATOM   716 C CZ  . PHE A 1 107 ? -0.309  -3.888  -15.546 1.00 48.58  ? 106 PHE A CZ  1 
ATOM   717 N N   . CYS A 1 108 ? 5.347   0.917   -15.300 1.00 82.46  ? 107 CYS A N   1 
ATOM   718 C CA  . CYS A 1 108 ? 6.050   2.215   -15.457 1.00 77.44  ? 107 CYS A CA  1 
ATOM   719 C C   . CYS A 1 108 ? 6.936   2.250   -16.712 1.00 77.19  ? 107 CYS A C   1 
ATOM   720 O O   . CYS A 1 108 ? 7.207   3.362   -17.154 1.00 90.83  ? 107 CYS A O   1 
ATOM   721 C CB  . CYS A 1 108 ? 6.845   2.559   -14.212 1.00 78.41  ? 107 CYS A CB  1 
ATOM   722 S SG  . CYS A 1 108 ? 5.810   3.231   -12.895 1.00 67.84  ? 107 CYS A SG  1 
ATOM   723 N N   . SER A 1 109 ? 7.376   1.100   -17.242 1.00 77.15  ? 108 SER A N   1 
ATOM   724 C CA  . SER A 1 109 ? 8.169   1.016   -18.460 1.00 86.85  ? 108 SER A CA  1 
ATOM   725 C C   . SER A 1 109 ? 7.348   1.156   -19.754 1.00 90.23  ? 108 SER A C   1 
ATOM   726 O O   . SER A 1 109 ? 7.668   1.980   -20.637 1.00 90.93  ? 108 SER A O   1 
ATOM   727 C CB  . SER A 1 109 ? 8.941   -0.301  -18.489 1.00 83.81  ? 108 SER A CB  1 
ATOM   728 O OG  . SER A 1 109 ? 9.356   -0.674  -17.193 1.00 71.13  ? 108 SER A OG  1 
HETATM 729 C C1  . GOL B 2 .   ? -12.826 -0.606  -6.296  1.00 101.20 ? 201 GOL A C1  1 
HETATM 730 O O1  . GOL B 2 .   ? -13.864 -1.539  -6.305  1.00 96.69  ? 201 GOL A O1  1 
HETATM 731 C C2  . GOL B 2 .   ? -12.049 -0.705  -7.645  1.00 102.88 ? 201 GOL A C2  1 
HETATM 732 O O2  . GOL B 2 .   ? -12.901 -0.827  -8.722  1.00 104.53 ? 201 GOL A O2  1 
HETATM 733 C C3  . GOL B 2 .   ? -11.219 0.625   -7.655  1.00 94.94  ? 201 GOL A C3  1 
HETATM 734 O O3  . GOL B 2 .   ? -10.244 0.548   -8.672  1.00 86.59  ? 201 GOL A O3  1 
HETATM 735 H H11 . GOL B 2 .   ? -13.149 0.302   -6.188  1.00 121.53 ? 201 GOL A H11 1 
HETATM 736 H H12 . GOL B 2 .   ? -12.205 -0.757  -5.567  1.00 121.53 ? 201 GOL A H12 1 
HETATM 737 H HO1 . GOL B 2 .   ? -14.375 -1.325  -6.950  1.00 116.12 ? 201 GOL A HO1 1 
HETATM 738 H H2  . GOL B 2 .   ? -11.479 -1.488  -7.693  1.00 123.55 ? 201 GOL A H2  1 
HETATM 739 H HO2 . GOL B 2 .   ? -13.212 -1.618  -8.721  1.00 125.53 ? 201 GOL A HO2 1 
HETATM 740 H H31 . GOL B 2 .   ? -11.833 1.366   -7.776  1.00 114.03 ? 201 GOL A H31 1 
HETATM 741 H H32 . GOL B 2 .   ? -10.835 0.750   -6.773  1.00 114.03 ? 201 GOL A H32 1 
HETATM 742 H HO3 . GOL B 2 .   ? -9.877  1.313   -8.718  1.00 104.01 ? 201 GOL A HO3 1 
HETATM 743 S S   . SO4 C 3 .   ? -13.383 -2.976  -0.848  1.00 73.28  ? 202 SO4 A S   1 
HETATM 744 O O1  . SO4 C 3 .   ? -11.994 -3.375  -0.598  1.00 71.77  ? 202 SO4 A O1  1 
HETATM 745 O O2  . SO4 C 3 .   ? -14.069 -4.074  -1.532  1.00 79.87  ? 202 SO4 A O2  1 
HETATM 746 O O3  . SO4 C 3 .   ? -14.079 -2.717  0.415   1.00 70.84  ? 202 SO4 A O3  1 
HETATM 747 O O4  . SO4 C 3 .   ? -13.396 -1.771  -1.683  1.00 59.08  ? 202 SO4 A O4  1 
HETATM 748 S S   . SO4 D 3 .   ? -9.775  2.878   -3.668  1.00 51.21  ? 203 SO4 A S   1 
HETATM 749 O O1  . SO4 D 3 .   ? -8.493  2.352   -3.164  1.00 49.84  ? 203 SO4 A O1  1 
HETATM 750 O O2  . SO4 D 3 .   ? -10.721 1.791   -3.901  1.00 46.19  ? 203 SO4 A O2  1 
HETATM 751 O O3  . SO4 D 3 .   ? -10.366 3.789   -2.691  1.00 51.31  ? 203 SO4 A O3  1 
HETATM 752 O O4  . SO4 D 3 .   ? -9.509  3.565   -4.924  1.00 59.53  ? 203 SO4 A O4  1 
HETATM 753 S S   . SO4 E 3 .   ? -17.068 2.581   2.777   1.00 124.75 ? 204 SO4 A S   1 
HETATM 754 O O1  . SO4 E 3 .   ? -18.441 2.261   2.405   1.00 137.74 ? 204 SO4 A O1  1 
HETATM 755 O O2  . SO4 E 3 .   ? -16.299 1.346   2.889   1.00 113.44 ? 204 SO4 A O2  1 
HETATM 756 O O3  . SO4 E 3 .   ? -17.061 3.320   4.042   1.00 117.90 ? 204 SO4 A O3  1 
HETATM 757 O O4  . SO4 E 3 .   ? -16.467 3.403   1.736   1.00 125.12 ? 204 SO4 A O4  1 
HETATM 758 O O   . HOH F 4 .   ? -12.658 -14.454 1.980   1.00 66.24  ? 301 HOH A O   1 
HETATM 759 O O   . HOH F 4 .   ? 10.006  11.029  0.046   1.00 51.35  ? 302 HOH A O   1 
HETATM 760 O O   . HOH F 4 .   ? -7.547  -3.372  0.325   1.00 41.47  ? 303 HOH A O   1 
HETATM 761 O O   . HOH F 4 .   ? 9.437   -6.486  -12.825 1.00 44.33  ? 304 HOH A O   1 
HETATM 762 O O   . HOH F 4 .   ? 7.313   5.105   -5.577  1.00 36.46  ? 305 HOH A O   1 
HETATM 763 O O   . HOH F 4 .   ? 2.066   1.139   12.386  1.00 58.12  ? 306 HOH A O   1 
HETATM 764 O O   . HOH F 4 .   ? 7.880   1.431   2.057   1.00 37.28  ? 307 HOH A O   1 
HETATM 765 O O   . HOH F 4 .   ? 3.678   -4.843  1.798   1.00 45.38  ? 308 HOH A O   1 
HETATM 766 O O   . HOH F 4 .   ? 10.707  7.885   -0.327  1.00 41.55  ? 309 HOH A O   1 
HETATM 767 O O   . HOH F 4 .   ? -11.257 -5.917  -1.551  1.00 49.91  ? 310 HOH A O   1 
HETATM 768 O O   . HOH F 4 .   ? 13.937  4.955   -0.525  1.00 45.84  ? 311 HOH A O   1 
# 
loop_
_atom_site_anisotrop.id 
_atom_site_anisotrop.type_symbol 
_atom_site_anisotrop.pdbx_label_atom_id 
_atom_site_anisotrop.pdbx_label_alt_id 
_atom_site_anisotrop.pdbx_label_comp_id 
_atom_site_anisotrop.pdbx_label_asym_id 
_atom_site_anisotrop.pdbx_label_seq_id 
_atom_site_anisotrop.pdbx_PDB_ins_code 
_atom_site_anisotrop.U[1][1] 
_atom_site_anisotrop.U[2][2] 
_atom_site_anisotrop.U[3][3] 
_atom_site_anisotrop.U[1][2] 
_atom_site_anisotrop.U[1][3] 
_atom_site_anisotrop.U[2][3] 
_atom_site_anisotrop.pdbx_auth_seq_id 
_atom_site_anisotrop.pdbx_auth_comp_id 
_atom_site_anisotrop.pdbx_auth_asym_id 
_atom_site_anisotrop.pdbx_auth_atom_id 
1   N N   . GLU A 17  ? 1.8971 1.5494 1.8916 -0.1337 0.0084  0.0199  16  GLU A N   
2   C CA  . GLU A 17  ? 1.8124 1.4665 1.8381 -0.1344 0.0109  -0.0053 16  GLU A CA  
3   C C   . GLU A 17  ? 1.6944 1.3906 1.7320 -0.1197 0.0053  -0.0262 16  GLU A C   
4   O O   . GLU A 17  ? 1.6184 1.3445 1.6408 -0.1140 0.0034  -0.0233 16  GLU A O   
5   C CB  . GLU A 17  ? 1.7774 1.4368 1.8111 -0.1583 0.0263  -0.0167 16  GLU A CB  
6   C CG  . GLU A 17  ? 1.6844 1.3584 1.7514 -0.1610 0.0309  -0.0469 16  GLU A CG  
7   C CD  . GLU A 17  ? 1.6826 1.3148 1.7724 -0.1566 0.0271  -0.0500 16  GLU A CD  
8   O OE1 . GLU A 17  ? 1.6533 1.3009 1.7727 -0.1539 0.0276  -0.0763 16  GLU A OE1 
9   O OE2 . GLU A 17  ? 1.6858 1.2716 1.7649 -0.1555 0.0237  -0.0263 16  GLU A OE2 
10  N N   . MET A 18  ? 1.5933 1.2923 1.6592 -0.1142 0.0030  -0.0473 17  MET A N   
11  C CA  . MET A 18  ? 1.4552 1.1966 1.5350 -0.1026 -0.0010 -0.0681 17  MET A CA  
12  C C   . MET A 18  ? 1.4120 1.1979 1.4828 -0.1090 0.0067  -0.0738 17  MET A C   
13  O O   . MET A 18  ? 1.1714 0.9909 1.2421 -0.0974 0.0026  -0.0805 17  MET A O   
14  C CB  . MET A 18  ? 1.4625 1.2077 1.5768 -0.1037 0.0002  -0.0936 17  MET A CB  
15  C CG  . MET A 18  ? 1.4691 1.1759 1.5982 -0.0928 -0.0094 -0.0928 17  MET A CG  
16  S SD  . MET A 18  ? 1.5593 1.2281 1.7169 -0.1083 -0.0004 -0.1041 17  MET A SD  
17  C CE  . MET A 18  ? 1.6631 1.2814 1.7918 -0.1218 0.0058  -0.0698 17  MET A CE  
18  N N   . ALA A 19  ? 1.4609 1.2466 1.5243 -0.1273 0.0182  -0.0710 18  ALA A N   
19  C CA  . ALA A 19  ? 1.2875 1.1149 1.3458 -0.1348 0.0269  -0.0794 18  ALA A CA  
20  C C   . ALA A 19  ? 1.1796 1.0148 1.2102 -0.1336 0.0264  -0.0618 18  ALA A C   
21  O O   . ALA A 19  ? 1.1583 1.0310 1.1862 -0.1297 0.0285  -0.0682 18  ALA A O   
22  C CB  . ALA A 19  ? 1.3515 1.1795 1.4180 -0.1564 0.0402  -0.0896 18  ALA A CB  
23  N N   . THR A 20  ? 1.1883 0.9913 1.1994 -0.1377 0.0245  -0.0399 19  THR A N   
24  C CA  . THR A 20  ? 1.2508 1.0659 1.2376 -0.1369 0.0240  -0.0254 19  THR A CA  
25  C C   . THR A 20  ? 1.1191 0.9536 1.1048 -0.1174 0.0154  -0.0270 19  THR A C   
26  O O   . THR A 20  ? 0.9801 0.8397 0.9552 -0.1150 0.0170  -0.0254 19  THR A O   
27  C CB  . THR A 20  ? 1.3600 1.1402 1.3268 -0.1434 0.0224  -0.0012 19  THR A CB  
28  O OG1 . THR A 20  ? 1.3391 1.1361 1.2848 -0.1407 0.0207  0.0107  19  THR A OG1 
29  C CG2 . THR A 20  ? 1.3433 1.0863 1.3148 -0.1310 0.0121  0.0084  19  THR A CG2 
30  N N   . ARG A 21  ? 1.0912 0.9155 1.0902 -0.1039 0.0067  -0.0321 20  ARG A N   
31  C CA  . ARG A 21  ? 1.0413 0.8817 1.0407 -0.0863 -0.0014 -0.0347 20  ARG A CA  
32  C C   . ARG A 21  ? 0.9560 0.8365 0.9663 -0.0833 0.0029  -0.0506 20  ARG A C   
33  O O   . ARG A 21  ? 0.8050 0.7061 0.8084 -0.0755 0.0022  -0.0491 20  ARG A O   
34  C CB  . ARG A 21  ? 1.1090 0.9297 1.1224 -0.0752 -0.0109 -0.0390 20  ARG A CB  
35  C CG  . ARG A 21  ? 1.3852 1.1657 1.3879 -0.0756 -0.0156 -0.0214 20  ARG A CG  
36  C CD  . ARG A 21  ? 1.5082 1.2863 1.5061 -0.0578 -0.0271 -0.0170 20  ARG A CD  
37  N NE  . ARG A 21  ? 1.8463 1.6527 1.8311 -0.0541 -0.0260 -0.0152 20  ARG A NE  
38  C CZ  . ARG A 21  ? 1.8509 1.6686 1.8327 -0.0399 -0.0334 -0.0168 20  ARG A CZ  
39  N NH1 . ARG A 21  ? 1.7982 1.6026 1.7889 -0.0276 -0.0434 -0.0205 20  ARG A NH1 
40  N NH2 . ARG A 21  ? 1.7612 1.6037 1.7331 -0.0382 -0.0304 -0.0165 20  ARG A NH2 
41  N N   . ALA A 22  ? 0.8640 0.7567 0.8931 -0.0891 0.0076  -0.0663 21  ALA A N   
42  C CA  . ALA A 22  ? 0.9063 0.8405 0.9465 -0.0867 0.0125  -0.0808 21  ALA A CA  
43  C C   . ALA A 22  ? 0.8382 0.7917 0.8655 -0.0942 0.0208  -0.0769 21  ALA A C   
44  O O   . ALA A 22  ? 0.6712 0.6552 0.6996 -0.0864 0.0224  -0.0805 21  ALA A O   
45  C CB  . ALA A 22  ? 0.9220 0.8679 0.9855 -0.0931 0.0165  -0.0996 21  ALA A CB  
46  N N   . ARG A 23  ? 0.8277 0.7640 0.8427 -0.1087 0.0261  -0.0687 22  ARG A N   
47  C CA  . ARG A 23  ? 0.7567 0.7130 0.7589 -0.1155 0.0333  -0.0659 22  ARG A CA  
48  C C   . ARG A 23  ? 0.6539 0.6121 0.6422 -0.1055 0.0289  -0.0545 22  ARG A C   
49  O O   . ARG A 23  ? 0.5357 0.5213 0.5231 -0.1014 0.0324  -0.0581 22  ARG A O   
50  C CB  . ARG A 23  ? 0.9956 0.9353 0.9873 -0.1350 0.0400  -0.0600 22  ARG A CB  
51  C CG  . ARG A 23  ? 1.1571 1.1273 1.1422 -0.1440 0.0488  -0.0650 22  ARG A CG  
52  C CD  . ARG A 23  ? 1.2668 1.2248 1.2312 -0.1571 0.0516  -0.0511 22  ARG A CD  
53  N NE  . ARG A 23  ? 1.4174 1.4100 1.3775 -0.1634 0.0590  -0.0588 22  ARG A NE  
54  C CZ  . ARG A 23  ? 1.3817 1.3835 1.3271 -0.1658 0.0598  -0.0514 22  ARG A CZ  
55  N NH1 . ARG A 23  ? 1.4182 1.3989 1.3507 -0.1631 0.0538  -0.0352 22  ARG A NH1 
56  N NH2 . ARG A 23  ? 1.2611 1.2963 1.2061 -0.1706 0.0663  -0.0614 22  ARG A NH2 
57  N N   . ALA A 24  ? 0.5947 0.5255 0.5731 -0.1011 0.0216  -0.0416 23  ALA A N   
58  C CA  . ALA A 24  ? 0.7293 0.6652 0.6964 -0.0919 0.0181  -0.0337 23  ALA A CA  
59  C C   . ALA A 24  ? 0.5643 0.5215 0.5429 -0.0771 0.0159  -0.0426 23  ALA A C   
60  O O   . ALA A 24  ? 0.5983 0.5742 0.5742 -0.0726 0.0189  -0.0430 23  ALA A O   
61  C CB  . ALA A 24  ? 0.5890 0.4963 0.5453 -0.0879 0.0100  -0.0202 23  ALA A CB  
62  N N   . ALA A 25  ? 0.5784 0.5330 0.5705 -0.0696 0.0110  -0.0497 24  ALA A N   
63  C CA  . ALA A 25  ? 0.5558 0.5313 0.5583 -0.0566 0.0088  -0.0566 24  ALA A CA  
64  C C   . ALA A 25  ? 0.4921 0.4996 0.5014 -0.0568 0.0167  -0.0636 24  ALA A C   
65  O O   . ALA A 25  ? 0.4349 0.4578 0.4442 -0.0485 0.0184  -0.0624 24  ALA A O   
66  C CB  . ALA A 25  ? 0.3978 0.3694 0.4149 -0.0504 0.0022  -0.0647 24  ALA A CB  
67  N N   . SER A 26  ? 0.4658 0.4839 0.4817 -0.0662 0.0221  -0.0713 25  SER A N   
68  C CA  . SER A 26  ? 0.6010 0.6535 0.6233 -0.0645 0.0291  -0.0783 25  SER A CA  
69  C C   . SER A 26  ? 0.5754 0.6328 0.5856 -0.0668 0.0340  -0.0721 25  SER A C   
70  O O   . SER A 26  ? 0.5019 0.5831 0.5162 -0.0587 0.0375  -0.0739 25  SER A O   
71  C CB  . SER A 26  ? 0.5442 0.6118 0.5767 -0.0746 0.0344  -0.0905 25  SER A CB  
72  O OG  . SER A 26  ? 0.6272 0.6789 0.6499 -0.0903 0.0388  -0.0882 25  SER A OG  
73  N N   . ASN A 27  ? 0.4836 0.5199 0.4797 -0.0765 0.0342  -0.0644 26  ASN A N   
74  C CA  . ASN A 27  ? 0.5371 0.5824 0.5240 -0.0783 0.0384  -0.0608 26  ASN A CA  
75  C C   . ASN A 27  ? 0.5614 0.6068 0.5488 -0.0649 0.0358  -0.0567 26  ASN A C   
76  O O   . ASN A 27  ? 0.6301 0.6932 0.6205 -0.0599 0.0404  -0.0588 26  ASN A O   
77  C CB  . ASN A 27  ? 0.6038 0.6315 0.5752 -0.0928 0.0393  -0.0534 26  ASN A CB  
78  C CG  . ASN A 27  ? 0.8819 0.9152 0.8528 -0.1085 0.0454  -0.0588 26  ASN A CG  
79  O OD1 . ASN A 27  ? 0.8556 0.9150 0.8359 -0.1086 0.0507  -0.0701 26  ASN A OD1 
80  N ND2 . ASN A 27  ? 0.8307 0.8404 0.7908 -0.1218 0.0450  -0.0508 26  ASN A ND2 
81  N N   . LEU A 28  ? 0.5151 0.5417 0.5012 -0.0587 0.0287  -0.0520 27  LEU A N   
82  C CA  . LEU A 28  ? 0.3819 0.4104 0.3702 -0.0471 0.0273  -0.0504 27  LEU A CA  
83  C C   . LEU A 28  ? 0.3750 0.4251 0.3769 -0.0368 0.0304  -0.0551 27  LEU A C   
84  O O   . LEU A 28  ? 0.3932 0.4528 0.3982 -0.0305 0.0348  -0.0545 27  LEU A O   
85  C CB  . LEU A 28  ? 0.4385 0.4474 0.4241 -0.0421 0.0189  -0.0469 27  LEU A CB  
86  C CG  . LEU A 28  ? 0.4702 0.4829 0.4603 -0.0308 0.0177  -0.0476 27  LEU A CG  
87  C CD1 . LEU A 28  ? 0.3938 0.4105 0.3787 -0.0318 0.0230  -0.0462 27  LEU A CD1 
88  C CD2 . LEU A 28  ? 0.4378 0.4346 0.4250 -0.0263 0.0088  -0.0466 27  LEU A CD2 
89  N N   . LEU A 29  ? 0.4073 0.4662 0.4184 -0.0347 0.0284  -0.0597 28  LEU A N   
90  C CA  . LEU A 29  ? 0.4893 0.5729 0.5125 -0.0243 0.0309  -0.0624 28  LEU A CA  
91  C C   . LEU A 29  ? 0.4725 0.5766 0.4974 -0.0238 0.0387  -0.0636 28  LEU A C   
92  O O   . LEU A 29  ? 0.3779 0.4939 0.4086 -0.0135 0.0420  -0.0607 28  LEU A O   
93  C CB  . LEU A 29  ? 0.3964 0.4932 0.4302 -0.0239 0.0279  -0.0695 28  LEU A CB  
94  C CG  . LEU A 29  ? 0.4502 0.5301 0.4857 -0.0226 0.0196  -0.0708 28  LEU A CG  
95  C CD1 . LEU A 29  ? 0.3340 0.4347 0.3841 -0.0211 0.0175  -0.0807 28  LEU A CD1 
96  C CD2 . LEU A 29  ? 0.3618 0.4347 0.3949 -0.0133 0.0168  -0.0651 28  LEU A CD2 
97  N N   . LYS A 30  ? 0.5800 0.6881 0.6005 -0.0349 0.0418  -0.0679 29  LYS A N   
98  C CA  . LYS A 30  ? 0.7510 0.8796 0.7723 -0.0353 0.0487  -0.0710 29  LYS A CA  
99  C C   . LYS A 30  ? 0.7187 0.8405 0.7376 -0.0299 0.0510  -0.0662 29  LYS A C   
100 O O   . LYS A 30  ? 0.5318 0.6701 0.5586 -0.0201 0.0554  -0.0665 29  LYS A O   
101 C CB  . LYS A 30  ? 0.6118 0.7407 0.6251 -0.0515 0.0515  -0.0763 29  LYS A CB  
102 C CG  . LYS A 30  ? 0.7148 0.8647 0.7351 -0.0566 0.0540  -0.0859 29  LYS A CG  
103 C CD  . LYS A 30  ? 0.9823 1.1201 0.9940 -0.0760 0.0561  -0.0894 29  LYS A CD  
104 C CE  . LYS A 30  ? 0.9222 1.0778 0.9430 -0.0833 0.0593  -0.1016 29  LYS A CE  
105 N NZ  . LYS A 30  ? 0.8759 1.0029 0.8930 -0.0984 0.0581  -0.1014 29  LYS A NZ  
106 N N   . ALA A 31  ? 0.5633 0.6622 0.5727 -0.0360 0.0484  -0.0624 30  ALA A N   
107 C CA  . ALA A 31  ? 0.4771 0.5731 0.4869 -0.0324 0.0516  -0.0611 30  ALA A CA  
108 C C   . ALA A 31  ? 0.4498 0.5443 0.4697 -0.0183 0.0522  -0.0578 30  ALA A C   
109 O O   . ALA A 31  ? 0.4671 0.5650 0.4936 -0.0123 0.0573  -0.0584 30  ALA A O   
110 C CB  . ALA A 31  ? 0.3602 0.4378 0.3577 -0.0417 0.0487  -0.0585 30  ALA A CB  
111 N N   . LEU A 32  ? 0.5094 0.5992 0.5316 -0.0132 0.0474  -0.0549 31  LEU A N   
112 C CA  . LEU A 32  ? 0.3625 0.4514 0.3932 -0.0015 0.0486  -0.0509 31  LEU A CA  
113 C C   . LEU A 32  ? 0.4213 0.5319 0.4630 0.0093  0.0522  -0.0484 31  LEU A C   
114 O O   . LEU A 32  ? 0.4055 0.5161 0.4549 0.0192  0.0553  -0.0428 31  LEU A O   
115 C CB  . LEU A 32  ? 0.4474 0.5246 0.4759 -0.0006 0.0416  -0.0493 31  LEU A CB  
116 C CG  . LEU A 32  ? 0.4829 0.5396 0.5006 -0.0080 0.0367  -0.0502 31  LEU A CG  
117 C CD1 . LEU A 32  ? 0.3451 0.3949 0.3625 -0.0057 0.0286  -0.0506 31  LEU A CD1 
118 C CD2 . LEU A 32  ? 0.4520 0.5014 0.4694 -0.0071 0.0412  -0.0505 31  LEU A CD2 
119 N N   . ALA A 33  ? 0.4117 0.5424 0.4546 0.0075  0.0523  -0.0521 32  ALA A N   
120 C CA  . ALA A 33  ? 0.6740 0.8316 0.7266 0.0187  0.0544  -0.0497 32  ALA A CA  
121 C C   . ALA A 33  ? 0.7510 0.9209 0.8098 0.0273  0.0613  -0.0478 32  ALA A C   
122 O O   . ALA A 33  ? 0.5582 0.7534 0.6198 0.0296  0.0636  -0.0520 32  ALA A O   
123 C CB  . ALA A 33  ? 0.5572 0.7355 0.6102 0.0132  0.0519  -0.0571 32  ALA A CB  
124 N N   . HIS A 34  ? 0.4303 0.5827 0.4926 0.0323  0.0648  -0.0430 33  HIS A N   
125 C CA  . HIS A 34  ? 0.6314 0.7897 0.7025 0.0416  0.0716  -0.0416 33  HIS A CA  
126 C C   . HIS A 34  ? 0.5973 0.7392 0.6767 0.0513  0.0752  -0.0321 33  HIS A C   
127 O O   . HIS A 34  ? 0.5163 0.6355 0.5929 0.0452  0.0747  -0.0329 33  HIS A O   
128 C CB  . HIS A 34  ? 0.4222 0.5741 0.4901 0.0319  0.0741  -0.0514 33  HIS A CB  
129 C CG  . HIS A 34  ? 0.5519 0.7162 0.6098 0.0190  0.0713  -0.0601 33  HIS A CG  
130 N ND1 . HIS A 34  ? 0.5450 0.7372 0.6053 0.0210  0.0732  -0.0654 33  HIS A ND1 
131 C CD2 . HIS A 34  ? 0.5561 0.7086 0.6018 0.0037  0.0674  -0.0639 33  HIS A CD2 
132 C CE1 . HIS A 34  ? 0.5861 0.7825 0.6363 0.0058  0.0714  -0.0731 33  HIS A CE1 
133 N NE2 . HIS A 34  ? 0.4711 0.6419 0.5122 -0.0047 0.0677  -0.0710 33  HIS A NE2 
134 N N   . GLU A 35  ? 0.5042 0.6590 0.5939 0.0665  0.0790  -0.0228 34  GLU A N   
135 C CA  . GLU A 35  ? 0.4535 0.5937 0.5513 0.0760  0.0832  -0.0108 34  GLU A CA  
136 C C   . GLU A 35  ? 0.3903 0.5010 0.4926 0.0708  0.0884  -0.0152 34  GLU A C   
137 O O   . GLU A 35  ? 0.3607 0.4531 0.4618 0.0668  0.0888  -0.0130 34  GLU A O   
138 C CB  . GLU A 35  ? 0.6681 0.8257 0.7770 0.0940  0.0877  0.0005  34  GLU A CB  
139 C CG  . GLU A 35  ? 0.9887 1.1396 1.1044 0.1049  0.0911  0.0177  34  GLU A CG  
140 C CD  . GLU A 35  ? 1.1364 1.3132 1.2596 0.1236  0.0933  0.0314  34  GLU A CD  
141 O OE1 . GLU A 35  ? 1.1678 1.3644 1.2932 0.1290  0.0933  0.0252  34  GLU A OE1 
142 O OE2 . GLU A 35  ? 1.0705 1.2505 1.1970 0.1330  0.0950  0.0482  34  GLU A OE2 
143 N N   . GLY A 36  ? 0.3848 0.4939 0.4939 0.0710  0.0930  -0.0233 35  GLY A N   
144 C CA  . GLY A 36  ? 0.4471 0.5331 0.5645 0.0670  0.0995  -0.0294 35  GLY A CA  
145 C C   . GLY A 36  ? 0.4326 0.5071 0.5386 0.0511  0.0957  -0.0389 35  GLY A C   
146 O O   . GLY A 36  ? 0.4228 0.4792 0.5317 0.0476  0.0989  -0.0399 35  GLY A O   
147 N N   . ARG A 37  ? 0.3901 0.4760 0.4831 0.0410  0.0893  -0.0460 36  ARG A N   
148 C CA  . ARG A 37  ? 0.5001 0.5766 0.5810 0.0273  0.0848  -0.0527 36  ARG A CA  
149 C C   . ARG A 37  ? 0.4457 0.5123 0.5201 0.0272  0.0799  -0.0461 36  ARG A C   
150 O O   . ARG A 37  ? 0.3472 0.4009 0.4186 0.0214  0.0796  -0.0499 36  ARG A O   
151 C CB  . ARG A 37  ? 0.3816 0.4711 0.4497 0.0171  0.0792  -0.0582 36  ARG A CB  
152 C CG  . ARG A 37  ? 0.4084 0.5059 0.4794 0.0110  0.0836  -0.0691 36  ARG A CG  
153 C CD  . ARG A 37  ? 0.5269 0.6407 0.5868 0.0018  0.0798  -0.0730 36  ARG A CD  
154 N NE  . ARG A 37  ? 0.5685 0.7010 0.6352 0.0106  0.0817  -0.0726 36  ARG A NE  
155 C CZ  . ARG A 37  ? 0.5296 0.6805 0.5891 0.0041  0.0799  -0.0770 36  ARG A CZ  
156 N NH1 . ARG A 37  ? 0.4820 0.6310 0.5274 -0.0116 0.0764  -0.0801 36  ARG A NH1 
157 N NH2 . ARG A 37  ? 0.5656 0.7377 0.6324 0.0136  0.0819  -0.0778 36  ARG A NH2 
158 N N   . LEU A 38  ? 0.3785 0.4553 0.4518 0.0337  0.0761  -0.0376 37  LEU A N   
159 C CA  . LEU A 38  ? 0.4872 0.5587 0.5559 0.0335  0.0712  -0.0332 37  LEU A CA  
160 C C   . LEU A 38  ? 0.5152 0.5723 0.5923 0.0375  0.0775  -0.0295 37  LEU A C   
161 O O   . LEU A 38  ? 0.4133 0.4606 0.4857 0.0323  0.0750  -0.0324 37  LEU A O   
162 C CB  . LEU A 38  ? 0.3723 0.4635 0.4411 0.0398  0.0670  -0.0266 37  LEU A CB  
163 C CG  . LEU A 38  ? 0.4748 0.5674 0.5398 0.0388  0.0605  -0.0245 37  LEU A CG  
164 C CD1 . LEU A 38  ? 0.3840 0.4628 0.4387 0.0282  0.0536  -0.0329 37  LEU A CD1 
165 C CD2 . LEU A 38  ? 0.4043 0.5241 0.4711 0.0434  0.0565  -0.0219 37  LEU A CD2 
166 N N   . MET A 39  ? 0.4298 0.4855 0.5201 0.0467  0.0860  -0.0233 38  MET A N   
167 C CA  . MET A 39  ? 0.5925 0.6313 0.6923 0.0492  0.0939  -0.0196 38  MET A CA  
168 C C   . MET A 39  ? 0.5706 0.5944 0.6711 0.0390  0.0974  -0.0330 38  MET A C   
169 O O   . MET A 39  ? 0.4287 0.4419 0.5295 0.0349  0.0995  -0.0349 38  MET A O   
170 C CB  . MET A 39  ? 0.5305 0.5667 0.6460 0.0615  0.1031  -0.0102 38  MET A CB  
171 C CG  . MET A 39  ? 0.7157 0.7652 0.8320 0.0724  0.1017  0.0065  38  MET A CG  
172 S SD  . MET A 39  ? 1.0803 1.1293 1.2135 0.0892  0.1109  0.0178  38  MET A SD  
173 C CE  . MET A 39  ? 1.1699 1.1839 1.3186 0.0859  0.1236  0.0149  38  MET A CE  
174 N N   . ILE A 40  ? 0.4616 0.4881 0.5631 0.0345  0.0987  -0.0433 39  ILE A N   
175 C CA  . ILE A 40  ? 0.3314 0.3513 0.4325 0.0242  0.1011  -0.0573 39  ILE A CA  
176 C C   . ILE A 40  ? 0.3386 0.3585 0.4239 0.0169  0.0924  -0.0594 39  ILE A C   
177 O O   . ILE A 40  ? 0.3824 0.3955 0.4683 0.0120  0.0949  -0.0663 39  ILE A O   
178 C CB  . ILE A 40  ? 0.3430 0.3735 0.4442 0.0189  0.1014  -0.0678 39  ILE A CB  
179 C CG1 . ILE A 40  ? 0.4884 0.5188 0.6090 0.0266  0.1109  -0.0695 39  ILE A CG1 
180 C CG2 . ILE A 40  ? 0.3544 0.3857 0.4510 0.0071  0.1017  -0.0816 39  ILE A CG2 
181 C CD1 . ILE A 40  ? 0.4008 0.4474 0.5216 0.0225  0.1103  -0.0795 39  ILE A CD1 
182 N N   . MET A 41  ? 0.3531 0.3818 0.4249 0.0160  0.0821  -0.0552 40  MET A N   
183 C CA  . MET A 41  ? 0.3623 0.3900 0.4202 0.0103  0.0729  -0.0576 40  MET A CA  
184 C C   . MET A 41  ? 0.4532 0.4759 0.5129 0.0133  0.0726  -0.0548 40  MET A C   
185 O O   . MET A 41  ? 0.4038 0.4232 0.4577 0.0086  0.0698  -0.0616 40  MET A O   
186 C CB  . MET A 41  ? 0.3261 0.3615 0.3731 0.0091  0.0635  -0.0536 40  MET A CB  
187 C CG  . MET A 41  ? 0.4886 0.5296 0.5308 0.0031  0.0635  -0.0573 40  MET A CG  
188 S SD  . MET A 41  ? 0.5102 0.5484 0.5420 -0.0074 0.0615  -0.0657 40  MET A SD  
189 C CE  . MET A 41  ? 0.4437 0.4760 0.4597 -0.0095 0.0486  -0.0606 40  MET A CE  
190 N N   . CYS A 42  ? 0.4155 0.4401 0.4830 0.0208  0.0757  -0.0450 41  CYS A N   
191 C CA  . CYS A 42  ? 0.5139 0.5366 0.5830 0.0223  0.0761  -0.0418 41  CYS A CA  
192 C C   . CYS A 42  ? 0.6266 0.6366 0.7039 0.0187  0.0863  -0.0481 41  CYS A C   
193 O O   . CYS A 42  ? 0.4648 0.4738 0.5385 0.0143  0.0849  -0.0539 41  CYS A O   
194 C CB  . CYS A 42  ? 0.4720 0.5038 0.5470 0.0312  0.0773  -0.0280 41  CYS A CB  
195 S SG  . CYS A 42  ? 0.5529 0.6052 0.6201 0.0339  0.0658  -0.0248 41  CYS A SG  
196 N N   . TYR A 43  ? 0.3773 0.3793 0.4675 0.0200  0.0971  -0.0491 42  TYR A N   
197 C CA  . TYR A 43  ? 0.3659 0.3563 0.4665 0.0147  0.1081  -0.0587 42  TYR A CA  
198 C C   . TYR A 43  ? 0.4886 0.4842 0.5802 0.0054  0.1040  -0.0747 42  TYR A C   
199 O O   . TYR A 43  ? 0.4966 0.4897 0.5903 0.0001  0.1084  -0.0834 42  TYR A O   
200 C CB  . TYR A 43  ? 0.4286 0.4102 0.5471 0.0176  0.1200  -0.0604 42  TYR A CB  
201 C CG  . TYR A 43  ? 0.8158 0.7865 0.9466 0.0266  0.1278  -0.0449 42  TYR A CG  
202 C CD1 . TYR A 43  ? 0.9366 0.8964 1.0724 0.0244  0.1348  -0.0410 42  TYR A CD1 
203 C CD2 . TYR A 43  ? 0.8847 0.8588 1.0208 0.0377  0.1278  -0.0328 42  TYR A CD2 
204 C CE1 . TYR A 43  ? 0.9376 0.8873 1.0832 0.0328  0.1420  -0.0233 42  TYR A CE1 
205 C CE2 . TYR A 43  ? 0.9956 0.9617 1.1419 0.0479  0.1344  -0.0155 42  TYR A CE2 
206 C CZ  . TYR A 43  ? 0.9407 0.8938 1.0915 0.0453  0.1415  -0.0096 42  TYR A CZ  
207 O OH  . TYR A 43  ? 0.9748 0.9198 1.1347 0.0554  0.1483  0.0104  42  TYR A OH  
208 N N   . LEU A 44  ? 0.4272 0.4319 0.5079 0.0034  0.0954  -0.0778 43  LEU A N   
209 C CA  . LEU A 44  ? 0.4462 0.4582 0.5171 -0.0039 0.0911  -0.0903 43  LEU A CA  
210 C C   . LEU A 44  ? 0.4807 0.4960 0.5382 -0.0038 0.0805  -0.0897 43  LEU A C   
211 O O   . LEU A 44  ? 0.4201 0.4418 0.4713 -0.0082 0.0781  -0.1004 43  LEU A O   
212 C CB  . LEU A 44  ? 0.3823 0.4031 0.4456 -0.0066 0.0860  -0.0920 43  LEU A CB  
213 C CG  . LEU A 44  ? 0.5214 0.5441 0.5990 -0.0074 0.0960  -0.0968 43  LEU A CG  
214 C CD1 . LEU A 44  ? 0.3756 0.4105 0.4441 -0.0118 0.0908  -0.0984 43  LEU A CD1 
215 C CD2 . LEU A 44  ? 0.5240 0.5472 0.6164 -0.0124 0.1078  -0.1119 43  LEU A CD2 
216 N N   . ALA A 45  ? 0.3508 0.3654 0.4044 0.0015  0.0737  -0.0787 44  ALA A N   
217 C CA  . ALA A 45  ? 0.6320 0.6514 0.6760 0.0020  0.0638  -0.0803 44  ALA A CA  
218 C C   . ALA A 45  ? 0.5514 0.5714 0.5995 -0.0014 0.0695  -0.0895 44  ALA A C   
219 O O   . ALA A 45  ? 0.5380 0.5649 0.5775 -0.0023 0.0618  -0.0967 44  ALA A O   
220 C CB  . ALA A 45  ? 0.3707 0.3938 0.4144 0.0077  0.0576  -0.0693 44  ALA A CB  
221 N N   . SER A 46  ? 0.4913 0.5040 0.5528 -0.0033 0.0833  -0.0898 45  SER A N   
222 C CA  . SER A 46  ? 0.5400 0.5525 0.6071 -0.0086 0.0912  -0.0994 45  SER A CA  
223 C C   . SER A 46  ? 0.7333 0.7490 0.8044 -0.0155 0.0985  -0.1165 45  SER A C   
224 O O   . SER A 46  ? 0.5828 0.5988 0.6614 -0.0216 0.1081  -0.1275 45  SER A O   
225 C CB  . SER A 46  ? 0.3910 0.3920 0.4718 -0.0077 0.1034  -0.0898 45  SER A CB  
226 O OG  . SER A 46  ? 0.3726 0.3619 0.4672 -0.0067 0.1144  -0.0877 45  SER A OG  
227 N N   . GLY A 47  ? 0.5018 0.5228 0.5682 -0.0156 0.0946  -0.1198 46  GLY A N   
228 C CA  . GLY A 47  ? 0.4588 0.4911 0.5271 -0.0220 0.0995  -0.1368 46  GLY A CA  
229 C C   . GLY A 47  ? 0.4423 0.4732 0.5225 -0.0239 0.1082  -0.1394 46  GLY A C   
230 O O   . GLY A 47  ? 0.5120 0.5306 0.6012 -0.0198 0.1122  -0.1287 46  GLY A O   
231 N N   . GLU A 48  ? 0.5898 0.6374 0.6707 -0.0297 0.1108  -0.1547 47  GLU A N   
232 C CA  . GLU A 48  ? 0.6160 0.6686 0.7083 -0.0324 0.1178  -0.1600 47  GLU A CA  
233 C C   . GLU A 48  ? 0.5639 0.6013 0.6808 -0.0332 0.1339  -0.1637 47  GLU A C   
234 O O   . GLU A 48  ? 0.5524 0.5823 0.6801 -0.0363 0.1435  -0.1707 47  GLU A O   
235 C CB  . GLU A 48  ? 0.5907 0.6704 0.6806 -0.0393 0.1186  -0.1776 47  GLU A CB  
236 C CG  . GLU A 48  ? 0.7490 0.8391 0.8545 -0.0466 0.1311  -0.1983 47  GLU A CG  
237 C CD  . GLU A 48  ? 0.7009 0.8224 0.8031 -0.0532 0.1260  -0.2087 47  GLU A CD  
238 O OE1 . GLU A 48  ? 0.6999 0.8368 0.7913 -0.0525 0.1209  -0.2074 47  GLU A OE1 
239 O OE2 . GLU A 48  ? 0.7870 0.9197 0.8980 -0.0597 0.1275  -0.2181 47  GLU A OE2 
240 N N   . LYS A 49  ? 0.5215 0.5542 0.6478 -0.0301 0.1367  -0.1587 48  LYS A N   
241 C CA  . LYS A 49  ? 0.5177 0.5337 0.6684 -0.0278 0.1505  -0.1592 48  LYS A CA  
242 C C   . LYS A 49  ? 0.5593 0.5886 0.7254 -0.0313 0.1573  -0.1741 48  LYS A C   
243 O O   . LYS A 49  ? 0.4831 0.5305 0.6377 -0.0326 0.1489  -0.1747 48  LYS A O   
244 C CB  . LYS A 49  ? 0.4649 0.4632 0.6137 -0.0169 0.1466  -0.1366 48  LYS A CB  
245 C CG  . LYS A 49  ? 0.4815 0.4722 0.6151 -0.0129 0.1385  -0.1212 48  LYS A CG  
246 C CD  . LYS A 49  ? 0.5323 0.5084 0.6785 -0.0150 0.1498  -0.1222 48  LYS A CD  
247 C CE  . LYS A 49  ? 0.5012 0.4735 0.6340 -0.0115 0.1423  -0.1072 48  LYS A CE  
248 N NZ  . LYS A 49  ? 0.4078 0.3959 0.5211 -0.0156 0.1302  -0.1142 48  LYS A NZ  
249 N N   . SER A 50  ? 0.5570 0.5771 0.7502 -0.0334 0.1731  -0.1864 49  SER A N   
250 C CA  . SER A 50  ? 0.5913 0.6231 0.8011 -0.0370 0.1761  -0.1975 49  SER A CA  
251 C C   . SER A 50  ? 0.7503 0.7700 0.9687 -0.0253 0.1786  -0.1874 49  SER A C   
252 O O   . SER A 50  ? 0.5882 0.5862 0.8026 -0.0157 0.1765  -0.1669 49  SER A O   
253 C CB  . SER A 50  ? 0.6487 0.6746 0.8831 -0.0452 0.1864  -0.2098 49  SER A CB  
254 O OG  . SER A 50  ? 0.6613 0.6560 0.9142 -0.0372 0.1972  -0.2002 49  SER A OG  
255 N N   . VAL A 51  ? 0.8451 0.8826 1.0712 -0.0276 0.1770  -0.1966 50  VAL A N   
256 C CA  . VAL A 51  ? 0.6763 0.7073 0.9117 -0.0165 0.1785  -0.1892 50  VAL A CA  
257 C C   . VAL A 51  ? 0.6227 0.6224 0.8803 -0.0071 0.1888  -0.1808 50  VAL A C   
258 O O   . VAL A 51  ? 0.6351 0.6211 0.8922 0.0058  0.1869  -0.1628 50  VAL A O   
259 C CB  . VAL A 51  ? 0.8079 0.8652 1.0508 -0.0223 0.1759  -0.2040 50  VAL A CB  
260 C CG1 . VAL A 51  ? 0.7167 0.7714 0.9681 -0.0103 0.1763  -0.1973 50  VAL A CG1 
261 C CG2 . VAL A 51  ? 0.6225 0.7107 0.8421 -0.0321 0.1664  -0.2096 50  VAL A CG2 
262 N N   . THR A 52  ? 0.7883 0.7774 1.0629 -0.0147 0.1971  -0.1895 51  THR A N   
263 C CA  . THR A 52  ? 0.9527 0.9096 1.2488 -0.0066 0.2083  -0.1798 51  THR A CA  
264 C C   . THR A 52  ? 0.7230 0.6576 1.0072 0.0012  0.2101  -0.1599 51  THR A C   
265 O O   . THR A 52  ? 0.7569 0.6706 1.0475 0.0150  0.2129  -0.1406 51  THR A O   
266 C CB  . THR A 52  ? 0.9837 0.9358 1.3030 -0.0188 0.2186  -0.1955 51  THR A CB  
267 O OG1 . THR A 52  ? 1.0872 1.0600 1.3948 -0.0340 0.2153  -0.2092 51  THR A OG1 
268 C CG2 . THR A 52  ? 0.8439 0.8071 1.1857 -0.0200 0.2206  -0.2096 51  THR A CG2 
269 N N   . GLU A 53  ? 0.5769 0.5186 0.8438 -0.0076 0.2069  -0.1630 52  GLU A N   
270 C CA  . GLU A 53  ? 0.5180 0.4468 0.7664 -0.0032 0.2010  -0.1407 52  GLU A CA  
271 C C   . GLU A 53  ? 0.6516 0.5838 0.8838 0.0094  0.1881  -0.1183 52  GLU A C   
272 O O   . GLU A 53  ? 0.6746 0.5905 0.9075 0.0196  0.1888  -0.0970 52  GLU A O   
273 C CB  . GLU A 53  ? 0.4622 0.4070 0.6891 -0.0138 0.1936  -0.1483 52  GLU A CB  
274 C CG  . GLU A 53  ? 0.8070 0.7490 1.0472 -0.0256 0.2066  -0.1676 52  GLU A CG  
275 C CD  . GLU A 53  ? 0.9751 0.9324 1.1923 -0.0330 0.1980  -0.1711 52  GLU A CD  
276 O OE1 . GLU A 53  ? 1.1441 1.0899 1.3507 -0.0309 0.1951  -0.1559 52  GLU A OE1 
277 O OE2 . GLU A 53  ? 0.8220 0.8056 1.0299 -0.0407 0.1907  -0.1857 52  GLU A OE2 
278 N N   . LEU A 54  ? 0.6109 0.5662 0.8283 0.0080  0.1766  -0.1229 53  LEU A N   
279 C CA  . LEU A 54  ? 0.6444 0.6062 0.8478 0.0182  0.1653  -0.1052 53  LEU A CA  
280 C C   . LEU A 54  ? 0.7465 0.6955 0.9694 0.0317  0.1723  -0.0956 53  LEU A C   
281 O O   . LEU A 54  ? 0.7393 0.6769 0.9604 0.0422  0.1718  -0.0748 53  LEU A O   
282 C CB  . LEU A 54  ? 0.5171 0.5043 0.7051 0.0124  0.1547  -0.1143 53  LEU A CB  
283 C CG  . LEU A 54  ? 0.5625 0.5600 0.7278 0.0026  0.1455  -0.1175 53  LEU A CG  
284 C CD1 . LEU A 54  ? 0.5166 0.5374 0.6687 -0.0051 0.1374  -0.1270 53  LEU A CD1 
285 C CD2 . LEU A 54  ? 0.5433 0.5350 0.6906 0.0075  0.1359  -0.0989 53  LEU A CD2 
286 N N   . GLU A 55  ? 0.7547 0.7068 0.9984 0.0321  0.1797  -0.1113 54  GLU A N   
287 C CA  . GLU A 55  ? 0.9235 0.8662 1.1865 0.0469  0.1851  -0.1036 54  GLU A CA  
288 C C   . GLU A 55  ? 0.8148 0.7278 1.0895 0.0569  0.1938  -0.0843 54  GLU A C   
289 O O   . GLU A 55  ? 0.8725 0.7813 1.1482 0.0725  0.1918  -0.0645 54  GLU A O   
290 C CB  . GLU A 55  ? 1.0073 0.9548 1.2971 0.0442  0.1945  -0.1277 54  GLU A CB  
291 C CG  . GLU A 55  ? 1.0832 1.0640 1.3634 0.0354  0.1865  -0.1453 54  GLU A CG  
292 C CD  . GLU A 55  ? 1.2863 1.2765 1.5921 0.0324  0.1931  -0.1675 54  GLU A CD  
293 O OE1 . GLU A 55  ? 1.3402 1.3340 1.6528 0.0181  0.1963  -0.1837 54  GLU A OE1 
294 O OE2 . GLU A 55  ? 1.3911 1.3880 1.7061 0.0428  0.1915  -0.1671 54  GLU A OE2 
295 N N   . THR A 56  ? 0.6463 0.5411 0.9292 0.0479  0.2036  -0.0893 55  THR A N   
296 C CA  . THR A 56  ? 0.8350 0.7003 1.1289 0.0553  0.2134  -0.0701 55  THR A CA  
297 C C   . THR A 56  ? 0.8863 0.7560 1.1552 0.0608  0.2031  -0.0440 55  THR A C   
298 O O   . THR A 56  ? 1.0309 0.8888 1.3041 0.0747  0.2053  -0.0206 55  THR A O   
299 C CB  . THR A 56  ? 0.8534 0.7002 1.1619 0.0415  0.2275  -0.0844 55  THR A CB  
300 O OG1 . THR A 56  ? 0.9893 0.8526 1.2751 0.0276  0.2201  -0.0927 55  THR A OG1 
301 C CG2 . THR A 56  ? 0.9521 0.7999 1.2863 0.0344  0.2366  -0.1109 55  THR A CG2 
302 N N   . ARG A 57  ? 0.7949 0.6834 1.0387 0.0510  0.1918  -0.0477 56  ARG A N   
303 C CA  . ARG A 57  ? 0.8366 0.7326 1.0599 0.0557  0.1823  -0.0260 56  ARG A CA  
304 C C   . ARG A 57  ? 0.7600 0.6749 0.9736 0.0690  0.1715  -0.0126 56  ARG A C   
305 O O   . ARG A 57  ? 0.8355 0.7558 1.0404 0.0778  0.1671  0.0083  56  ARG A O   
306 C CB  . ARG A 57  ? 0.9402 0.8499 1.1421 0.0422  0.1734  -0.0352 56  ARG A CB  
307 C CG  . ARG A 57  ? 0.9164 0.8118 1.1243 0.0297  0.1834  -0.0452 56  ARG A CG  
308 C CD  . ARG A 57  ? 0.9138 0.8276 1.1008 0.0183  0.1730  -0.0576 56  ARG A CD  
309 N NE  . ARG A 57  ? 1.0091 0.9166 1.2006 0.0054  0.1815  -0.0725 56  ARG A NE  
310 C CZ  . ARG A 57  ? 0.9533 0.8498 1.1458 0.0019  0.1880  -0.0648 56  ARG A CZ  
311 N NH1 . ARG A 57  ? 0.7943 0.6843 0.9843 0.0110  0.1870  -0.0401 56  ARG A NH1 
312 N NH2 . ARG A 57  ? 0.7774 0.6722 0.9736 -0.0111 0.1958  -0.0821 56  ARG A NH2 
313 N N   . LEU A 58  ? 0.8104 0.7395 1.0253 0.0700  0.1673  -0.0253 57  LEU A N   
314 C CA  . LEU A 58  ? 0.8142 0.7635 1.0209 0.0817  0.1582  -0.0153 57  LEU A CA  
315 C C   . LEU A 58  ? 1.0390 0.9801 1.2646 0.0997  0.1653  -0.0019 57  LEU A C   
316 O O   . LEU A 58  ? 1.0230 0.9801 1.2417 0.1125  0.1591  0.0140  57  LEU A O   
317 C CB  . LEU A 58  ? 0.8634 0.8335 1.0631 0.0749  0.1511  -0.0335 57  LEU A CB  
318 C CG  . LEU A 58  ? 0.9972 0.9812 1.1754 0.0599  0.1412  -0.0445 57  LEU A CG  
319 C CD1 . LEU A 58  ? 0.7733 0.7647 0.9324 0.0605  0.1317  -0.0303 57  LEU A CD1 
320 C CD2 . LEU A 58  ? 1.0130 0.9885 1.1950 0.0459  0.1463  -0.0623 57  LEU A CD2 
321 N N   . SER A 59  ? 1.0238 0.9422 1.2742 0.1015  0.1779  -0.0094 58  SER A N   
322 C CA  . SER A 59  ? 1.0370 0.9456 1.3082 0.1201  0.1846  0.0009  58  SER A CA  
323 C C   . SER A 59  ? 1.0908 1.0290 1.3562 0.1298  0.1752  -0.0017 58  SER A C   
324 O O   . SER A 59  ? 1.1322 1.0831 1.3932 0.1457  0.1707  0.0172  58  SER A O   
325 C CB  . SER A 59  ? 1.1057 0.9993 1.3780 0.1328  0.1886  0.0309  58  SER A CB  
326 O OG  . SER A 59  ? 1.2255 1.0879 1.5090 0.1244  0.2007  0.0325  58  SER A OG  
327 N N   . THR A 60  ? 0.9924 0.9457 1.2569 0.1190  0.1720  -0.0260 59  THR A N   
328 C CA  . THR A 60  ? 1.1304 1.1125 1.3910 0.1253  0.1645  -0.0324 59  THR A CA  
329 C C   . THR A 60  ? 1.1834 1.1706 1.4585 0.1164  0.1684  -0.0600 59  THR A C   
330 O O   . THR A 60  ? 1.1182 1.0946 1.3988 0.1018  0.1737  -0.0751 59  THR A O   
331 C CB  . THR A 60  ? 1.0000 1.0096 1.2311 0.1182  0.1512  -0.0293 59  THR A CB  
332 O OG1 . THR A 60  ? 1.0360 1.0477 1.2548 0.0978  0.1480  -0.0455 59  THR A OG1 
333 C CG2 . THR A 60  ? 0.7260 0.7346 0.9439 0.1247  0.1474  -0.0049 59  THR A CG2 
334 N N   . ARG A 61  ? 1.2656 1.2744 1.5471 0.1250  0.1655  -0.0677 60  ARG A N   
335 C CA  . ARG A 61  ? 1.2047 1.2217 1.5059 0.1206  0.1702  -0.0936 60  ARG A CA  
336 C C   . ARG A 61  ? 1.0003 1.0234 1.2945 0.0973  0.1703  -0.1144 60  ARG A C   
337 O O   . ARG A 61  ? 0.8127 0.8477 1.0804 0.0847  0.1617  -0.1121 60  ARG A O   
338 C CB  . ARG A 61  ? 1.2226 1.2733 1.5206 0.1279  0.1631  -0.1004 60  ARG A CB  
339 C CG  . ARG A 61  ? 1.2811 1.3315 1.5907 0.1536  0.1639  -0.0841 60  ARG A CG  
340 C CD  . ARG A 61  ? 1.3858 1.4690 1.6720 0.1587  0.1528  -0.0745 60  ARG A CD  
341 N NE  . ARG A 61  ? 1.4647 1.5807 1.7393 0.1443  0.1466  -0.0959 60  ARG A NE  
342 C CZ  . ARG A 61  ? 1.3844 1.5249 1.6327 0.1354  0.1375  -0.0937 60  ARG A CZ  
343 N NH1 . ARG A 61  ? 1.3221 1.4610 1.5542 0.1398  0.1331  -0.0730 60  ARG A NH1 
344 N NH2 . ARG A 61  ? 1.3100 1.4778 1.5492 0.1212  0.1334  -0.1127 60  ARG A NH2 
345 N N   . GLN A 62  ? 1.0692 1.0851 1.3893 0.0925  0.1803  -0.1350 61  GLN A N   
346 C CA  . GLN A 62  ? 1.0377 1.0662 1.3553 0.0717  0.1814  -0.1576 61  GLN A CA  
347 C C   . GLN A 62  ? 1.0264 1.0911 1.3201 0.0605  0.1700  -0.1653 61  GLN A C   
348 O O   . GLN A 62  ? 1.0793 1.1521 1.3509 0.0452  0.1645  -0.1665 61  GLN A O   
349 C CB  . GLN A 62  ? 1.1840 1.2082 1.5262 0.0670  0.1867  -0.1757 61  GLN A CB  
350 C CG  . GLN A 62  ? 1.3061 1.3406 1.6654 0.0805  0.1853  -0.1809 61  GLN A CG  
351 C CD  . GLN A 62  ? 1.1760 1.1778 1.5595 0.0977  0.1926  -0.1696 61  GLN A CD  
352 O OE1 . GLN A 62  ? 1.1322 1.1026 1.5183 0.1019  0.1986  -0.1526 61  GLN A OE1 
353 N NE2 . GLN A 62  ? 1.0466 1.0572 1.4475 0.1069  0.1919  -0.1792 61  GLN A NE2 
354 N N   . ALA A 63  ? 1.0671 1.1531 1.3638 0.0683  0.1662  -0.1693 62  ALA A N   
355 C CA  . ALA A 63  ? 0.9330 1.0535 1.2080 0.0567  0.1568  -0.1771 62  ALA A CA  
356 C C   . ALA A 63  ? 0.8468 0.9672 1.0889 0.0541  0.1465  -0.1563 62  ALA A C   
357 O O   . ALA A 63  ? 0.9074 1.0431 1.1274 0.0384  0.1399  -0.1593 62  ALA A O   
358 C CB  . ALA A 63  ? 0.8832 1.0279 1.1713 0.0662  0.1561  -0.1879 62  ALA A CB  
359 N N   . ALA A 64  ? 0.8717 0.9768 1.1113 0.0696  0.1451  -0.1352 63  ALA A N   
360 C CA  . ALA A 64  ? 0.7178 0.8243 0.9301 0.0677  0.1362  -0.1173 63  ALA A CA  
361 C C   . ALA A 64  ? 0.6547 0.7488 0.8511 0.0526  0.1338  -0.1156 63  ALA A C   
362 O O   . ALA A 64  ? 0.6341 0.7401 0.8079 0.0406  0.1259  -0.1152 63  ALA A O   
363 C CB  . ALA A 64  ? 0.7976 0.8906 1.0137 0.0868  0.1368  -0.0955 63  ALA A CB  
364 N N   . VAL A 65  ? 0.6624 0.7323 0.8712 0.0532  0.1409  -0.1148 64  VAL A N   
365 C CA  . VAL A 65  ? 0.5700 0.6306 0.7651 0.0402  0.1390  -0.1147 64  VAL A CA  
366 C C   . VAL A 65  ? 0.6879 0.7687 0.8746 0.0233  0.1364  -0.1324 64  VAL A C   
367 O O   . VAL A 65  ? 0.4590 0.5441 0.6236 0.0129  0.1287  -0.1289 64  VAL A O   
368 C CB  . VAL A 65  ? 0.4951 0.5293 0.7081 0.0430  0.1492  -0.1143 64  VAL A CB  
369 C CG1 . VAL A 65  ? 0.3681 0.3975 0.5688 0.0293  0.1479  -0.1188 64  VAL A CG1 
370 C CG2 . VAL A 65  ? 0.5241 0.5401 0.7402 0.0583  0.1506  -0.0925 64  VAL A CG2 
371 N N   . SER A 66  ? 0.5058 0.6005 0.7110 0.0207  0.1425  -0.1514 65  SER A N   
372 C CA  . SER A 66  ? 0.5209 0.6404 0.7185 0.0042  0.1403  -0.1677 65  SER A CA  
373 C C   . SER A 66  ? 0.3437 0.4806 0.5142 -0.0028 0.1294  -0.1601 65  SER A C   
374 O O   . SER A 66  ? 0.4830 0.6268 0.6337 -0.0154 0.1239  -0.1594 65  SER A O   
375 C CB  . SER A 66  ? 0.6176 0.7558 0.8406 0.0031  0.1480  -0.1905 65  SER A CB  
376 O OG  . SER A 66  ? 0.8712 0.9882 1.1235 0.0141  0.1588  -0.1945 65  SER A OG  
377 N N   . GLN A 67  ? 0.3819 0.5258 0.5512 0.0057  0.1266  -0.1541 66  GLN A N   
378 C CA  . GLN A 67  ? 0.4821 0.6434 0.6278 -0.0026 0.1180  -0.1493 66  GLN A CA  
379 C C   . GLN A 67  ? 0.4555 0.6006 0.5793 -0.0041 0.1106  -0.1315 66  GLN A C   
380 O O   . GLN A 67  ? 0.3896 0.5420 0.4927 -0.0164 0.1042  -0.1290 66  GLN A O   
381 C CB  . GLN A 67  ? 0.4343 0.6116 0.5852 0.0065  0.1175  -0.1501 66  GLN A CB  
382 C CG  . GLN A 67  ? 0.6202 0.8167 0.7475 -0.0049 0.1101  -0.1476 66  GLN A CG  
383 C CD  . GLN A 67  ? 0.7010 0.9156 0.8306 0.0042  0.1091  -0.1476 66  GLN A CD  
384 O OE1 . GLN A 67  ? 0.6882 0.9182 0.8357 0.0120  0.1133  -0.1594 66  GLN A OE1 
385 N NE2 . GLN A 67  ? 0.7049 0.9202 0.8172 0.0031  0.1036  -0.1362 66  GLN A NE2 
386 N N   . GLN A 68  ? 0.4030 0.5263 0.5316 0.0079  0.1116  -0.1191 67  GLN A N   
387 C CA  . GLN A 68  ? 0.3973 0.5075 0.5077 0.0067  0.1046  -0.1046 67  GLN A CA  
388 C C   . GLN A 68  ? 0.4797 0.5834 0.5786 -0.0053 0.1019  -0.1073 67  GLN A C   
389 O O   . GLN A 68  ? 0.3615 0.4653 0.4410 -0.0129 0.0941  -0.1012 67  GLN A O   
390 C CB  . GLN A 68  ? 0.3623 0.4548 0.4820 0.0212  0.1071  -0.0921 67  GLN A CB  
391 C CG  . GLN A 68  ? 0.4923 0.5953 0.6178 0.0342  0.1072  -0.0852 67  GLN A CG  
392 C CD  . GLN A 68  ? 0.5959 0.6839 0.7370 0.0500  0.1128  -0.0746 67  GLN A CD  
393 O OE1 . GLN A 68  ? 0.4750 0.5441 0.6276 0.0502  0.1193  -0.0765 67  GLN A OE1 
394 N NE2 . GLN A 68  ? 0.4683 0.5658 0.6101 0.0629  0.1111  -0.0631 67  GLN A NE2 
395 N N   . LEU A 69  ? 0.4009 0.4998 0.5130 -0.0068 0.1086  -0.1172 68  LEU A N   
396 C CA  . LEU A 69  ? 0.4251 0.5251 0.5276 -0.0178 0.1067  -0.1225 68  LEU A CA  
397 C C   . LEU A 69  ? 0.5525 0.6741 0.6402 -0.0308 0.1018  -0.1274 68  LEU A C   
398 O O   . LEU A 69  ? 0.3050 0.4258 0.3733 -0.0381 0.0947  -0.1215 68  LEU A O   
399 C CB  . LEU A 69  ? 0.3655 0.4640 0.4884 -0.0183 0.1168  -0.1368 68  LEU A CB  
400 C CG  . LEU A 69  ? 0.4305 0.5044 0.5641 -0.0086 0.1215  -0.1296 68  LEU A CG  
401 C CD1 . LEU A 69  ? 0.5707 0.6398 0.7316 -0.0076 0.1347  -0.1446 68  LEU A CD1 
402 C CD2 . LEU A 69  ? 0.4267 0.4919 0.5417 -0.0122 0.1145  -0.1218 68  LEU A CD2 
403 N N   . ALA A 70  ? 0.3559 0.4978 0.4528 -0.0337 0.1057  -0.1384 69  ALA A N   
404 C CA  . ALA A 70  ? 0.4837 0.6495 0.5666 -0.0475 0.1020  -0.1431 69  ALA A CA  
405 C C   . ALA A 70  ? 0.3780 0.5381 0.4374 -0.0515 0.0931  -0.1278 69  ALA A C   
406 O O   . ALA A 70  ? 0.3077 0.4714 0.3482 -0.0622 0.0876  -0.1227 69  ALA A O   
407 C CB  . ALA A 70  ? 0.3176 0.5079 0.4159 -0.0490 0.1076  -0.1582 69  ALA A CB  
408 N N   . ARG A 71  ? 0.4079 0.5597 0.4690 -0.0426 0.0920  -0.1203 70  ARG A N   
409 C CA  . ARG A 71  ? 0.4283 0.5748 0.4709 -0.0463 0.0847  -0.1084 70  ARG A CA  
410 C C   . ARG A 71  ? 0.5293 0.6552 0.5588 -0.0473 0.0785  -0.0975 70  ARG A C   
411 O O   . ARG A 71  ? 0.3702 0.4944 0.3821 -0.0572 0.0728  -0.0914 70  ARG A O   
412 C CB  . ARG A 71  ? 0.3743 0.5200 0.4245 -0.0347 0.0854  -0.1042 70  ARG A CB  
413 C CG  . ARG A 71  ? 0.4674 0.6108 0.5023 -0.0389 0.0793  -0.0951 70  ARG A CG  
414 C CD  . ARG A 71  ? 0.6099 0.7695 0.6315 -0.0552 0.0782  -0.0993 70  ARG A CD  
415 N NE  . ARG A 71  ? 0.7484 0.9048 0.7573 -0.0611 0.0741  -0.0926 70  ARG A NE  
416 C CZ  . ARG A 71  ? 0.7994 0.9699 0.8121 -0.0581 0.0756  -0.0956 70  ARG A CZ  
417 N NH1 . ARG A 71  ? 0.5078 0.6956 0.5351 -0.0475 0.0802  -0.1032 70  ARG A NH1 
418 N NH2 . ARG A 71  ? 0.8738 1.0418 0.8768 -0.0653 0.0728  -0.0917 70  ARG A NH2 
419 N N   . LEU A 72  ? 0.4508 0.5608 0.4891 -0.0371 0.0797  -0.0951 71  LEU A N   
420 C CA  . LEU A 72  ? 0.4268 0.5200 0.4534 -0.0371 0.0732  -0.0866 71  LEU A CA  
421 C C   . LEU A 72  ? 0.4915 0.5902 0.5060 -0.0475 0.0704  -0.0888 71  LEU A C   
422 O O   . LEU A 72  ? 0.5207 0.6106 0.5191 -0.0512 0.0627  -0.0800 71  LEU A O   
423 C CB  . LEU A 72  ? 0.3103 0.3899 0.3490 -0.0264 0.0760  -0.0859 71  LEU A CB  
424 C CG  . LEU A 72  ? 0.3923 0.4668 0.4398 -0.0150 0.0772  -0.0791 71  LEU A CG  
425 C CD1 . LEU A 72  ? 0.2973 0.3607 0.3593 -0.0058 0.0830  -0.0789 71  LEU A CD1 
426 C CD2 . LEU A 72  ? 0.3196 0.3894 0.3553 -0.0147 0.0690  -0.0697 71  LEU A CD2 
427 N N   . ARG A 73  ? 0.3935 0.5084 0.4166 -0.0515 0.0765  -0.1008 72  ARG A N   
428 C CA  . ARG A 73  ? 0.4059 0.5346 0.4180 -0.0615 0.0745  -0.1037 72  ARG A CA  
429 C C   . ARG A 73  ? 0.4087 0.5451 0.4025 -0.0722 0.0693  -0.0956 72  ARG A C   
430 O O   . ARG A 73  ? 0.4754 0.6061 0.4517 -0.0766 0.0625  -0.0855 72  ARG A O   
431 C CB  . ARG A 73  ? 0.4701 0.6217 0.4986 -0.0647 0.0833  -0.1213 72  ARG A CB  
432 C CG  . ARG A 73  ? 0.7554 0.9299 0.7732 -0.0753 0.0817  -0.1255 72  ARG A CG  
433 C CD  . ARG A 73  ? 0.9599 1.1667 0.9936 -0.0821 0.0901  -0.1447 72  ARG A CD  
434 N NE  . ARG A 73  ? 0.9264 1.1300 0.9870 -0.0747 0.0997  -0.1601 72  ARG A NE  
435 C CZ  . ARG A 73  ? 0.8773 1.0820 0.9469 -0.0732 0.1040  -0.1695 72  ARG A CZ  
436 N NH1 . ARG A 73  ? 0.9727 1.1851 1.0259 -0.0768 0.0984  -0.1654 72  ARG A NH1 
437 N NH2 . ARG A 73  ? 0.8309 1.0294 0.9267 -0.0676 0.1140  -0.1831 72  ARG A NH2 
438 N N   . LEU A 74  ? 0.4325 0.5807 0.4304 -0.0761 0.0726  -0.0994 73  LEU A N   
439 C CA  . LEU A 74  ? 0.5839 0.7391 0.5648 -0.0882 0.0690  -0.0923 73  LEU A CA  
440 C C   . LEU A 74  ? 0.6342 0.7640 0.6001 -0.0874 0.0614  -0.0765 73  LEU A C   
441 O O   . LEU A 74  ? 0.6880 0.8152 0.6365 -0.0971 0.0569  -0.0667 73  LEU A O   
442 C CB  . LEU A 74  ? 0.4520 0.6223 0.4406 -0.0907 0.0736  -0.0997 73  LEU A CB  
443 C CG  . LEU A 74  ? 0.4759 0.6594 0.4487 -0.1063 0.0723  -0.0961 73  LEU A CG  
444 C CD1 . LEU A 74  ? 0.4652 0.6783 0.4350 -0.1184 0.0749  -0.1039 73  LEU A CD1 
445 C CD2 . LEU A 74  ? 0.4536 0.6462 0.4336 -0.1053 0.0755  -0.1021 73  LEU A CD2 
446 N N   . GLU A 75  ? 0.6572 0.7688 0.6308 -0.0762 0.0600  -0.0738 74  GLU A N   
447 C CA  . GLU A 75  ? 0.5064 0.5967 0.4694 -0.0757 0.0531  -0.0621 74  GLU A CA  
448 C C   . GLU A 75  ? 0.5604 0.6348 0.5162 -0.0714 0.0468  -0.0554 74  GLU A C   
449 O O   . GLU A 75  ? 0.5924 0.6480 0.5431 -0.0683 0.0406  -0.0475 74  GLU A O   
450 C CB  . GLU A 75  ? 0.3641 0.4485 0.3381 -0.0664 0.0540  -0.0629 74  GLU A CB  
451 C CG  . GLU A 75  ? 0.6298 0.7306 0.6056 -0.0726 0.0583  -0.0675 74  GLU A CG  
452 C CD  . GLU A 75  ? 0.8567 0.9592 0.8429 -0.0636 0.0593  -0.0688 74  GLU A CD  
453 O OE1 . GLU A 75  ? 0.9544 1.0572 0.9536 -0.0507 0.0615  -0.0708 74  GLU A OE1 
454 O OE2 . GLU A 75  ? 0.9729 1.0783 0.9543 -0.0700 0.0586  -0.0681 74  GLU A OE2 
455 N N   . GLY A 76  ? 0.4734 0.5579 0.4301 -0.0708 0.0482  -0.0603 75  GLY A N   
456 C CA  . GLY A 76  ? 0.5839 0.6586 0.5330 -0.0664 0.0422  -0.0556 75  GLY A CA  
457 C C   . GLY A 76  ? 0.5285 0.5888 0.4871 -0.0543 0.0404  -0.0576 75  GLY A C   
458 O O   . GLY A 76  ? 0.5417 0.5918 0.4931 -0.0498 0.0337  -0.0533 75  GLY A O   
459 N N   . LEU A 77  ? 0.5895 0.6502 0.5636 -0.0485 0.0462  -0.0637 76  LEU A N   
460 C CA  . LEU A 77  ? 0.5579 0.6065 0.5405 -0.0380 0.0449  -0.0639 76  LEU A CA  
461 C C   . LEU A 77  ? 0.7104 0.7637 0.7028 -0.0340 0.0502  -0.0731 76  LEU A C   
462 O O   . LEU A 77  ? 0.4489 0.4935 0.4430 -0.0279 0.0476  -0.0732 76  LEU A O   
463 C CB  . LEU A 77  ? 0.4274 0.4753 0.4207 -0.0332 0.0483  -0.0630 76  LEU A CB  
464 C CG  . LEU A 77  ? 0.5979 0.6429 0.5835 -0.0377 0.0438  -0.0566 76  LEU A CG  
465 C CD1 . LEU A 77  ? 0.4431 0.4962 0.4398 -0.0331 0.0479  -0.0577 76  LEU A CD1 
466 C CD2 . LEU A 77  ? 0.7476 0.7772 0.7261 -0.0353 0.0348  -0.0507 76  LEU A CD2 
467 N N   . VAL A 78  ? 0.4109 0.4792 0.4103 -0.0385 0.0580  -0.0824 77  VAL A N   
468 C CA  . VAL A 78  ? 0.4418 0.5167 0.4525 -0.0371 0.0647  -0.0941 77  VAL A CA  
469 C C   . VAL A 78  ? 0.5711 0.6683 0.5782 -0.0458 0.0670  -0.1026 77  VAL A C   
470 O O   . VAL A 78  ? 0.5914 0.6997 0.5903 -0.0529 0.0653  -0.0995 77  VAL A O   
471 C CB  . VAL A 78  ? 0.4114 0.4835 0.4431 -0.0321 0.0749  -0.1002 77  VAL A CB  
472 C CG1 . VAL A 78  ? 0.3970 0.4541 0.4302 -0.0240 0.0722  -0.0891 77  VAL A CG1 
473 C CG2 . VAL A 78  ? 0.3841 0.4728 0.4250 -0.0373 0.0818  -0.1087 77  VAL A CG2 
474 N N   . GLN A 79  ? 0.4956 0.6025 0.5097 -0.0459 0.0715  -0.1143 78  GLN A N   
475 C CA  . GLN A 79  ? 0.4383 0.5731 0.4531 -0.0535 0.0753  -0.1263 78  GLN A CA  
476 C C   . GLN A 79  ? 0.5974 0.7392 0.6358 -0.0532 0.0877  -0.1449 78  GLN A C   
477 O O   . GLN A 79  ? 0.5823 0.7046 0.6317 -0.0469 0.0917  -0.1453 78  GLN A O   
478 C CB  . GLN A 79  ? 0.6315 0.7751 0.6282 -0.0539 0.0670  -0.1224 78  GLN A CB  
479 C CG  . GLN A 79  ? 0.7599 0.8925 0.7587 -0.0465 0.0657  -0.1258 78  GLN A CG  
480 C CD  . GLN A 79  ? 0.7131 0.8450 0.6912 -0.0428 0.0535  -0.1160 78  GLN A CD  
481 O OE1 . GLN A 79  ? 0.7578 0.9012 0.7206 -0.0462 0.0474  -0.1078 78  GLN A OE1 
482 N NE2 . GLN A 79  ? 0.6869 0.8059 0.6647 -0.0356 0.0497  -0.1164 78  GLN A NE2 
483 N N   . SER A 80  ? 0.5047 0.6758 0.5521 -0.0608 0.0946  -0.1608 79  SER A N   
484 C CA  . SER A 80  ? 0.5145 0.6941 0.5875 -0.0620 0.1078  -0.1817 79  SER A CA  
485 C C   . SER A 80  ? 0.6673 0.8825 0.7404 -0.0693 0.1106  -0.1983 79  SER A C   
486 O O   . SER A 80  ? 0.6503 0.8889 0.7057 -0.0739 0.1032  -0.1935 79  SER A O   
487 C CB  . SER A 80  ? 0.6228 0.8051 0.7173 -0.0634 0.1169  -0.1907 79  SER A CB  
488 O OG  . SER A 80  ? 0.6806 0.8939 0.7714 -0.0718 0.1157  -0.1963 79  SER A OG  
489 N N   . ARG A 81  ? 0.5854 0.8057 0.6794 -0.0704 0.1216  -0.2175 80  ARG A N   
490 C CA  . ARG A 81  ? 0.6857 0.9352 0.7855 -0.0777 0.1191  -0.2293 80  ARG A CA  
491 C C   . ARG A 81  ? 0.6286 0.8712 0.7594 -0.0818 0.1269  -0.2434 80  ARG A C   
492 O O   . ARG A 81  ? 0.6523 0.8642 0.7968 -0.0774 0.1338  -0.2412 80  ARG A O   
493 C CB  . ARG A 81  ? 0.7177 0.9713 0.8031 -0.0747 0.1131  -0.2270 80  ARG A CB  
494 C CG  . ARG A 81  ? 0.8114 1.0471 0.9141 -0.0744 0.1175  -0.2338 80  ARG A CG  
495 C CD  . ARG A 81  ? 0.8456 1.0780 0.9320 -0.0690 0.1110  -0.2287 80  ARG A CD  
496 N NE  . ARG A 81  ? 0.8040 1.0132 0.9053 -0.0690 0.1166  -0.2319 80  ARG A NE  
497 C CZ  . ARG A 81  ? 0.9860 1.2023 1.1086 -0.0769 0.1223  -0.2450 80  ARG A CZ  
498 N NH1 . ARG A 81  ? 1.0724 1.3189 1.2049 -0.0849 0.1220  -0.2572 80  ARG A NH1 
499 N NH2 . ARG A 81  ? 0.8643 1.0588 0.9983 -0.0780 0.1285  -0.2464 80  ARG A NH2 
500 N N   . ARG A 82  ? 0.8270 1.0986 0.9690 -0.0906 0.1259  -0.2579 81  ARG A N   
501 C CA  . ARG A 82  ? 0.8193 1.0860 0.9912 -0.0965 0.1337  -0.2738 81  ARG A CA  
502 C C   . ARG A 82  ? 0.8640 1.1346 1.0451 -0.1012 0.1350  -0.2835 81  ARG A C   
503 O O   . ARG A 82  ? 0.8130 1.1025 0.9785 -0.1013 0.1278  -0.2815 81  ARG A O   
504 C CB  . ARG A 82  ? 0.9698 1.2672 1.1534 -0.1051 0.1327  -0.2880 81  ARG A CB  
505 C CG  . ARG A 82  ? 1.2307 1.5169 1.4476 -0.1099 0.1420  -0.3044 81  ARG A CG  
506 C CD  . ARG A 82  ? 1.1753 1.4935 1.4063 -0.1193 0.1405  -0.3228 81  ARG A CD  
507 N NE  . ARG A 82  ? 1.1402 1.4743 1.3572 -0.1180 0.1351  -0.3166 81  ARG A NE  
508 C CZ  . ARG A 82  ? 1.2865 1.6479 1.4774 -0.1196 0.1264  -0.3081 81  ARG A CZ  
509 N NH1 . ARG A 82  ? 1.4293 1.8058 1.6057 -0.1205 0.1213  -0.3049 81  ARG A NH1 
510 N NH2 . ARG A 82  ? 1.2720 1.6470 1.4517 -0.1203 0.1229  -0.3028 81  ARG A NH2 
511 N N   . GLU A 83  ? 1.0905 1.3426 1.2979 -0.1051 0.1448  -0.2935 82  GLU A N   
512 C CA  . GLU A 83  ? 1.0702 1.3295 1.2927 -0.1135 0.1483  -0.3074 82  GLU A CA  
513 C C   . GLU A 83  ? 1.1004 1.3508 1.3567 -0.1210 0.1595  -0.3232 82  GLU A C   
514 O O   . GLU A 83  ? 1.1640 1.3801 1.4333 -0.1163 0.1690  -0.3172 82  GLU A O   
515 C CB  . GLU A 83  ? 0.9369 1.1722 1.1516 -0.1090 0.1501  -0.2976 82  GLU A CB  
516 C CG  . GLU A 83  ? 1.0473 1.3085 1.2540 -0.1134 0.1437  -0.3037 82  GLU A CG  
517 C CD  . GLU A 83  ? 1.1484 1.3912 1.3388 -0.1063 0.1413  -0.2907 82  GLU A CD  
518 O OE1 . GLU A 83  ? 1.1679 1.4322 1.3406 -0.1036 0.1316  -0.2880 82  GLU A OE1 
519 O OE2 . GLU A 83  ? 1.2537 1.4617 1.4493 -0.1031 0.1491  -0.2835 82  GLU A OE2 
520 N N   . GLY A 84  ? 0.8825 1.1640 1.1535 -0.1321 0.1587  -0.3434 83  GLY A N   
521 C CA  . GLY A 84  ? 0.8784 1.1535 1.1829 -0.1391 0.1690  -0.3597 83  GLY A CA  
522 C C   . GLY A 84  ? 1.0089 1.2707 1.3142 -0.1310 0.1698  -0.3517 83  GLY A C   
523 O O   . GLY A 84  ? 1.0414 1.3236 1.3278 -0.1283 0.1604  -0.3470 83  GLY A O   
524 N N   . LYS A 85  ? 1.2236 1.4518 1.5514 -0.1271 0.1815  -0.3494 84  LYS A N   
525 C CA  . LYS A 85  ? 1.2735 1.4855 1.6046 -0.1172 0.1831  -0.3406 84  LYS A CA  
526 C C   . LYS A 85  ? 1.2343 1.4091 1.5513 -0.1032 0.1853  -0.3166 84  LYS A C   
527 O O   . LYS A 85  ? 1.2547 1.4055 1.5838 -0.0942 0.1912  -0.3094 84  LYS A O   
528 C CB  . LYS A 85  ? 1.2668 1.4709 1.6365 -0.1208 0.1941  -0.3556 84  LYS A CB  
529 C CG  . LYS A 85  ? 1.2636 1.5036 1.6515 -0.1349 0.1926  -0.3815 84  LYS A CG  
530 C CD  . LYS A 85  ? 1.2199 1.4938 1.5872 -0.1359 0.1796  -0.3844 84  LYS A CD  
531 C CE  . LYS A 85  ? 1.3368 1.6381 1.7307 -0.1477 0.1809  -0.4111 84  LYS A CE  
532 N NZ  . LYS A 85  ? 1.6236 1.9200 2.0251 -0.1403 0.1811  -0.4092 84  LYS A NZ  
533 N N   . THR A 86  ? 1.1792 1.3487 1.4725 -0.1008 0.1809  -0.3047 85  THR A N   
534 C CA  . THR A 86  ? 1.1012 1.2411 1.3771 -0.0881 0.1806  -0.2830 85  THR A CA  
535 C C   . THR A 86  ? 0.9397 1.0976 1.1832 -0.0842 0.1678  -0.2726 85  THR A C   
536 O O   . THR A 86  ? 0.8375 1.0208 1.0659 -0.0901 0.1603  -0.2768 85  THR A O   
537 C CB  . THR A 86  ? 1.0625 1.1795 1.3394 -0.0885 0.1867  -0.2775 85  THR A CB  
538 O OG1 . THR A 86  ? 1.1112 1.2530 1.3863 -0.1000 0.1838  -0.2907 85  THR A OG1 
539 C CG2 . THR A 86  ? 1.0377 1.1246 1.3449 -0.0877 0.2019  -0.2790 85  THR A CG2 
540 N N   . ILE A 87  ? 0.7683 0.9144 1.0021 -0.0742 0.1659  -0.2594 86  ILE A N   
541 C CA  . ILE A 87  ? 0.7014 0.8584 0.9056 -0.0705 0.1562  -0.2477 86  ILE A CA  
542 C C   . ILE A 87  ? 0.6883 0.8179 0.8789 -0.0618 0.1563  -0.2319 86  ILE A C   
543 O O   . ILE A 87  ? 0.6746 0.7750 0.8768 -0.0542 0.1632  -0.2243 86  ILE A O   
544 C CB  . ILE A 87  ? 0.7195 0.8846 0.9210 -0.0668 0.1540  -0.2442 86  ILE A CB  
545 C CG1 . ILE A 87  ? 0.7545 0.9511 0.9678 -0.0766 0.1525  -0.2611 86  ILE A CG1 
546 C CG2 . ILE A 87  ? 0.7396 0.9148 0.9111 -0.0648 0.1457  -0.2319 86  ILE A CG2 
547 C CD1 . ILE A 87  ? 0.7949 1.0249 0.9925 -0.0860 0.1449  -0.2670 86  ILE A CD1 
548 N N   . TYR A 88  ? 0.5691 0.7093 0.7356 -0.0624 0.1482  -0.2269 87  TYR A N   
549 C CA  . TYR A 88  ? 0.5675 0.6868 0.7191 -0.0552 0.1462  -0.2142 87  TYR A CA  
550 C C   . TYR A 88  ? 0.4421 0.5640 0.5686 -0.0506 0.1353  -0.1996 87  TYR A C   
551 O O   . TYR A 88  ? 0.5821 0.7275 0.6918 -0.0550 0.1272  -0.2002 87  TYR A O   
552 C CB  . TYR A 88  ? 0.4686 0.5955 0.6130 -0.0597 0.1426  -0.2189 87  TYR A CB  
553 C CG  . TYR A 88  ? 0.5677 0.6826 0.7346 -0.0647 0.1519  -0.2272 87  TYR A CG  
554 C CD1 . TYR A 88  ? 0.8928 0.9756 1.0721 -0.0595 0.1611  -0.2198 87  TYR A CD1 
555 C CD2 . TYR A 88  ? 0.6582 0.7947 0.8354 -0.0750 0.1526  -0.2423 87  TYR A CD2 
556 C CE1 . TYR A 88  ? 1.0252 1.0954 1.2256 -0.0652 0.1716  -0.2268 87  TYR A CE1 
557 C CE2 . TYR A 88  ? 0.8652 0.9905 1.0649 -0.0815 0.1630  -0.2513 87  TYR A CE2 
558 C CZ  . TYR A 88  ? 0.9642 1.0551 1.1753 -0.0769 0.1731  -0.2432 87  TYR A CZ  
559 O OH  . TYR A 88  ? 0.8200 0.8980 1.0540 -0.0841 0.1854  -0.2512 87  TYR A OH  
560 N N   . TYR A 89  ? 0.4463 0.5421 0.5687 -0.0425 0.1310  -0.1808 88  TYR A N   
561 C CA  . TYR A 89  ? 0.5901 0.6813 0.6887 -0.0387 0.1168  -0.1615 88  TYR A CA  
562 C C   . TYR A 89  ? 0.5098 0.5885 0.5933 -0.0348 0.1086  -0.1515 88  TYR A C   
563 O O   . TYR A 89  ? 0.7246 0.7905 0.8170 -0.0325 0.1143  -0.1534 88  TYR A O   
564 C CB  . TYR A 89  ? 0.4659 0.5422 0.5699 -0.0319 0.1167  -0.1492 88  TYR A CB  
565 C CG  . TYR A 89  ? 0.5124 0.6047 0.6254 -0.0352 0.1204  -0.1570 88  TYR A CG  
566 C CD1 . TYR A 89  ? 0.4830 0.5802 0.6221 -0.0363 0.1333  -0.1735 88  TYR A CD1 
567 C CD2 . TYR A 89  ? 0.5656 0.6687 0.6620 -0.0377 0.1114  -0.1489 88  TYR A CD2 
568 C CE1 . TYR A 89  ? 0.5057 0.6213 0.6544 -0.0393 0.1361  -0.1829 88  TYR A CE1 
569 C CE2 . TYR A 89  ? 0.6881 0.8094 0.7921 -0.0418 0.1146  -0.1572 88  TYR A CE2 
570 C CZ  . TYR A 89  ? 0.5404 0.6694 0.6708 -0.0421 0.1265  -0.1746 88  TYR A CZ  
571 O OH  . TYR A 89  ? 0.6945 0.8451 0.8333 -0.0461 0.1289  -0.1848 88  TYR A OH  
572 N N   . SER A 90  ? 0.5910 0.6736 0.6522 -0.0344 0.0954  -0.1410 89  SER A N   
573 C CA  . SER A 90  ? 0.6425 0.7139 0.6897 -0.0296 0.0858  -0.1314 89  SER A CA  
574 C C   . SER A 90  ? 0.5784 0.6439 0.6084 -0.0272 0.0735  -0.1155 89  SER A C   
575 O O   . SER A 90  ? 0.4318 0.5052 0.4567 -0.0311 0.0719  -0.1127 89  SER A O   
576 C CB  . SER A 90  ? 0.5093 0.5954 0.5488 -0.0322 0.0832  -0.1416 89  SER A CB  
577 O OG  . SER A 90  ? 0.5787 0.6840 0.6048 -0.0360 0.0771  -0.1420 89  SER A OG  
578 N N   . LEU A 91  ? 0.5366 0.5889 0.5594 -0.0215 0.0657  -0.1062 90  LEU A N   
579 C CA  . LEU A 91  ? 0.4287 0.4742 0.4375 -0.0196 0.0545  -0.0933 90  LEU A CA  
580 C C   . LEU A 91  ? 0.4457 0.4998 0.4383 -0.0233 0.0467  -0.0921 90  LEU A C   
581 O O   . LEU A 91  ? 0.4298 0.4942 0.4186 -0.0236 0.0457  -0.0997 90  LEU A O   
582 C CB  . LEU A 91  ? 0.4867 0.5211 0.4937 -0.0131 0.0478  -0.0875 90  LEU A CB  
583 C CG  . LEU A 91  ? 0.5388 0.5665 0.5593 -0.0087 0.0540  -0.0844 90  LEU A CG  
584 C CD1 . LEU A 91  ? 0.3731 0.3971 0.3910 -0.0037 0.0470  -0.0816 90  LEU A CD1 
585 C CD2 . LEU A 91  ? 0.4624 0.4890 0.4856 -0.0078 0.0552  -0.0763 90  LEU A CD2 
586 N N   . SER A 92  ? 0.4543 0.5059 0.4372 -0.0263 0.0415  -0.0824 91  SER A N   
587 C CA  . SER A 92  ? 0.5637 0.6233 0.5309 -0.0306 0.0352  -0.0781 91  SER A CA  
588 C C   . SER A 92  ? 0.5757 0.6186 0.5298 -0.0276 0.0236  -0.0652 91  SER A C   
589 O O   . SER A 92  ? 0.6325 0.6734 0.5779 -0.0229 0.0158  -0.0635 91  SER A O   
590 C CB  . SER A 92  ? 0.5529 0.6261 0.5204 -0.0394 0.0411  -0.0789 91  SER A CB  
591 O OG  . SER A 92  ? 0.9505 1.0390 0.9046 -0.0445 0.0375  -0.0766 91  SER A OG  
592 N N   . ASP A 93  ? 0.5573 0.5890 0.5115 -0.0296 0.0225  -0.0575 92  ASP A N   
593 C CA  . ASP A 93  ? 0.4671 0.4823 0.4115 -0.0286 0.0128  -0.0467 92  ASP A CA  
594 C C   . ASP A 93  ? 0.6968 0.7017 0.6450 -0.0191 0.0060  -0.0488 92  ASP A C   
595 O O   . ASP A 93  ? 0.5546 0.5602 0.5147 -0.0153 0.0093  -0.0541 92  ASP A O   
596 C CB  . ASP A 93  ? 0.5037 0.5128 0.4509 -0.0338 0.0152  -0.0419 92  ASP A CB  
597 C CG  . ASP A 93  ? 0.6669 0.6578 0.6070 -0.0345 0.0070  -0.0328 92  ASP A CG  
598 O OD1 . ASP A 93  ? 1.0111 0.9977 0.9406 -0.0426 0.0061  -0.0245 92  ASP A OD1 
599 O OD2 . ASP A 93  ? 0.6849 0.6662 0.6312 -0.0274 0.0018  -0.0346 92  ASP A OD2 
600 N N   . PRO A 94  ? 0.7583 0.7553 0.6970 -0.0148 -0.0037 -0.0443 93  PRO A N   
601 C CA  . PRO A 94  ? 0.7012 0.6913 0.6445 -0.0057 -0.0110 -0.0485 93  PRO A CA  
602 C C   . PRO A 94  ? 0.5276 0.5081 0.4812 -0.0043 -0.0125 -0.0485 93  PRO A C   
603 O O   . PRO A 94  ? 0.6353 0.6218 0.5993 0.0003  -0.0115 -0.0558 93  PRO A O   
604 C CB  . PRO A 94  ? 0.8944 0.8768 0.8250 -0.0010 -0.0215 -0.0418 93  PRO A CB  
605 C CG  . PRO A 94  ? 1.0471 1.0292 0.9656 -0.0091 -0.0194 -0.0306 93  PRO A CG  
606 C CD  . PRO A 94  ? 0.8832 0.8829 0.8069 -0.0168 -0.0078 -0.0369 93  PRO A CD  
607 N N   . ARG A 95  ? 0.5661 0.5347 0.5179 -0.0091 -0.0141 -0.0409 94  ARG A N   
608 C CA  . ARG A 95  ? 0.6215 0.5867 0.5846 -0.0085 -0.0148 -0.0434 94  ARG A CA  
609 C C   . ARG A 95  ? 0.6503 0.6315 0.6243 -0.0088 -0.0059 -0.0486 94  ARG A C   
610 O O   . ARG A 95  ? 0.4400 0.4284 0.4243 -0.0034 -0.0067 -0.0541 94  ARG A O   
611 C CB  . ARG A 95  ? 0.7015 0.6531 0.6609 -0.0164 -0.0154 -0.0359 94  ARG A CB  
612 C CG  . ARG A 95  ? 1.3947 1.3308 1.3607 -0.0148 -0.0226 -0.0364 94  ARG A CG  
613 C CD  . ARG A 95  ? 1.5168 1.4660 1.4993 -0.0120 -0.0213 -0.0467 94  ARG A CD  
614 N NE  . ARG A 95  ? 1.6239 1.5611 1.6151 -0.0109 -0.0278 -0.0503 94  ARG A NE  
615 C CZ  . ARG A 95  ? 1.6646 1.6143 1.6714 -0.0065 -0.0301 -0.0611 94  ARG A CZ  
616 N NH1 . ARG A 95  ? 1.3087 1.2488 1.3259 -0.0054 -0.0361 -0.0669 94  ARG A NH1 
617 N NH2 . ARG A 95  ? 1.7547 1.7270 1.7669 -0.0024 -0.0270 -0.0662 94  ARG A NH2 
618 N N   . ALA A 96  ? 0.5130 0.5012 0.4848 -0.0144 0.0026  -0.0468 95  ALA A N   
619 C CA  . ALA A 96  ? 0.5366 0.5377 0.5195 -0.0132 0.0110  -0.0501 95  ALA A CA  
620 C C   . ALA A 96  ? 0.4399 0.4468 0.4298 -0.0063 0.0127  -0.0553 95  ALA A C   
621 O O   . ALA A 96  ? 0.4364 0.4507 0.4365 -0.0020 0.0156  -0.0562 95  ALA A O   
622 C CB  . ALA A 96  ? 0.3515 0.3597 0.3327 -0.0192 0.0195  -0.0494 95  ALA A CB  
623 N N   . ALA A 97  ? 0.3710 0.3765 0.3551 -0.0057 0.0117  -0.0584 96  ALA A N   
624 C CA  . ALA A 97  ? 0.3707 0.3821 0.3616 -0.0015 0.0151  -0.0648 96  ALA A CA  
625 C C   . ALA A 97  ? 0.4143 0.4267 0.4100 0.0043  0.0085  -0.0667 96  ALA A C   
626 O O   . ALA A 97  ? 0.3167 0.3361 0.3214 0.0069  0.0130  -0.0682 96  ALA A O   
627 C CB  . ALA A 97  ? 0.3592 0.3734 0.3431 -0.0026 0.0149  -0.0705 96  ALA A CB  
628 N N   . ARG A 98  ? 0.3579 0.3638 0.3483 0.0060  -0.0021 -0.0663 97  ARG A N   
629 C CA  . ARG A 98  ? 0.4665 0.4770 0.4635 0.0113  -0.0092 -0.0710 97  ARG A CA  
630 C C   . ARG A 98  ? 0.4817 0.5011 0.4894 0.0113  -0.0063 -0.0689 97  ARG A C   
631 O O   . ARG A 98  ? 0.3972 0.4297 0.4133 0.0148  -0.0062 -0.0721 97  ARG A O   
632 C CB  . ARG A 98  ? 0.4376 0.4375 0.4288 0.0140  -0.0210 -0.0721 97  ARG A CB  
633 C CG  . ARG A 98  ? 0.8925 0.8928 0.8762 0.0191  -0.0276 -0.0782 97  ARG A CG  
634 C CD  . ARG A 98  ? 1.7249 1.7144 1.7053 0.0255  -0.0412 -0.0793 97  ARG A CD  
635 N NE  . ARG A 98  ? 1.8050 1.7759 1.7767 0.0238  -0.0448 -0.0688 97  ARG A NE  
636 C CZ  . ARG A 98  ? 1.4377 1.3936 1.4130 0.0262  -0.0527 -0.0665 97  ARG A CZ  
637 N NH1 . ARG A 98  ? 1.3459 1.3066 1.3349 0.0302  -0.0578 -0.0763 97  ARG A NH1 
638 N NH2 . ARG A 98  ? 1.7098 1.6471 1.6766 0.0231  -0.0541 -0.0551 97  ARG A NH2 
639 N N   . VAL A 99  ? 0.3898 0.4064 0.3972 0.0072  -0.0031 -0.0636 98  VAL A N   
640 C CA  . VAL A 99  ? 0.3381 0.3687 0.3556 0.0078  0.0004  -0.0624 98  VAL A CA  
641 C C   . VAL A 99  ? 0.4674 0.5097 0.4909 0.0110  0.0094  -0.0594 98  VAL A C   
642 O O   . VAL A 99  ? 0.3948 0.4538 0.4273 0.0149  0.0105  -0.0587 98  VAL A O   
643 C CB  . VAL A 99  ? 0.3746 0.4019 0.3900 0.0019  0.0032  -0.0590 98  VAL A CB  
644 C CG1 . VAL A 99  ? 0.2968 0.3452 0.3228 0.0037  0.0084  -0.0587 98  VAL A CG1 
645 C CG2 . VAL A 99  ? 0.4097 0.4233 0.4214 -0.0017 -0.0046 -0.0606 98  VAL A CG2 
646 N N   . VAL A 100 ? 0.4709 0.5059 0.4906 0.0092  0.0163  -0.0572 99  VAL A N   
647 C CA  . VAL A 100 ? 0.3495 0.3904 0.3765 0.0122  0.0260  -0.0539 99  VAL A CA  
648 C C   . VAL A 100 ? 0.4644 0.5092 0.4952 0.0154  0.0258  -0.0560 99  VAL A C   
649 O O   . VAL A 100 ? 0.3629 0.4172 0.4020 0.0192  0.0312  -0.0510 99  VAL A O   
650 C CB  . VAL A 100 ? 0.3212 0.3535 0.3458 0.0085  0.0334  -0.0546 99  VAL A CB  
651 C CG1 . VAL A 100 ? 0.3414 0.3744 0.3758 0.0116  0.0438  -0.0530 99  VAL A CG1 
652 C CG2 . VAL A 100 ? 0.3502 0.3842 0.3725 0.0051  0.0349  -0.0521 99  VAL A CG2 
653 N N   . GLN A 101 ? 0.3905 0.4303 0.4155 0.0140  0.0194  -0.0631 100 GLN A N   
654 C CA  . GLN A 101 ? 0.3611 0.4083 0.3896 0.0159  0.0191  -0.0670 100 GLN A CA  
655 C C   . GLN A 101 ? 0.3874 0.4516 0.4227 0.0195  0.0144  -0.0652 100 GLN A C   
656 O O   . GLN A 101 ? 0.3458 0.4217 0.3872 0.0212  0.0188  -0.0620 100 GLN A O   
657 C CB  . GLN A 101 ? 0.4118 0.4549 0.4328 0.0149  0.0119  -0.0768 100 GLN A CB  
658 C CG  . GLN A 101 ? 0.5620 0.5974 0.5786 0.0113  0.0184  -0.0808 100 GLN A CG  
659 C CD  . GLN A 101 ? 0.6997 0.7357 0.7080 0.0117  0.0108  -0.0902 100 GLN A CD  
660 O OE1 . GLN A 101 ? 0.7222 0.7571 0.7254 0.0150  -0.0007 -0.0914 100 GLN A OE1 
661 N NE2 . GLN A 101 ? 0.7050 0.7439 0.7127 0.0087  0.0173  -0.0980 100 GLN A NE2 
662 N N   . THR A 102 ? 0.3625 0.4297 0.3974 0.0199  0.0059  -0.0678 101 THR A N   
663 C CA  . THR A 102 ? 0.3446 0.4335 0.3883 0.0226  0.0016  -0.0692 101 THR A CA  
664 C C   . THR A 102 ? 0.4110 0.5149 0.4614 0.0252  0.0100  -0.0593 101 THR A C   
665 O O   . THR A 102 ? 0.3090 0.4338 0.3660 0.0281  0.0113  -0.0566 101 THR A O   
666 C CB  . THR A 102 ? 0.3850 0.4730 0.4301 0.0217  -0.0073 -0.0756 101 THR A CB  
667 O OG1 . THR A 102 ? 0.3907 0.4652 0.4301 0.0218  -0.0158 -0.0833 101 THR A OG1 
668 C CG2 . THR A 102 ? 0.3020 0.4175 0.3589 0.0238  -0.0109 -0.0802 101 THR A CG2 
669 N N   . VAL A 103 ? 0.4148 0.5105 0.4636 0.0246  0.0156  -0.0535 102 VAL A N   
670 C CA  . VAL A 103 ? 0.3316 0.4416 0.3867 0.0291  0.0235  -0.0439 102 VAL A CA  
671 C C   . VAL A 103 ? 0.3422 0.4507 0.4002 0.0324  0.0316  -0.0357 102 VAL A C   
672 O O   . VAL A 103 ? 0.4557 0.5832 0.5201 0.0377  0.0351  -0.0270 102 VAL A O   
673 C CB  . VAL A 103 ? 0.3312 0.4325 0.3838 0.0276  0.0280  -0.0414 102 VAL A CB  
674 C CG1 . VAL A 103 ? 0.4197 0.5352 0.4792 0.0346  0.0363  -0.0313 102 VAL A CG1 
675 C CG2 . VAL A 103 ? 0.3918 0.4966 0.4427 0.0232  0.0215  -0.0484 102 VAL A CG2 
676 N N   . TYR A 104 ? 0.4473 0.5349 0.5013 0.0289  0.0352  -0.0381 103 TYR A N   
677 C CA  . TYR A 104 ? 0.3957 0.4784 0.4543 0.0304  0.0446  -0.0316 103 TYR A CA  
678 C C   . TYR A 104 ? 0.4728 0.5725 0.5336 0.0309  0.0420  -0.0305 103 TYR A C   
679 O O   . TYR A 104 ? 0.3795 0.4887 0.4459 0.0346  0.0485  -0.0190 103 TYR A O   
680 C CB  . TYR A 104 ? 0.4786 0.5396 0.5335 0.0248  0.0487  -0.0392 103 TYR A CB  
681 C CG  . TYR A 104 ? 0.8383 0.8898 0.8999 0.0241  0.0605  -0.0352 103 TYR A CG  
682 C CD1 . TYR A 104 ? 1.0436 1.0897 1.1033 0.0183  0.0619  -0.0443 103 TYR A CD1 
683 C CD2 . TYR A 104 ? 0.9210 0.9685 0.9918 0.0293  0.0706  -0.0233 103 TYR A CD2 
684 C CE1 . TYR A 104 ? 1.1208 1.1566 1.1878 0.0157  0.0742  -0.0425 103 TYR A CE1 
685 C CE2 . TYR A 104 ? 1.1412 1.1755 1.2202 0.0281  0.0825  -0.0194 103 TYR A CE2 
686 C CZ  . TYR A 104 ? 1.1589 1.1866 1.2361 0.0203  0.0848  -0.0296 103 TYR A CZ  
687 O OH  . TYR A 104 ? 1.1627 1.1762 1.2493 0.0171  0.0981  -0.0276 103 TYR A OH  
688 N N   . GLU A 105 ? 0.4300 0.5347 0.4865 0.0274  0.0324  -0.0422 104 GLU A N   
689 C CA  . GLU A 105 ? 0.4878 0.6115 0.5466 0.0267  0.0293  -0.0445 104 GLU A CA  
690 C C   . GLU A 105 ? 0.4379 0.5916 0.5035 0.0314  0.0277  -0.0365 104 GLU A C   
691 O O   . GLU A 105 ? 0.4770 0.6455 0.5462 0.0326  0.0329  -0.0271 104 GLU A O   
692 C CB  . GLU A 105 ? 0.4699 0.5956 0.5244 0.0237  0.0176  -0.0605 104 GLU A CB  
693 C CG  . GLU A 105 ? 0.7340 0.8832 0.7913 0.0225  0.0124  -0.0670 104 GLU A CG  
694 C CD  . GLU A 105 ? 0.8152 0.9591 0.8675 0.0202  0.0036  -0.0834 104 GLU A CD  
695 O OE1 . GLU A 105 ? 0.8557 0.9994 0.9078 0.0224  -0.0071 -0.0924 104 GLU A OE1 
696 O OE2 . GLU A 105 ? 0.8523 0.9910 0.9010 0.0164  0.0080  -0.0874 104 GLU A OE2 
697 N N   . GLN A 106 ? 0.4325 0.5987 0.5003 0.0335  0.0207  -0.0410 105 GLN A N   
698 C CA  . GLN A 106 ? 0.8412 1.0450 0.9166 0.0367  0.0179  -0.0385 105 GLN A CA  
699 C C   . GLN A 106 ? 0.8573 1.0706 0.9359 0.0431  0.0278  -0.0199 105 GLN A C   
700 O O   . GLN A 106 ? 0.7257 0.9701 0.8093 0.0466  0.0290  -0.0115 105 GLN A O   
701 C CB  . GLN A 106 ? 0.6472 0.8658 0.7274 0.0373  0.0105  -0.0481 105 GLN A CB  
702 C CG  . GLN A 106 ? 0.5752 0.7801 0.6535 0.0331  0.0017  -0.0632 105 GLN A CG  
703 C CD  . GLN A 106 ? 1.0104 1.2419 1.0969 0.0325  -0.0069 -0.0757 105 GLN A CD  
704 O OE1 . GLN A 106 ? 0.9994 1.2675 1.0958 0.0345  -0.0074 -0.0762 105 GLN A OE1 
705 N NE2 . GLN A 106 ? 1.4228 1.6404 1.5071 0.0300  -0.0148 -0.0882 105 GLN A NE2 
706 N N   . PHE A 107 ? 0.8423 1.0323 0.9188 0.0454  0.0344  -0.0133 106 PHE A N   
707 C CA  . PHE A 107 ? 0.7475 0.9406 0.8277 0.0530  0.0438  0.0037  106 PHE A CA  
708 C C   . PHE A 107 ? 0.9688 1.1358 1.0486 0.0524  0.0537  0.0134  106 PHE A C   
709 O O   . PHE A 107 ? 1.1832 1.3294 1.2649 0.0555  0.0613  0.0192  106 PHE A O   
710 C CB  . PHE A 107 ? 0.6466 0.8294 0.7265 0.0560  0.0461  0.0035  106 PHE A CB  
711 C CG  . PHE A 107 ? 0.5636 0.7744 0.6462 0.0579  0.0405  -0.0023 106 PHE A CG  
712 C CD1 . PHE A 107 ? 0.6215 0.8657 0.7102 0.0669  0.0432  0.0077  106 PHE A CD1 
713 C CD2 . PHE A 107 ? 0.4362 0.6374 0.5154 0.0510  0.0344  -0.0171 106 PHE A CD2 
714 C CE1 . PHE A 107 ? 0.3946 0.6668 0.4865 0.0675  0.0392  -0.0009 106 PHE A CE1 
715 C CE2 . PHE A 107 ? 0.5401 0.7644 0.6230 0.0507  0.0308  -0.0244 106 PHE A CE2 
716 C CZ  . PHE A 107 ? 0.4984 0.7592 0.5881 0.0585  0.0335  -0.0176 106 PHE A CZ  
717 N N   . CYS A 108 ? 0.9632 1.1285 1.0415 0.0466  0.0538  0.0108  107 CYS A N   
718 C CA  . CYS A 108 ? 0.9024 1.0571 0.9830 0.0461  0.0644  0.0238  107 CYS A CA  
719 C C   . CYS A 108 ? 0.8894 1.0732 0.9702 0.0439  0.0622  0.0282  107 CYS A C   
720 O O   . CYS A 108 ? 1.0622 1.2437 1.1452 0.0443  0.0714  0.0438  107 CYS A O   
721 C CB  . CYS A 108 ? 0.9269 1.0465 1.0057 0.0383  0.0704  0.0146  107 CYS A CB  
722 S SG  . CYS A 108 ? 0.8017 0.8926 0.8833 0.0416  0.0763  0.0136  107 CYS A SG  
723 N N   . SER A 109 ? 0.8795 1.0926 0.9593 0.0417  0.0505  0.0156  108 SER A N   
724 C CA  . SER A 109 ? 0.9906 1.2378 1.0714 0.0388  0.0473  0.0169  108 SER A CA  
725 C C   . SER A 109 ? 1.0185 1.3055 1.1043 0.0470  0.0481  0.0334  108 SER A C   
726 O O   . SER A 109 ? 1.0221 1.3245 1.1084 0.0474  0.0541  0.0500  108 SER A O   
727 C CB  . SER A 109 ? 0.9469 1.2105 1.0270 0.0331  0.0342  -0.0064 108 SER A CB  
728 O OG  . SER A 109 ? 0.7991 1.0294 0.8744 0.0292  0.0315  -0.0210 108 SER A OG  
729 C C1  . GOL B .   ? 1.1705 1.4222 1.2525 0.0543  0.0801  -0.0624 201 GOL A C1  
730 O O1  . GOL B .   ? 1.1062 1.3849 1.1828 0.0456  0.0796  -0.0740 201 GOL A O1  
731 C C2  . GOL B .   ? 1.1899 1.4446 1.2744 0.0636  0.0773  -0.0503 201 GOL A C2  
732 O O2  . GOL B .   ? 1.1970 1.4892 1.2856 0.0737  0.0775  -0.0500 201 GOL A O2  
733 C C3  . GOL B .   ? 1.0949 1.3248 1.1877 0.0755  0.0805  -0.0378 201 GOL A C3  
734 O O3  . GOL B .   ? 0.9903 1.2165 1.0834 0.0800  0.0780  -0.0265 201 GOL A O3  
743 S S   . SO4 C .   ? 0.8417 1.0603 0.8823 -0.0216 0.0797  -0.0988 202 SO4 A S   
744 O O1  . SO4 C .   ? 0.8352 1.0234 0.8685 -0.0264 0.0756  -0.0901 202 SO4 A O1  
745 O O2  . SO4 C .   ? 0.9218 1.1563 0.9567 -0.0279 0.0788  -0.1018 202 SO4 A O2  
746 O O3  . SO4 C .   ? 0.8077 1.0378 0.8462 -0.0318 0.0828  -0.1091 202 SO4 A O3  
747 O O4  . SO4 C .   ? 0.6549 0.8790 0.7109 -0.0008 0.0820  -0.0949 202 SO4 A O4  
748 S S   . SO4 D .   ? 0.5640 0.7127 0.6692 0.0576  0.0928  -0.0547 203 SO4 A S   
749 O O1  . SO4 D .   ? 0.5570 0.6843 0.6524 0.0449  0.0899  -0.0553 203 SO4 A O1  
750 O O2  . SO4 D .   ? 0.4955 0.6692 0.5904 0.0524  0.0883  -0.0592 203 SO4 A O2  
751 O O3  . SO4 D .   ? 0.5610 0.7103 0.6782 0.0590  0.0986  -0.0651 203 SO4 A O3  
752 O O4  . SO4 D .   ? 0.6671 0.8136 0.7810 0.0740  0.0947  -0.0399 203 SO4 A O4  
753 S S   . SO4 E .   ? 1.4426 1.7460 1.5513 0.0036  0.1025  -0.1608 204 SO4 A S   
754 O O1  . SO4 E .   ? 1.5965 1.9337 1.7034 0.0054  0.1021  -0.1692 204 SO4 A O1  
755 O O2  . SO4 E .   ? 1.3119 1.5990 1.3993 -0.0130 0.0985  -0.1511 204 SO4 A O2  
756 O O3  . SO4 E .   ? 1.3500 1.6596 1.4702 -0.0024 0.1060  -0.1754 204 SO4 A O3  
757 O O4  . SO4 E .   ? 1.4500 1.7319 1.5719 0.0248  0.1036  -0.1477 204 SO4 A O4  
# 
loop_
_pdbx_poly_seq_scheme.asym_id 
_pdbx_poly_seq_scheme.entity_id 
_pdbx_poly_seq_scheme.seq_id 
_pdbx_poly_seq_scheme.mon_id 
_pdbx_poly_seq_scheme.ndb_seq_num 
_pdbx_poly_seq_scheme.pdb_seq_num 
_pdbx_poly_seq_scheme.auth_seq_num 
_pdbx_poly_seq_scheme.pdb_mon_id 
_pdbx_poly_seq_scheme.auth_mon_id 
_pdbx_poly_seq_scheme.pdb_strand_id 
_pdbx_poly_seq_scheme.pdb_ins_code 
_pdbx_poly_seq_scheme.hetero 
A 1 1   HIS 1   0   ?   ?   ?   A . n 
A 1 2   MET 2   1   ?   ?   ?   A . n 
A 1 3   GLY 3   2   ?   ?   ?   A . n 
A 1 4   SER 4   3   ?   ?   ?   A . n 
A 1 5   ASP 5   4   ?   ?   ?   A . n 
A 1 6   THR 6   5   ?   ?   ?   A . n 
A 1 7   ASP 7   6   ?   ?   ?   A . n 
A 1 8   GLU 8   7   ?   ?   ?   A . n 
A 1 9   ARG 9   8   ?   ?   ?   A . n 
A 1 10  CYS 10  9   ?   ?   ?   A . n 
A 1 11  ALA 11  10  ?   ?   ?   A . n 
A 1 12  ALA 12  11  ?   ?   ?   A . n 
A 1 13  LEU 13  12  ?   ?   ?   A . n 
A 1 14  ASP 14  13  ?   ?   ?   A . n 
A 1 15  ALA 15  14  ?   ?   ?   A . n 
A 1 16  GLU 16  15  ?   ?   ?   A . n 
A 1 17  GLU 17  16  16  GLU GLU A . n 
A 1 18  MET 18  17  17  MET MET A . n 
A 1 19  ALA 19  18  18  ALA ALA A . n 
A 1 20  THR 20  19  19  THR THR A . n 
A 1 21  ARG 21  20  20  ARG ARG A . n 
A 1 22  ALA 22  21  21  ALA ALA A . n 
A 1 23  ARG 23  22  22  ARG ARG A . n 
A 1 24  ALA 24  23  23  ALA ALA A . n 
A 1 25  ALA 25  24  24  ALA ALA A . n 
A 1 26  SER 26  25  25  SER SER A . n 
A 1 27  ASN 27  26  26  ASN ASN A . n 
A 1 28  LEU 28  27  27  LEU LEU A . n 
A 1 29  LEU 29  28  28  LEU LEU A . n 
A 1 30  LYS 30  29  29  LYS LYS A . n 
A 1 31  ALA 31  30  30  ALA ALA A . n 
A 1 32  LEU 32  31  31  LEU LEU A . n 
A 1 33  ALA 33  32  32  ALA ALA A . n 
A 1 34  HIS 34  33  33  HIS HIS A . n 
A 1 35  GLU 35  34  34  GLU GLU A . n 
A 1 36  GLY 36  35  35  GLY GLY A . n 
A 1 37  ARG 37  36  36  ARG ARG A . n 
A 1 38  LEU 38  37  37  LEU LEU A . n 
A 1 39  MET 39  38  38  MET MET A . n 
A 1 40  ILE 40  39  39  ILE ILE A . n 
A 1 41  MET 41  40  40  MET MET A . n 
A 1 42  CYS 42  41  41  CYS CYS A . n 
A 1 43  TYR 43  42  42  TYR TYR A . n 
A 1 44  LEU 44  43  43  LEU LEU A . n 
A 1 45  ALA 45  44  44  ALA ALA A . n 
A 1 46  SER 46  45  45  SER SER A . n 
A 1 47  GLY 47  46  46  GLY GLY A . n 
A 1 48  GLU 48  47  47  GLU GLU A . n 
A 1 49  LYS 49  48  48  LYS LYS A . n 
A 1 50  SER 50  49  49  SER SER A . n 
A 1 51  VAL 51  50  50  VAL VAL A . n 
A 1 52  THR 52  51  51  THR THR A . n 
A 1 53  GLU 53  52  52  GLU GLU A . n 
A 1 54  LEU 54  53  53  LEU LEU A . n 
A 1 55  GLU 55  54  54  GLU GLU A . n 
A 1 56  THR 56  55  55  THR THR A . n 
A 1 57  ARG 57  56  56  ARG ARG A . n 
A 1 58  LEU 58  57  57  LEU LEU A . n 
A 1 59  SER 59  58  58  SER SER A . n 
A 1 60  THR 60  59  59  THR THR A . n 
A 1 61  ARG 61  60  60  ARG ARG A . n 
A 1 62  GLN 62  61  61  GLN GLN A . n 
A 1 63  ALA 63  62  62  ALA ALA A . n 
A 1 64  ALA 64  63  63  ALA ALA A . n 
A 1 65  VAL 65  64  64  VAL VAL A . n 
A 1 66  SER 66  65  65  SER SER A . n 
A 1 67  GLN 67  66  66  GLN GLN A . n 
A 1 68  GLN 68  67  67  GLN GLN A . n 
A 1 69  LEU 69  68  68  LEU LEU A . n 
A 1 70  ALA 70  69  69  ALA ALA A . n 
A 1 71  ARG 71  70  70  ARG ARG A . n 
A 1 72  LEU 72  71  71  LEU LEU A . n 
A 1 73  ARG 73  72  72  ARG ARG A . n 
A 1 74  LEU 74  73  73  LEU LEU A . n 
A 1 75  GLU 75  74  74  GLU GLU A . n 
A 1 76  GLY 76  75  75  GLY GLY A . n 
A 1 77  LEU 77  76  76  LEU LEU A . n 
A 1 78  VAL 78  77  77  VAL VAL A . n 
A 1 79  GLN 79  78  78  GLN GLN A . n 
A 1 80  SER 80  79  79  SER SER A . n 
A 1 81  ARG 81  80  80  ARG ARG A . n 
A 1 82  ARG 82  81  81  ARG ARG A . n 
A 1 83  GLU 83  82  82  GLU GLU A . n 
A 1 84  GLY 84  83  83  GLY GLY A . n 
A 1 85  LYS 85  84  84  LYS LYS A . n 
A 1 86  THR 86  85  85  THR THR A . n 
A 1 87  ILE 87  86  86  ILE ILE A . n 
A 1 88  TYR 88  87  87  TYR TYR A . n 
A 1 89  TYR 89  88  88  TYR TYR A . n 
A 1 90  SER 90  89  89  SER SER A . n 
A 1 91  LEU 91  90  90  LEU LEU A . n 
A 1 92  SER 92  91  91  SER SER A . n 
A 1 93  ASP 93  92  92  ASP ASP A . n 
A 1 94  PRO 94  93  93  PRO PRO A . n 
A 1 95  ARG 95  94  94  ARG ARG A . n 
A 1 96  ALA 96  95  95  ALA ALA A . n 
A 1 97  ALA 97  96  96  ALA ALA A . n 
A 1 98  ARG 98  97  97  ARG ARG A . n 
A 1 99  VAL 99  98  98  VAL VAL A . n 
A 1 100 VAL 100 99  99  VAL VAL A . n 
A 1 101 GLN 101 100 100 GLN GLN A . n 
A 1 102 THR 102 101 101 THR THR A . n 
A 1 103 VAL 103 102 102 VAL VAL A . n 
A 1 104 TYR 104 103 103 TYR TYR A . n 
A 1 105 GLU 105 104 104 GLU GLU A . n 
A 1 106 GLN 106 105 105 GLN GLN A . n 
A 1 107 PHE 107 106 106 PHE PHE A . n 
A 1 108 CYS 108 107 107 CYS CYS A . n 
A 1 109 SER 109 108 108 SER SER A . n 
A 1 110 GLY 110 109 ?   ?   ?   A . n 
A 1 111 ASP 111 110 ?   ?   ?   A . n 
# 
loop_
_pdbx_nonpoly_scheme.asym_id 
_pdbx_nonpoly_scheme.entity_id 
_pdbx_nonpoly_scheme.mon_id 
_pdbx_nonpoly_scheme.ndb_seq_num 
_pdbx_nonpoly_scheme.pdb_seq_num 
_pdbx_nonpoly_scheme.auth_seq_num 
_pdbx_nonpoly_scheme.pdb_mon_id 
_pdbx_nonpoly_scheme.auth_mon_id 
_pdbx_nonpoly_scheme.pdb_strand_id 
_pdbx_nonpoly_scheme.pdb_ins_code 
B 2 GOL 1  201 200 GOL GOL A . 
C 3 SO4 1  202 1   SO4 SO4 A . 
D 3 SO4 1  203 2   SO4 SO4 A . 
E 3 SO4 1  204 3   SO4 SO4 A . 
F 4 HOH 1  301 9   HOH HOH A . 
F 4 HOH 2  302 8   HOH HOH A . 
F 4 HOH 3  303 10  HOH HOH A . 
F 4 HOH 4  304 4   HOH HOH A . 
F 4 HOH 5  305 1   HOH HOH A . 
F 4 HOH 6  306 7   HOH HOH A . 
F 4 HOH 7  307 2   HOH HOH A . 
F 4 HOH 8  308 11  HOH HOH A . 
F 4 HOH 9  309 6   HOH HOH A . 
F 4 HOH 10 310 5   HOH HOH A . 
F 4 HOH 11 311 3   HOH HOH A . 
# 
_pdbx_struct_assembly.id                   1 
_pdbx_struct_assembly.details              author_and_software_defined_assembly 
_pdbx_struct_assembly.method_details       PISA 
_pdbx_struct_assembly.oligomeric_details   dimeric 
_pdbx_struct_assembly.oligomeric_count     2 
# 
_pdbx_struct_assembly_gen.assembly_id       1 
_pdbx_struct_assembly_gen.oper_expression   1,2 
_pdbx_struct_assembly_gen.asym_id_list      A,B,C,D,E,F 
# 
loop_
_pdbx_struct_assembly_prop.biol_id 
_pdbx_struct_assembly_prop.type 
_pdbx_struct_assembly_prop.value 
_pdbx_struct_assembly_prop.details 
1 'ABSA (A^2)' 4080  ? 
1 MORE         -99   ? 
1 'SSA (A^2)'  10320 ? 
# 
loop_
_pdbx_struct_oper_list.id 
_pdbx_struct_oper_list.type 
_pdbx_struct_oper_list.name 
_pdbx_struct_oper_list.symmetry_operation 
_pdbx_struct_oper_list.matrix[1][1] 
_pdbx_struct_oper_list.matrix[1][2] 
_pdbx_struct_oper_list.matrix[1][3] 
_pdbx_struct_oper_list.vector[1] 
_pdbx_struct_oper_list.matrix[2][1] 
_pdbx_struct_oper_list.matrix[2][2] 
_pdbx_struct_oper_list.matrix[2][3] 
_pdbx_struct_oper_list.vector[2] 
_pdbx_struct_oper_list.matrix[3][1] 
_pdbx_struct_oper_list.matrix[3][2] 
_pdbx_struct_oper_list.matrix[3][3] 
_pdbx_struct_oper_list.vector[3] 
1 'identity operation'         1_555  x,y,z        1.0000000000 0.0000000000  0.0000000000  0.0000000000  0.0000000000  1.0000000000  0.0000000000 0.0000000000   0.0000000000  0.0000000000 1.0000000000  0.0000000000   
2 'crystal symmetry operation' 10_554 -y,-x,-z-1/6 0.9639718740 -0.1848094136 -0.1913209525 -3.2570870548 -0.1848094136 -0.9826094661 0.0180032685 -17.5481277014 -0.1913209525 0.0180032685 -0.9813624078 -16.4841756011 
# 
loop_
_pdbx_audit_revision_history.ordinal 
_pdbx_audit_revision_history.data_content_type 
_pdbx_audit_revision_history.major_revision 
_pdbx_audit_revision_history.minor_revision 
_pdbx_audit_revision_history.revision_date 
1 'Structure model' 1 0 2020-04-01 
2 'Structure model' 1 1 2020-10-28 
3 'Structure model' 1 2 2020-11-11 
4 'Structure model' 1 3 2020-12-30 
5 'Structure model' 1 4 2023-10-11 
# 
_pdbx_audit_revision_details.ordinal             1 
_pdbx_audit_revision_details.revision_ordinal    1 
_pdbx_audit_revision_details.data_content_type   'Structure model' 
_pdbx_audit_revision_details.provider            repository 
_pdbx_audit_revision_details.type                'Initial release' 
_pdbx_audit_revision_details.description         ? 
_pdbx_audit_revision_details.details             ? 
# 
loop_
_pdbx_audit_revision_group.ordinal 
_pdbx_audit_revision_group.revision_ordinal 
_pdbx_audit_revision_group.data_content_type 
_pdbx_audit_revision_group.group 
1 2 'Structure model' 'Database references'    
2 3 'Structure model' 'Database references'    
3 4 'Structure model' 'Database references'    
4 5 'Structure model' 'Data collection'        
5 5 'Structure model' 'Database references'    
6 5 'Structure model' 'Refinement description' 
# 
loop_
_pdbx_audit_revision_category.ordinal 
_pdbx_audit_revision_category.revision_ordinal 
_pdbx_audit_revision_category.data_content_type 
_pdbx_audit_revision_category.category 
1  2 'Structure model' citation                      
2  2 'Structure model' citation_author               
3  3 'Structure model' citation                      
4  3 'Structure model' citation_author               
5  4 'Structure model' citation                      
6  5 'Structure model' chem_comp_atom                
7  5 'Structure model' chem_comp_bond                
8  5 'Structure model' citation                      
9  5 'Structure model' database_2                    
10 5 'Structure model' pdbx_initial_refinement_model 
# 
loop_
_pdbx_audit_revision_item.ordinal 
_pdbx_audit_revision_item.revision_ordinal 
_pdbx_audit_revision_item.data_content_type 
_pdbx_audit_revision_item.item 
1  3 'Structure model' '_citation.pdbx_database_id_PubMed'   
2  3 'Structure model' '_citation.title'                     
3  3 'Structure model' '_citation_author.identifier_ORCID'   
4  3 'Structure model' '_citation_author.name'               
5  4 'Structure model' '_citation.journal_volume'            
6  4 'Structure model' '_citation.page_first'                
7  4 'Structure model' '_citation.page_last'                 
8  4 'Structure model' '_citation.year'                      
9  5 'Structure model' '_citation.journal_id_ISSN'           
10 5 'Structure model' '_database_2.pdbx_DOI'                
11 5 'Structure model' '_database_2.pdbx_database_accession' 
# 
_pdbx_refine_tls.id               1 
_pdbx_refine_tls.pdbx_refine_id   'X-RAY DIFFRACTION' 
_pdbx_refine_tls.details          ? 
_pdbx_refine_tls.method           refined 
_pdbx_refine_tls.origin_x         -0.4128 
_pdbx_refine_tls.origin_y         0.1056 
_pdbx_refine_tls.origin_z         -0.0747 
_pdbx_refine_tls.T[1][1]          0.2723 
_pdbx_refine_tls.T[1][1]_esd      ? 
_pdbx_refine_tls.T[1][2]          -0.0031 
_pdbx_refine_tls.T[1][2]_esd      ? 
_pdbx_refine_tls.T[1][3]          0.0710 
_pdbx_refine_tls.T[1][3]_esd      ? 
_pdbx_refine_tls.T[2][2]          0.3137 
_pdbx_refine_tls.T[2][2]_esd      ? 
_pdbx_refine_tls.T[2][3]          -0.0678 
_pdbx_refine_tls.T[2][3]_esd      ? 
_pdbx_refine_tls.T[3][3]          0.3188 
_pdbx_refine_tls.T[3][3]_esd      ? 
_pdbx_refine_tls.L[1][1]          3.1047 
_pdbx_refine_tls.L[1][1]_esd      ? 
_pdbx_refine_tls.L[1][2]          0.1553 
_pdbx_refine_tls.L[1][2]_esd      ? 
_pdbx_refine_tls.L[1][3]          -0.4637 
_pdbx_refine_tls.L[1][3]_esd      ? 
_pdbx_refine_tls.L[2][2]          -0.0276 
_pdbx_refine_tls.L[2][2]_esd      ? 
_pdbx_refine_tls.L[2][3]          1.0056 
_pdbx_refine_tls.L[2][3]_esd      ? 
_pdbx_refine_tls.L[3][3]          1.8698 
_pdbx_refine_tls.L[3][3]_esd      ? 
_pdbx_refine_tls.S[1][1]          0.2517 
_pdbx_refine_tls.S[1][1]_esd      ? 
_pdbx_refine_tls.S[1][2]          -0.1422 
_pdbx_refine_tls.S[1][2]_esd      ? 
_pdbx_refine_tls.S[1][3]          0.3530 
_pdbx_refine_tls.S[1][3]_esd      ? 
_pdbx_refine_tls.S[2][1]          0.0905 
_pdbx_refine_tls.S[2][1]_esd      ? 
_pdbx_refine_tls.S[2][2]          0.0129 
_pdbx_refine_tls.S[2][2]_esd      ? 
_pdbx_refine_tls.S[2][3]          0.0836 
_pdbx_refine_tls.S[2][3]_esd      ? 
_pdbx_refine_tls.S[3][1]          -0.0263 
_pdbx_refine_tls.S[3][1]_esd      ? 
_pdbx_refine_tls.S[3][2]          -0.1536 
_pdbx_refine_tls.S[3][2]_esd      ? 
_pdbx_refine_tls.S[3][3]          -0.1523 
_pdbx_refine_tls.S[3][3]_esd      ? 
# 
_pdbx_refine_tls_group.id                  1 
_pdbx_refine_tls_group.pdbx_refine_id      'X-RAY DIFFRACTION' 
_pdbx_refine_tls_group.refine_tls_id       1 
_pdbx_refine_tls_group.beg_label_asym_id   ? 
_pdbx_refine_tls_group.beg_label_seq_id    ? 
_pdbx_refine_tls_group.beg_auth_asym_id    ? 
_pdbx_refine_tls_group.beg_auth_seq_id     ? 
_pdbx_refine_tls_group.end_label_asym_id   ? 
_pdbx_refine_tls_group.end_label_seq_id    ? 
_pdbx_refine_tls_group.end_auth_asym_id    ? 
_pdbx_refine_tls_group.end_auth_seq_id     ? 
_pdbx_refine_tls_group.selection           ? 
_pdbx_refine_tls_group.selection_details   all 
# 
loop_
_software.citation_id 
_software.classification 
_software.compiler_name 
_software.compiler_version 
_software.contact_author 
_software.contact_author_email 
_software.date 
_software.description 
_software.dependencies 
_software.hardware 
_software.language 
_software.location 
_software.mods 
_software.name 
_software.os 
_software.os_version 
_software.type 
_software.version 
_software.pdbx_ordinal 
? refinement       ? ? ? ? ? ? ? ? ? ? ? PHENIX  ? ? ? 1.14_3260 1 
? 'data reduction' ? ? ? ? ? ? ? ? ? ? ? XDS     ? ? ? .         2 
? 'data scaling'   ? ? ? ? ? ? ? ? ? ? ? Aimless ? ? ? .         3 
? phasing          ? ? ? ? ? ? ? ? ? ? ? PHASER  ? ? ? .         4 
# 
_pdbx_validate_close_contact.id               1 
_pdbx_validate_close_contact.PDB_model_num    1 
_pdbx_validate_close_contact.auth_atom_id_1   NH2 
_pdbx_validate_close_contact.auth_asym_id_1   A 
_pdbx_validate_close_contact.auth_comp_id_1   ARG 
_pdbx_validate_close_contact.auth_seq_id_1    22 
_pdbx_validate_close_contact.PDB_ins_code_1   ? 
_pdbx_validate_close_contact.label_alt_id_1   ? 
_pdbx_validate_close_contact.auth_atom_id_2   O 
_pdbx_validate_close_contact.auth_asym_id_2   A 
_pdbx_validate_close_contact.auth_comp_id_2   HOH 
_pdbx_validate_close_contact.auth_seq_id_2    301 
_pdbx_validate_close_contact.PDB_ins_code_2   ? 
_pdbx_validate_close_contact.label_alt_id_2   ? 
_pdbx_validate_close_contact.dist             2.05 
# 
loop_
_pdbx_unobs_or_zero_occ_residues.id 
_pdbx_unobs_or_zero_occ_residues.PDB_model_num 
_pdbx_unobs_or_zero_occ_residues.polymer_flag 
_pdbx_unobs_or_zero_occ_residues.occupancy_flag 
_pdbx_unobs_or_zero_occ_residues.auth_asym_id 
_pdbx_unobs_or_zero_occ_residues.auth_comp_id 
_pdbx_unobs_or_zero_occ_residues.auth_seq_id 
_pdbx_unobs_or_zero_occ_residues.PDB_ins_code 
_pdbx_unobs_or_zero_occ_residues.label_asym_id 
_pdbx_unobs_or_zero_occ_residues.label_comp_id 
_pdbx_unobs_or_zero_occ_residues.label_seq_id 
1  1 Y 1 A HIS 0   ? A HIS 1   
2  1 Y 1 A MET 1   ? A MET 2   
3  1 Y 1 A GLY 2   ? A GLY 3   
4  1 Y 1 A SER 3   ? A SER 4   
5  1 Y 1 A ASP 4   ? A ASP 5   
6  1 Y 1 A THR 5   ? A THR 6   
7  1 Y 1 A ASP 6   ? A ASP 7   
8  1 Y 1 A GLU 7   ? A GLU 8   
9  1 Y 1 A ARG 8   ? A ARG 9   
10 1 Y 1 A CYS 9   ? A CYS 10  
11 1 Y 1 A ALA 10  ? A ALA 11  
12 1 Y 1 A ALA 11  ? A ALA 12  
13 1 Y 1 A LEU 12  ? A LEU 13  
14 1 Y 1 A ASP 13  ? A ASP 14  
15 1 Y 1 A ALA 14  ? A ALA 15  
16 1 Y 1 A GLU 15  ? A GLU 16  
17 1 Y 1 A GLY 109 ? A GLY 110 
18 1 Y 1 A ASP 110 ? A ASP 111 
# 
loop_
_chem_comp_atom.comp_id 
_chem_comp_atom.atom_id 
_chem_comp_atom.type_symbol 
_chem_comp_atom.pdbx_aromatic_flag 
_chem_comp_atom.pdbx_stereo_config 
_chem_comp_atom.pdbx_ordinal 
ALA N    N N N 1   
ALA CA   C N S 2   
ALA C    C N N 3   
ALA O    O N N 4   
ALA CB   C N N 5   
ALA OXT  O N N 6   
ALA H    H N N 7   
ALA H2   H N N 8   
ALA HA   H N N 9   
ALA HB1  H N N 10  
ALA HB2  H N N 11  
ALA HB3  H N N 12  
ALA HXT  H N N 13  
ARG N    N N N 14  
ARG CA   C N S 15  
ARG C    C N N 16  
ARG O    O N N 17  
ARG CB   C N N 18  
ARG CG   C N N 19  
ARG CD   C N N 20  
ARG NE   N N N 21  
ARG CZ   C N N 22  
ARG NH1  N N N 23  
ARG NH2  N N N 24  
ARG OXT  O N N 25  
ARG H    H N N 26  
ARG H2   H N N 27  
ARG HA   H N N 28  
ARG HB2  H N N 29  
ARG HB3  H N N 30  
ARG HG2  H N N 31  
ARG HG3  H N N 32  
ARG HD2  H N N 33  
ARG HD3  H N N 34  
ARG HE   H N N 35  
ARG HH11 H N N 36  
ARG HH12 H N N 37  
ARG HH21 H N N 38  
ARG HH22 H N N 39  
ARG HXT  H N N 40  
ASN N    N N N 41  
ASN CA   C N S 42  
ASN C    C N N 43  
ASN O    O N N 44  
ASN CB   C N N 45  
ASN CG   C N N 46  
ASN OD1  O N N 47  
ASN ND2  N N N 48  
ASN OXT  O N N 49  
ASN H    H N N 50  
ASN H2   H N N 51  
ASN HA   H N N 52  
ASN HB2  H N N 53  
ASN HB3  H N N 54  
ASN HD21 H N N 55  
ASN HD22 H N N 56  
ASN HXT  H N N 57  
ASP N    N N N 58  
ASP CA   C N S 59  
ASP C    C N N 60  
ASP O    O N N 61  
ASP CB   C N N 62  
ASP CG   C N N 63  
ASP OD1  O N N 64  
ASP OD2  O N N 65  
ASP OXT  O N N 66  
ASP H    H N N 67  
ASP H2   H N N 68  
ASP HA   H N N 69  
ASP HB2  H N N 70  
ASP HB3  H N N 71  
ASP HD2  H N N 72  
ASP HXT  H N N 73  
CYS N    N N N 74  
CYS CA   C N R 75  
CYS C    C N N 76  
CYS O    O N N 77  
CYS CB   C N N 78  
CYS SG   S N N 79  
CYS OXT  O N N 80  
CYS H    H N N 81  
CYS H2   H N N 82  
CYS HA   H N N 83  
CYS HB2  H N N 84  
CYS HB3  H N N 85  
CYS HG   H N N 86  
CYS HXT  H N N 87  
GLN N    N N N 88  
GLN CA   C N S 89  
GLN C    C N N 90  
GLN O    O N N 91  
GLN CB   C N N 92  
GLN CG   C N N 93  
GLN CD   C N N 94  
GLN OE1  O N N 95  
GLN NE2  N N N 96  
GLN OXT  O N N 97  
GLN H    H N N 98  
GLN H2   H N N 99  
GLN HA   H N N 100 
GLN HB2  H N N 101 
GLN HB3  H N N 102 
GLN HG2  H N N 103 
GLN HG3  H N N 104 
GLN HE21 H N N 105 
GLN HE22 H N N 106 
GLN HXT  H N N 107 
GLU N    N N N 108 
GLU CA   C N S 109 
GLU C    C N N 110 
GLU O    O N N 111 
GLU CB   C N N 112 
GLU CG   C N N 113 
GLU CD   C N N 114 
GLU OE1  O N N 115 
GLU OE2  O N N 116 
GLU OXT  O N N 117 
GLU H    H N N 118 
GLU H2   H N N 119 
GLU HA   H N N 120 
GLU HB2  H N N 121 
GLU HB3  H N N 122 
GLU HG2  H N N 123 
GLU HG3  H N N 124 
GLU HE2  H N N 125 
GLU HXT  H N N 126 
GLY N    N N N 127 
GLY CA   C N N 128 
GLY C    C N N 129 
GLY O    O N N 130 
GLY OXT  O N N 131 
GLY H    H N N 132 
GLY H2   H N N 133 
GLY HA2  H N N 134 
GLY HA3  H N N 135 
GLY HXT  H N N 136 
GOL C1   C N N 137 
GOL O1   O N N 138 
GOL C2   C N N 139 
GOL O2   O N N 140 
GOL C3   C N N 141 
GOL O3   O N N 142 
GOL H11  H N N 143 
GOL H12  H N N 144 
GOL HO1  H N N 145 
GOL H2   H N N 146 
GOL HO2  H N N 147 
GOL H31  H N N 148 
GOL H32  H N N 149 
GOL HO3  H N N 150 
HIS N    N N N 151 
HIS CA   C N S 152 
HIS C    C N N 153 
HIS O    O N N 154 
HIS CB   C N N 155 
HIS CG   C Y N 156 
HIS ND1  N Y N 157 
HIS CD2  C Y N 158 
HIS CE1  C Y N 159 
HIS NE2  N Y N 160 
HIS OXT  O N N 161 
HIS H    H N N 162 
HIS H2   H N N 163 
HIS HA   H N N 164 
HIS HB2  H N N 165 
HIS HB3  H N N 166 
HIS HD1  H N N 167 
HIS HD2  H N N 168 
HIS HE1  H N N 169 
HIS HE2  H N N 170 
HIS HXT  H N N 171 
HOH O    O N N 172 
HOH H1   H N N 173 
HOH H2   H N N 174 
ILE N    N N N 175 
ILE CA   C N S 176 
ILE C    C N N 177 
ILE O    O N N 178 
ILE CB   C N S 179 
ILE CG1  C N N 180 
ILE CG2  C N N 181 
ILE CD1  C N N 182 
ILE OXT  O N N 183 
ILE H    H N N 184 
ILE H2   H N N 185 
ILE HA   H N N 186 
ILE HB   H N N 187 
ILE HG12 H N N 188 
ILE HG13 H N N 189 
ILE HG21 H N N 190 
ILE HG22 H N N 191 
ILE HG23 H N N 192 
ILE HD11 H N N 193 
ILE HD12 H N N 194 
ILE HD13 H N N 195 
ILE HXT  H N N 196 
LEU N    N N N 197 
LEU CA   C N S 198 
LEU C    C N N 199 
LEU O    O N N 200 
LEU CB   C N N 201 
LEU CG   C N N 202 
LEU CD1  C N N 203 
LEU CD2  C N N 204 
LEU OXT  O N N 205 
LEU H    H N N 206 
LEU H2   H N N 207 
LEU HA   H N N 208 
LEU HB2  H N N 209 
LEU HB3  H N N 210 
LEU HG   H N N 211 
LEU HD11 H N N 212 
LEU HD12 H N N 213 
LEU HD13 H N N 214 
LEU HD21 H N N 215 
LEU HD22 H N N 216 
LEU HD23 H N N 217 
LEU HXT  H N N 218 
LYS N    N N N 219 
LYS CA   C N S 220 
LYS C    C N N 221 
LYS O    O N N 222 
LYS CB   C N N 223 
LYS CG   C N N 224 
LYS CD   C N N 225 
LYS CE   C N N 226 
LYS NZ   N N N 227 
LYS OXT  O N N 228 
LYS H    H N N 229 
LYS H2   H N N 230 
LYS HA   H N N 231 
LYS HB2  H N N 232 
LYS HB3  H N N 233 
LYS HG2  H N N 234 
LYS HG3  H N N 235 
LYS HD2  H N N 236 
LYS HD3  H N N 237 
LYS HE2  H N N 238 
LYS HE3  H N N 239 
LYS HZ1  H N N 240 
LYS HZ2  H N N 241 
LYS HZ3  H N N 242 
LYS HXT  H N N 243 
MET N    N N N 244 
MET CA   C N S 245 
MET C    C N N 246 
MET O    O N N 247 
MET CB   C N N 248 
MET CG   C N N 249 
MET SD   S N N 250 
MET CE   C N N 251 
MET OXT  O N N 252 
MET H    H N N 253 
MET H2   H N N 254 
MET HA   H N N 255 
MET HB2  H N N 256 
MET HB3  H N N 257 
MET HG2  H N N 258 
MET HG3  H N N 259 
MET HE1  H N N 260 
MET HE2  H N N 261 
MET HE3  H N N 262 
MET HXT  H N N 263 
PHE N    N N N 264 
PHE CA   C N S 265 
PHE C    C N N 266 
PHE O    O N N 267 
PHE CB   C N N 268 
PHE CG   C Y N 269 
PHE CD1  C Y N 270 
PHE CD2  C Y N 271 
PHE CE1  C Y N 272 
PHE CE2  C Y N 273 
PHE CZ   C Y N 274 
PHE OXT  O N N 275 
PHE H    H N N 276 
PHE H2   H N N 277 
PHE HA   H N N 278 
PHE HB2  H N N 279 
PHE HB3  H N N 280 
PHE HD1  H N N 281 
PHE HD2  H N N 282 
PHE HE1  H N N 283 
PHE HE2  H N N 284 
PHE HZ   H N N 285 
PHE HXT  H N N 286 
PRO N    N N N 287 
PRO CA   C N S 288 
PRO C    C N N 289 
PRO O    O N N 290 
PRO CB   C N N 291 
PRO CG   C N N 292 
PRO CD   C N N 293 
PRO OXT  O N N 294 
PRO H    H N N 295 
PRO HA   H N N 296 
PRO HB2  H N N 297 
PRO HB3  H N N 298 
PRO HG2  H N N 299 
PRO HG3  H N N 300 
PRO HD2  H N N 301 
PRO HD3  H N N 302 
PRO HXT  H N N 303 
SER N    N N N 304 
SER CA   C N S 305 
SER C    C N N 306 
SER O    O N N 307 
SER CB   C N N 308 
SER OG   O N N 309 
SER OXT  O N N 310 
SER H    H N N 311 
SER H2   H N N 312 
SER HA   H N N 313 
SER HB2  H N N 314 
SER HB3  H N N 315 
SER HG   H N N 316 
SER HXT  H N N 317 
SO4 S    S N N 318 
SO4 O1   O N N 319 
SO4 O2   O N N 320 
SO4 O3   O N N 321 
SO4 O4   O N N 322 
THR N    N N N 323 
THR CA   C N S 324 
THR C    C N N 325 
THR O    O N N 326 
THR CB   C N R 327 
THR OG1  O N N 328 
THR CG2  C N N 329 
THR OXT  O N N 330 
THR H    H N N 331 
THR H2   H N N 332 
THR HA   H N N 333 
THR HB   H N N 334 
THR HG1  H N N 335 
THR HG21 H N N 336 
THR HG22 H N N 337 
THR HG23 H N N 338 
THR HXT  H N N 339 
TYR N    N N N 340 
TYR CA   C N S 341 
TYR C    C N N 342 
TYR O    O N N 343 
TYR CB   C N N 344 
TYR CG   C Y N 345 
TYR CD1  C Y N 346 
TYR CD2  C Y N 347 
TYR CE1  C Y N 348 
TYR CE2  C Y N 349 
TYR CZ   C Y N 350 
TYR OH   O N N 351 
TYR OXT  O N N 352 
TYR H    H N N 353 
TYR H2   H N N 354 
TYR HA   H N N 355 
TYR HB2  H N N 356 
TYR HB3  H N N 357 
TYR HD1  H N N 358 
TYR HD2  H N N 359 
TYR HE1  H N N 360 
TYR HE2  H N N 361 
TYR HH   H N N 362 
TYR HXT  H N N 363 
VAL N    N N N 364 
VAL CA   C N S 365 
VAL C    C N N 366 
VAL O    O N N 367 
VAL CB   C N N 368 
VAL CG1  C N N 369 
VAL CG2  C N N 370 
VAL OXT  O N N 371 
VAL H    H N N 372 
VAL H2   H N N 373 
VAL HA   H N N 374 
VAL HB   H N N 375 
VAL HG11 H N N 376 
VAL HG12 H N N 377 
VAL HG13 H N N 378 
VAL HG21 H N N 379 
VAL HG22 H N N 380 
VAL HG23 H N N 381 
VAL HXT  H N N 382 
# 
loop_
_chem_comp_bond.comp_id 
_chem_comp_bond.atom_id_1 
_chem_comp_bond.atom_id_2 
_chem_comp_bond.value_order 
_chem_comp_bond.pdbx_aromatic_flag 
_chem_comp_bond.pdbx_stereo_config 
_chem_comp_bond.pdbx_ordinal 
ALA N   CA   sing N N 1   
ALA N   H    sing N N 2   
ALA N   H2   sing N N 3   
ALA CA  C    sing N N 4   
ALA CA  CB   sing N N 5   
ALA CA  HA   sing N N 6   
ALA C   O    doub N N 7   
ALA C   OXT  sing N N 8   
ALA CB  HB1  sing N N 9   
ALA CB  HB2  sing N N 10  
ALA CB  HB3  sing N N 11  
ALA OXT HXT  sing N N 12  
ARG N   CA   sing N N 13  
ARG N   H    sing N N 14  
ARG N   H2   sing N N 15  
ARG CA  C    sing N N 16  
ARG CA  CB   sing N N 17  
ARG CA  HA   sing N N 18  
ARG C   O    doub N N 19  
ARG C   OXT  sing N N 20  
ARG CB  CG   sing N N 21  
ARG CB  HB2  sing N N 22  
ARG CB  HB3  sing N N 23  
ARG CG  CD   sing N N 24  
ARG CG  HG2  sing N N 25  
ARG CG  HG3  sing N N 26  
ARG CD  NE   sing N N 27  
ARG CD  HD2  sing N N 28  
ARG CD  HD3  sing N N 29  
ARG NE  CZ   sing N N 30  
ARG NE  HE   sing N N 31  
ARG CZ  NH1  sing N N 32  
ARG CZ  NH2  doub N N 33  
ARG NH1 HH11 sing N N 34  
ARG NH1 HH12 sing N N 35  
ARG NH2 HH21 sing N N 36  
ARG NH2 HH22 sing N N 37  
ARG OXT HXT  sing N N 38  
ASN N   CA   sing N N 39  
ASN N   H    sing N N 40  
ASN N   H2   sing N N 41  
ASN CA  C    sing N N 42  
ASN CA  CB   sing N N 43  
ASN CA  HA   sing N N 44  
ASN C   O    doub N N 45  
ASN C   OXT  sing N N 46  
ASN CB  CG   sing N N 47  
ASN CB  HB2  sing N N 48  
ASN CB  HB3  sing N N 49  
ASN CG  OD1  doub N N 50  
ASN CG  ND2  sing N N 51  
ASN ND2 HD21 sing N N 52  
ASN ND2 HD22 sing N N 53  
ASN OXT HXT  sing N N 54  
ASP N   CA   sing N N 55  
ASP N   H    sing N N 56  
ASP N   H2   sing N N 57  
ASP CA  C    sing N N 58  
ASP CA  CB   sing N N 59  
ASP CA  HA   sing N N 60  
ASP C   O    doub N N 61  
ASP C   OXT  sing N N 62  
ASP CB  CG   sing N N 63  
ASP CB  HB2  sing N N 64  
ASP CB  HB3  sing N N 65  
ASP CG  OD1  doub N N 66  
ASP CG  OD2  sing N N 67  
ASP OD2 HD2  sing N N 68  
ASP OXT HXT  sing N N 69  
CYS N   CA   sing N N 70  
CYS N   H    sing N N 71  
CYS N   H2   sing N N 72  
CYS CA  C    sing N N 73  
CYS CA  CB   sing N N 74  
CYS CA  HA   sing N N 75  
CYS C   O    doub N N 76  
CYS C   OXT  sing N N 77  
CYS CB  SG   sing N N 78  
CYS CB  HB2  sing N N 79  
CYS CB  HB3  sing N N 80  
CYS SG  HG   sing N N 81  
CYS OXT HXT  sing N N 82  
GLN N   CA   sing N N 83  
GLN N   H    sing N N 84  
GLN N   H2   sing N N 85  
GLN CA  C    sing N N 86  
GLN CA  CB   sing N N 87  
GLN CA  HA   sing N N 88  
GLN C   O    doub N N 89  
GLN C   OXT  sing N N 90  
GLN CB  CG   sing N N 91  
GLN CB  HB2  sing N N 92  
GLN CB  HB3  sing N N 93  
GLN CG  CD   sing N N 94  
GLN CG  HG2  sing N N 95  
GLN CG  HG3  sing N N 96  
GLN CD  OE1  doub N N 97  
GLN CD  NE2  sing N N 98  
GLN NE2 HE21 sing N N 99  
GLN NE2 HE22 sing N N 100 
GLN OXT HXT  sing N N 101 
GLU N   CA   sing N N 102 
GLU N   H    sing N N 103 
GLU N   H2   sing N N 104 
GLU CA  C    sing N N 105 
GLU CA  CB   sing N N 106 
GLU CA  HA   sing N N 107 
GLU C   O    doub N N 108 
GLU C   OXT  sing N N 109 
GLU CB  CG   sing N N 110 
GLU CB  HB2  sing N N 111 
GLU CB  HB3  sing N N 112 
GLU CG  CD   sing N N 113 
GLU CG  HG2  sing N N 114 
GLU CG  HG3  sing N N 115 
GLU CD  OE1  doub N N 116 
GLU CD  OE2  sing N N 117 
GLU OE2 HE2  sing N N 118 
GLU OXT HXT  sing N N 119 
GLY N   CA   sing N N 120 
GLY N   H    sing N N 121 
GLY N   H2   sing N N 122 
GLY CA  C    sing N N 123 
GLY CA  HA2  sing N N 124 
GLY CA  HA3  sing N N 125 
GLY C   O    doub N N 126 
GLY C   OXT  sing N N 127 
GLY OXT HXT  sing N N 128 
GOL C1  O1   sing N N 129 
GOL C1  C2   sing N N 130 
GOL C1  H11  sing N N 131 
GOL C1  H12  sing N N 132 
GOL O1  HO1  sing N N 133 
GOL C2  O2   sing N N 134 
GOL C2  C3   sing N N 135 
GOL C2  H2   sing N N 136 
GOL O2  HO2  sing N N 137 
GOL C3  O3   sing N N 138 
GOL C3  H31  sing N N 139 
GOL C3  H32  sing N N 140 
GOL O3  HO3  sing N N 141 
HIS N   CA   sing N N 142 
HIS N   H    sing N N 143 
HIS N   H2   sing N N 144 
HIS CA  C    sing N N 145 
HIS CA  CB   sing N N 146 
HIS CA  HA   sing N N 147 
HIS C   O    doub N N 148 
HIS C   OXT  sing N N 149 
HIS CB  CG   sing N N 150 
HIS CB  HB2  sing N N 151 
HIS CB  HB3  sing N N 152 
HIS CG  ND1  sing Y N 153 
HIS CG  CD2  doub Y N 154 
HIS ND1 CE1  doub Y N 155 
HIS ND1 HD1  sing N N 156 
HIS CD2 NE2  sing Y N 157 
HIS CD2 HD2  sing N N 158 
HIS CE1 NE2  sing Y N 159 
HIS CE1 HE1  sing N N 160 
HIS NE2 HE2  sing N N 161 
HIS OXT HXT  sing N N 162 
HOH O   H1   sing N N 163 
HOH O   H2   sing N N 164 
ILE N   CA   sing N N 165 
ILE N   H    sing N N 166 
ILE N   H2   sing N N 167 
ILE CA  C    sing N N 168 
ILE CA  CB   sing N N 169 
ILE CA  HA   sing N N 170 
ILE C   O    doub N N 171 
ILE C   OXT  sing N N 172 
ILE CB  CG1  sing N N 173 
ILE CB  CG2  sing N N 174 
ILE CB  HB   sing N N 175 
ILE CG1 CD1  sing N N 176 
ILE CG1 HG12 sing N N 177 
ILE CG1 HG13 sing N N 178 
ILE CG2 HG21 sing N N 179 
ILE CG2 HG22 sing N N 180 
ILE CG2 HG23 sing N N 181 
ILE CD1 HD11 sing N N 182 
ILE CD1 HD12 sing N N 183 
ILE CD1 HD13 sing N N 184 
ILE OXT HXT  sing N N 185 
LEU N   CA   sing N N 186 
LEU N   H    sing N N 187 
LEU N   H2   sing N N 188 
LEU CA  C    sing N N 189 
LEU CA  CB   sing N N 190 
LEU CA  HA   sing N N 191 
LEU C   O    doub N N 192 
LEU C   OXT  sing N N 193 
LEU CB  CG   sing N N 194 
LEU CB  HB2  sing N N 195 
LEU CB  HB3  sing N N 196 
LEU CG  CD1  sing N N 197 
LEU CG  CD2  sing N N 198 
LEU CG  HG   sing N N 199 
LEU CD1 HD11 sing N N 200 
LEU CD1 HD12 sing N N 201 
LEU CD1 HD13 sing N N 202 
LEU CD2 HD21 sing N N 203 
LEU CD2 HD22 sing N N 204 
LEU CD2 HD23 sing N N 205 
LEU OXT HXT  sing N N 206 
LYS N   CA   sing N N 207 
LYS N   H    sing N N 208 
LYS N   H2   sing N N 209 
LYS CA  C    sing N N 210 
LYS CA  CB   sing N N 211 
LYS CA  HA   sing N N 212 
LYS C   O    doub N N 213 
LYS C   OXT  sing N N 214 
LYS CB  CG   sing N N 215 
LYS CB  HB2  sing N N 216 
LYS CB  HB3  sing N N 217 
LYS CG  CD   sing N N 218 
LYS CG  HG2  sing N N 219 
LYS CG  HG3  sing N N 220 
LYS CD  CE   sing N N 221 
LYS CD  HD2  sing N N 222 
LYS CD  HD3  sing N N 223 
LYS CE  NZ   sing N N 224 
LYS CE  HE2  sing N N 225 
LYS CE  HE3  sing N N 226 
LYS NZ  HZ1  sing N N 227 
LYS NZ  HZ2  sing N N 228 
LYS NZ  HZ3  sing N N 229 
LYS OXT HXT  sing N N 230 
MET N   CA   sing N N 231 
MET N   H    sing N N 232 
MET N   H2   sing N N 233 
MET CA  C    sing N N 234 
MET CA  CB   sing N N 235 
MET CA  HA   sing N N 236 
MET C   O    doub N N 237 
MET C   OXT  sing N N 238 
MET CB  CG   sing N N 239 
MET CB  HB2  sing N N 240 
MET CB  HB3  sing N N 241 
MET CG  SD   sing N N 242 
MET CG  HG2  sing N N 243 
MET CG  HG3  sing N N 244 
MET SD  CE   sing N N 245 
MET CE  HE1  sing N N 246 
MET CE  HE2  sing N N 247 
MET CE  HE3  sing N N 248 
MET OXT HXT  sing N N 249 
PHE N   CA   sing N N 250 
PHE N   H    sing N N 251 
PHE N   H2   sing N N 252 
PHE CA  C    sing N N 253 
PHE CA  CB   sing N N 254 
PHE CA  HA   sing N N 255 
PHE C   O    doub N N 256 
PHE C   OXT  sing N N 257 
PHE CB  CG   sing N N 258 
PHE CB  HB2  sing N N 259 
PHE CB  HB3  sing N N 260 
PHE CG  CD1  doub Y N 261 
PHE CG  CD2  sing Y N 262 
PHE CD1 CE1  sing Y N 263 
PHE CD1 HD1  sing N N 264 
PHE CD2 CE2  doub Y N 265 
PHE CD2 HD2  sing N N 266 
PHE CE1 CZ   doub Y N 267 
PHE CE1 HE1  sing N N 268 
PHE CE2 CZ   sing Y N 269 
PHE CE2 HE2  sing N N 270 
PHE CZ  HZ   sing N N 271 
PHE OXT HXT  sing N N 272 
PRO N   CA   sing N N 273 
PRO N   CD   sing N N 274 
PRO N   H    sing N N 275 
PRO CA  C    sing N N 276 
PRO CA  CB   sing N N 277 
PRO CA  HA   sing N N 278 
PRO C   O    doub N N 279 
PRO C   OXT  sing N N 280 
PRO CB  CG   sing N N 281 
PRO CB  HB2  sing N N 282 
PRO CB  HB3  sing N N 283 
PRO CG  CD   sing N N 284 
PRO CG  HG2  sing N N 285 
PRO CG  HG3  sing N N 286 
PRO CD  HD2  sing N N 287 
PRO CD  HD3  sing N N 288 
PRO OXT HXT  sing N N 289 
SER N   CA   sing N N 290 
SER N   H    sing N N 291 
SER N   H2   sing N N 292 
SER CA  C    sing N N 293 
SER CA  CB   sing N N 294 
SER CA  HA   sing N N 295 
SER C   O    doub N N 296 
SER C   OXT  sing N N 297 
SER CB  OG   sing N N 298 
SER CB  HB2  sing N N 299 
SER CB  HB3  sing N N 300 
SER OG  HG   sing N N 301 
SER OXT HXT  sing N N 302 
SO4 S   O1   doub N N 303 
SO4 S   O2   doub N N 304 
SO4 S   O3   sing N N 305 
SO4 S   O4   sing N N 306 
THR N   CA   sing N N 307 
THR N   H    sing N N 308 
THR N   H2   sing N N 309 
THR CA  C    sing N N 310 
THR CA  CB   sing N N 311 
THR CA  HA   sing N N 312 
THR C   O    doub N N 313 
THR C   OXT  sing N N 314 
THR CB  OG1  sing N N 315 
THR CB  CG2  sing N N 316 
THR CB  HB   sing N N 317 
THR OG1 HG1  sing N N 318 
THR CG2 HG21 sing N N 319 
THR CG2 HG22 sing N N 320 
THR CG2 HG23 sing N N 321 
THR OXT HXT  sing N N 322 
TYR N   CA   sing N N 323 
TYR N   H    sing N N 324 
TYR N   H2   sing N N 325 
TYR CA  C    sing N N 326 
TYR CA  CB   sing N N 327 
TYR CA  HA   sing N N 328 
TYR C   O    doub N N 329 
TYR C   OXT  sing N N 330 
TYR CB  CG   sing N N 331 
TYR CB  HB2  sing N N 332 
TYR CB  HB3  sing N N 333 
TYR CG  CD1  doub Y N 334 
TYR CG  CD2  sing Y N 335 
TYR CD1 CE1  sing Y N 336 
TYR CD1 HD1  sing N N 337 
TYR CD2 CE2  doub Y N 338 
TYR CD2 HD2  sing N N 339 
TYR CE1 CZ   doub Y N 340 
TYR CE1 HE1  sing N N 341 
TYR CE2 CZ   sing Y N 342 
TYR CE2 HE2  sing N N 343 
TYR CZ  OH   sing N N 344 
TYR OH  HH   sing N N 345 
TYR OXT HXT  sing N N 346 
VAL N   CA   sing N N 347 
VAL N   H    sing N N 348 
VAL N   H2   sing N N 349 
VAL CA  C    sing N N 350 
VAL CA  CB   sing N N 351 
VAL CA  HA   sing N N 352 
VAL C   O    doub N N 353 
VAL C   OXT  sing N N 354 
VAL CB  CG1  sing N N 355 
VAL CB  CG2  sing N N 356 
VAL CB  HB   sing N N 357 
VAL CG1 HG11 sing N N 358 
VAL CG1 HG12 sing N N 359 
VAL CG1 HG13 sing N N 360 
VAL CG2 HG21 sing N N 361 
VAL CG2 HG22 sing N N 362 
VAL CG2 HG23 sing N N 363 
VAL OXT HXT  sing N N 364 
# 
_pdbx_audit_support.funding_organization   
'National Institutes of Health/National Institute of General Medical Sciences (NIH/NIGMS)' 
_pdbx_audit_support.country                'United States' 
_pdbx_audit_support.grant_number           'R35 GM118157' 
_pdbx_audit_support.ordinal                1 
# 
loop_
_pdbx_entity_nonpoly.entity_id 
_pdbx_entity_nonpoly.name 
_pdbx_entity_nonpoly.comp_id 
2 GLYCEROL      GOL 
3 'SULFATE ION' SO4 
4 water         HOH 
# 
_pdbx_initial_refinement_model.id               1 
_pdbx_initial_refinement_model.entity_id_list   ? 
_pdbx_initial_refinement_model.type             'experimental model' 
_pdbx_initial_refinement_model.source_name      PDB 
_pdbx_initial_refinement_model.accession_code   3PQK 
_pdbx_initial_refinement_model.details          ? 
# 
_pdbx_struct_assembly_auth_evidence.id                     1 
_pdbx_struct_assembly_auth_evidence.assembly_id            1 
_pdbx_struct_assembly_auth_evidence.experimental_support   'gel filtration' 
_pdbx_struct_assembly_auth_evidence.details                ? 
# 
